data_7E4P
#
_entry.id   7E4P
#
_cell.length_a   105.399
_cell.length_b   158.569
_cell.length_c   181.760
_cell.angle_alpha   90.000
_cell.angle_beta   90.000
_cell.angle_gamma   90.000
#
_symmetry.space_group_name_H-M   'P 21 21 21'
#
loop_
_entity.id
_entity.type
_entity.pdbx_description
1 polymer 'Tubulin alpha-1B chain'
2 polymer 'Tubulin beta-2B chain'
3 polymer Stathmin-4
4 polymer 'Tubulin-Tyrosine Ligase'
5 non-polymer "GUANOSINE-5'-TRIPHOSPHATE"
6 non-polymer 'MAGNESIUM ION'
7 non-polymer 'CALCIUM ION'
8 non-polymer GLYCEROL
9 non-polymer "GUANOSINE-5'-DIPHOSPHATE"
10 non-polymer '2-(N-MORPHOLINO)-ETHANESULFONIC ACID'
11 non-polymer '(1S,2S,3S,5S,6S,16Z,18Z,20R,21S)-11-chloro-21-hydroxy-12,20-dimethoxy-2,5,9,16-tetramethyl-8,23-dioxo-4,24-dioxa-9,22-diazatetracyclo[19.3.1.1~10,14~.0~3,5~]hexacosa-10(26),11,13,16,18-pentaen-6-yl 2-methylpropanoate'
12 non-polymer 'PHOSPHOMETHYLPHOSPHONIC ACID ADENYLATE ESTER'
13 water water
#
loop_
_entity_poly.entity_id
_entity_poly.type
_entity_poly.pdbx_seq_one_letter_code
_entity_poly.pdbx_strand_id
1 'polypeptide(L)'
;MRECISIHVGQAGVQIGNACWELYCLEHGIQPDGQMPSDKTIGGGDDSFNTFFSETGAGKHVPRAVFVDLEPTVIDEVRT
GTYRQLFHPEQLITGKEDAANNYARGHYTIGKEIIDLVLDRIRKLADQCTGLQGFLVFHSFGGGTGSGFTSLLMERLSVD
YGKKSKLEFSIYPAPQVSTAVVEPYNSILTTHTTLEHSDCAFMVDNEAIYDICRRNLDIERPTYTNLNRLISQIVSSITA
SLRFDGALNVDLTEFQTNLVPYPRIHFPLATYAPVISAEKAYHEQLSVAEITNACFEPANQMVKCDPRHGKYMACCLLYR
GDVVPKDVNAAIATIKTKRSIQFVDWCPTGFKVGINYQPPTVVPGGDLAKVQRAVCMLSNTTAIAEAWARLDHKFDLMYA
KRAFVHWYVGEGMEEGEFSEAREDMAALEKDYEEVGVDSV
;
A,C
2 'polypeptide(L)'
;MREIVHIQAGQCGNQIGAKFWEVISDEHGIDPTGSYHGDSDLQLERINVYYNEATGNKYVPRAILVDLEPGTMDSVRSGP
FGQIFRPDNFVFGQSGAGNNWAKGHYTEGAELVDSVLDVVRKESESCDCLQGFQLTHSLGGGTGSGMGTLLISKIREEYP
DRIMNTFSVMPSPKVSDTVVEPYNATLSVHQLVENTDETYCIDNEALYDICFRTLKLTTPTYGDLNHLVSATMSGVTTCL
RFPGQLNADLRKLAVNMVPFPRLHFFMPGFAPLTSRGSQQYRALTVPELTQQMFDSKNMMAACDPRHGRYLTVAAIFRGR
MSMKEVDEQMLNVQNKNSSYFVEWIPNNVKTAVCDIPPRGLKMSATFIGNSTAIQELFKRISEQFTAMFRRKAFLHWYTG
EGMDEMEFTEAESNMNDLVSEYQQYQDATAD
;
B,D
3 'polypeptide(L)'
;MEVIELNKCTSGQSFEVILKPPSFDGVPEFNASLPRRRDPSLEEIQKKLEAAEERRKYQEAELLKHLAEKREHEREVIQK
AIEENNNFIKMAKEKLAQKMESNKENREAHLAAMLERLQEKDKHAEEVRKNKELKEEA
;
E
4 'polypeptide(L)'
;MYTFVVRDENSSVYAEVSRLLLATGQWKRLRKDNPRFNLMLGERNRLPFGRLGHEPGLVQLVNYYRGADKLCRKASLVKL
IKTSPELSESCTWFPESYVIYPTNLKTPVAPAQNGIRHLINNTRTDEREVFLAAYNRRREGREGNVWIAKSSAGAKGEGI
LISSEASELLDFIDEQGQVHVIQKYLEKPLLLEPGHRKFDIRSWVLVDHLYNIYLYREGVLRTSSEPYNSANFQDKTCHL
TNHCIQKEYSKNYGRYEEGNEMFFEEFNQYLMDALNTTLENSILLQIKHIIRSCLMCIEPAISTKHLHYQSFQLFGFDFM
VDEELKVWLIEVNGAPACAQKLYAELCQGIVDVAISSVFPLADTGQKTSQPTSIFIKLHH
;
F
#
loop_
_chem_comp.id
_chem_comp.type
_chem_comp.name
_chem_comp.formula
ACP non-polymer 'PHOSPHOMETHYLPHOSPHONIC ACID ADENYLATE ESTER' 'C11 H18 N5 O12 P3'
BKF non-polymer '(1S,2S,3S,5S,6S,16Z,18Z,20R,21S)-11-chloro-21-hydroxy-12,20-dimethoxy-2,5,9,16-tetramethyl-8,23-dioxo-4,24-dioxa-9,22-diazatetracyclo[19.3.1.1~10,14~.0~3,5~]hexacosa-10(26),11,13,16,18-pentaen-6-yl 2-methylpropanoate' 'C32 H43 Cl N2 O9'
CA non-polymer 'CALCIUM ION' 'Ca 2'
GDP RNA linking GUANOSINE-5'-DIPHOSPHATE 'C10 H15 N5 O11 P2'
GOL non-polymer GLYCEROL 'C3 H8 O3'
GTP non-polymer GUANOSINE-5'-TRIPHOSPHATE 'C10 H16 N5 O14 P3'
MES non-polymer '2-(N-MORPHOLINO)-ETHANESULFONIC ACID' 'C6 H13 N O4 S'
MG non-polymer 'MAGNESIUM ION' 'Mg 2'
#
# COMPACT_ATOMS: atom_id res chain seq x y z
N MET A 1 -55.08 -35.15 -34.04
CA MET A 1 -53.82 -35.01 -33.27
C MET A 1 -53.14 -33.70 -33.59
N ARG A 2 -52.70 -32.98 -32.55
CA ARG A 2 -51.98 -31.73 -32.70
C ARG A 2 -50.70 -31.77 -31.87
N GLU A 3 -49.60 -31.31 -32.45
CA GLU A 3 -48.29 -31.46 -31.83
C GLU A 3 -47.98 -30.38 -30.80
N CYS A 4 -47.11 -30.72 -29.86
CA CYS A 4 -46.61 -29.79 -28.85
C CYS A 4 -45.08 -29.81 -28.83
N ILE A 5 -44.46 -28.64 -28.88
CA ILE A 5 -43.01 -28.52 -28.83
C ILE A 5 -42.55 -28.05 -27.46
N SER A 6 -41.58 -28.76 -26.88
CA SER A 6 -41.06 -28.45 -25.55
C SER A 6 -39.71 -27.74 -25.62
N ILE A 7 -39.64 -26.54 -25.07
CA ILE A 7 -38.42 -25.74 -25.08
C ILE A 7 -37.80 -25.69 -23.68
N HIS A 8 -36.51 -26.02 -23.61
CA HIS A 8 -35.81 -26.07 -22.33
C HIS A 8 -34.65 -25.05 -22.33
N VAL A 9 -34.77 -24.06 -21.47
CA VAL A 9 -33.86 -22.91 -21.45
C VAL A 9 -33.06 -22.84 -20.16
N GLY A 10 -31.73 -22.76 -20.29
CA GLY A 10 -30.86 -22.60 -19.14
C GLY A 10 -30.62 -23.93 -18.43
N GLN A 11 -29.78 -23.90 -17.39
CA GLN A 11 -29.44 -25.12 -16.67
C GLN A 11 -30.68 -25.81 -16.09
N ALA A 12 -31.48 -25.04 -15.35
CA ALA A 12 -32.66 -25.58 -14.69
C ALA A 12 -33.62 -26.21 -15.71
N GLY A 13 -33.89 -25.48 -16.78
CA GLY A 13 -34.79 -25.94 -17.81
C GLY A 13 -34.30 -27.22 -18.48
N VAL A 14 -33.02 -27.24 -18.82
CA VAL A 14 -32.42 -28.38 -19.48
C VAL A 14 -32.44 -29.63 -18.59
N GLN A 15 -32.04 -29.47 -17.34
CA GLN A 15 -31.89 -30.60 -16.43
C GLN A 15 -33.26 -31.14 -15.98
N ILE A 16 -34.25 -30.25 -15.92
CA ILE A 16 -35.62 -30.68 -15.65
C ILE A 16 -36.16 -31.38 -16.89
N GLY A 17 -35.84 -30.84 -18.06
CA GLY A 17 -36.23 -31.45 -19.32
C GLY A 17 -35.74 -32.88 -19.43
N ASN A 18 -34.49 -33.11 -19.05
CA ASN A 18 -33.91 -34.44 -19.06
C ASN A 18 -34.66 -35.41 -18.15
N ALA A 19 -35.10 -34.92 -17.00
CA ALA A 19 -35.85 -35.72 -16.05
C ALA A 19 -37.21 -36.10 -16.62
N CYS A 20 -37.85 -35.14 -17.29
CA CYS A 20 -39.18 -35.34 -17.84
C CYS A 20 -39.18 -36.28 -19.04
N TRP A 21 -38.31 -36.02 -20.01
CA TRP A 21 -38.25 -36.84 -21.22
C TRP A 21 -37.78 -38.25 -20.91
N GLU A 22 -36.97 -38.39 -19.86
CA GLU A 22 -36.62 -39.72 -19.37
C GLU A 22 -37.88 -40.41 -18.88
N LEU A 23 -38.66 -39.70 -18.09
CA LEU A 23 -39.88 -40.24 -17.51
C LEU A 23 -40.91 -40.56 -18.58
N TYR A 24 -41.08 -39.64 -19.54
CA TYR A 24 -41.97 -39.85 -20.67
C TYR A 24 -41.68 -41.17 -21.39
N CYS A 25 -40.40 -41.40 -21.66
CA CYS A 25 -39.95 -42.60 -22.37
C CYS A 25 -40.37 -43.86 -21.63
N LEU A 26 -40.22 -43.86 -20.31
CA LEU A 26 -40.57 -45.01 -19.49
C LEU A 26 -42.07 -45.24 -19.46
N GLU A 27 -42.85 -44.16 -19.55
CA GLU A 27 -44.30 -44.26 -19.48
C GLU A 27 -44.89 -44.78 -20.78
N HIS A 28 -44.25 -44.47 -21.91
CA HIS A 28 -44.74 -44.88 -23.22
C HIS A 28 -44.02 -46.13 -23.74
N GLY A 29 -43.01 -46.58 -23.02
CA GLY A 29 -42.27 -47.76 -23.41
C GLY A 29 -41.29 -47.47 -24.53
N ILE A 30 -40.74 -46.25 -24.54
CA ILE A 30 -39.74 -45.87 -25.52
C ILE A 30 -38.35 -46.07 -24.92
N GLN A 31 -37.46 -46.67 -25.69
CA GLN A 31 -36.11 -47.00 -25.23
C GLN A 31 -35.13 -45.87 -25.57
N PRO A 32 -33.94 -45.87 -24.92
CA PRO A 32 -32.95 -44.81 -25.13
C PRO A 32 -32.56 -44.58 -26.59
N ASP A 33 -32.63 -45.62 -27.42
CA ASP A 33 -32.29 -45.50 -28.83
C ASP A 33 -33.48 -44.96 -29.64
N GLY A 34 -34.61 -44.76 -28.97
CA GLY A 34 -35.78 -44.16 -29.59
C GLY A 34 -36.77 -45.16 -30.15
N GLN A 35 -36.47 -46.45 -30.01
CA GLN A 35 -37.33 -47.49 -30.55
C GLN A 35 -38.51 -47.76 -29.62
N MET A 36 -39.71 -47.82 -30.21
CA MET A 36 -40.95 -48.03 -29.47
C MET A 36 -41.68 -49.25 -30.03
N PRO A 37 -41.36 -50.45 -29.52
CA PRO A 37 -41.92 -51.71 -30.05
C PRO A 37 -43.44 -51.74 -30.17
N SER A 38 -44.14 -51.13 -29.21
CA SER A 38 -45.60 -51.18 -29.18
C SER A 38 -46.21 -50.33 -30.29
N ASP A 39 -45.46 -49.37 -30.81
CA ASP A 39 -45.93 -48.55 -31.92
C ASP A 39 -45.91 -49.36 -33.21
N LYS A 40 -47.08 -49.73 -33.69
CA LYS A 40 -47.20 -50.61 -34.85
C LYS A 40 -47.35 -49.85 -36.15
N THR A 41 -47.59 -48.55 -36.06
CA THR A 41 -47.54 -47.68 -37.23
C THR A 41 -46.11 -47.18 -37.41
N ILE A 42 -45.31 -47.95 -38.12
CA ILE A 42 -43.91 -47.61 -38.34
C ILE A 42 -43.77 -46.38 -39.23
N GLY A 43 -42.92 -45.45 -38.80
CA GLY A 43 -42.56 -44.30 -39.61
C GLY A 43 -43.53 -43.14 -39.53
N GLY A 44 -44.52 -43.24 -38.65
CA GLY A 44 -45.48 -42.17 -38.49
C GLY A 44 -46.74 -42.57 -37.73
N GLY A 45 -47.75 -41.72 -37.79
CA GLY A 45 -49.01 -41.97 -37.10
C GLY A 45 -49.51 -40.72 -36.40
N ASP A 46 -50.76 -40.76 -35.94
CA ASP A 46 -51.36 -39.63 -35.25
C ASP A 46 -51.98 -40.07 -33.92
N ASP A 47 -51.25 -40.91 -33.18
CA ASP A 47 -51.68 -41.33 -31.86
C ASP A 47 -51.51 -40.18 -30.87
N SER A 48 -51.91 -40.39 -29.61
CA SER A 48 -51.85 -39.33 -28.57
C SER A 48 -50.41 -39.08 -28.12
N PHE A 49 -49.53 -40.08 -28.18
CA PHE A 49 -48.13 -39.90 -27.78
C PHE A 49 -47.36 -39.14 -28.85
N ASN A 50 -47.89 -39.12 -30.07
CA ASN A 50 -47.24 -38.40 -31.17
C ASN A 50 -47.25 -36.89 -30.95
N THR A 51 -48.00 -36.44 -29.93
CA THR A 51 -48.04 -35.03 -29.57
C THR A 51 -46.66 -34.56 -29.11
N PHE A 52 -45.89 -35.47 -28.52
CA PHE A 52 -44.60 -35.16 -27.93
C PHE A 52 -43.45 -35.82 -28.69
N PHE A 53 -43.77 -36.82 -29.51
CA PHE A 53 -42.77 -37.53 -30.29
C PHE A 53 -43.12 -37.54 -31.78
N SER A 54 -42.15 -37.23 -32.62
CA SER A 54 -42.26 -37.46 -34.05
C SER A 54 -41.62 -38.81 -34.33
N GLU A 55 -41.72 -39.27 -35.58
CA GLU A 55 -41.20 -40.59 -35.93
C GLU A 55 -40.41 -40.56 -37.24
N THR A 56 -39.38 -41.39 -37.30
CA THR A 56 -38.57 -41.54 -38.51
C THR A 56 -38.88 -42.88 -39.15
N GLY A 57 -38.63 -42.99 -40.46
CA GLY A 57 -38.85 -44.22 -41.18
C GLY A 57 -38.13 -45.41 -40.55
N ALA A 58 -37.02 -45.13 -39.89
CA ALA A 58 -36.24 -46.17 -39.22
C ALA A 58 -36.93 -46.66 -37.94
N GLY A 59 -38.02 -45.99 -37.56
CA GLY A 59 -38.79 -46.39 -36.40
C GLY A 59 -38.33 -45.74 -35.11
N LYS A 60 -37.50 -44.70 -35.23
CA LYS A 60 -37.06 -43.94 -34.05
C LYS A 60 -38.13 -42.93 -33.67
N HIS A 61 -38.37 -42.81 -32.36
CA HIS A 61 -39.31 -41.82 -31.83
C HIS A 61 -38.54 -40.73 -31.11
N VAL A 62 -38.56 -39.52 -31.69
CA VAL A 62 -37.76 -38.42 -31.17
C VAL A 62 -38.62 -37.32 -30.56
N PRO A 63 -38.22 -36.80 -29.38
CA PRO A 63 -38.92 -35.68 -28.74
C PRO A 63 -39.05 -34.44 -29.63
N ARG A 64 -40.24 -33.85 -29.65
CA ARG A 64 -40.44 -32.54 -30.24
C ARG A 64 -39.91 -31.52 -29.25
N ALA A 65 -38.60 -31.42 -29.14
CA ALA A 65 -37.98 -30.62 -28.10
C ALA A 65 -36.68 -29.95 -28.56
N VAL A 66 -36.49 -28.72 -28.11
CA VAL A 66 -35.24 -28.00 -28.31
C VAL A 66 -34.63 -27.64 -26.96
N PHE A 67 -33.34 -27.89 -26.82
CA PHE A 67 -32.59 -27.51 -25.63
C PHE A 67 -31.67 -26.35 -25.98
N VAL A 68 -31.68 -25.32 -25.13
CA VAL A 68 -30.86 -24.14 -25.37
C VAL A 68 -30.24 -23.64 -24.07
N ASP A 69 -28.94 -23.41 -24.11
CA ASP A 69 -28.22 -22.82 -22.99
C ASP A 69 -27.07 -21.98 -23.52
N LEU A 70 -26.81 -20.85 -22.87
CA LEU A 70 -25.78 -19.93 -23.34
C LEU A 70 -24.38 -20.42 -22.96
N GLU A 71 -24.33 -21.58 -22.29
CA GLU A 71 -23.06 -22.23 -21.94
C GLU A 71 -23.18 -23.72 -22.27
N PRO A 72 -22.10 -24.32 -22.81
CA PRO A 72 -22.19 -25.70 -23.32
C PRO A 72 -22.16 -26.79 -22.24
N THR A 73 -21.78 -26.44 -21.02
CA THR A 73 -21.49 -27.43 -19.97
C THR A 73 -22.63 -28.41 -19.70
N VAL A 74 -23.86 -27.92 -19.64
CA VAL A 74 -25.00 -28.74 -19.22
C VAL A 74 -25.56 -29.56 -20.37
N ILE A 75 -25.70 -28.94 -21.54
CA ILE A 75 -26.25 -29.63 -22.71
C ILE A 75 -25.26 -30.65 -23.23
N ASP A 76 -23.97 -30.41 -23.03
CA ASP A 76 -22.94 -31.37 -23.43
C ASP A 76 -23.17 -32.71 -22.74
N GLU A 77 -23.77 -32.68 -21.56
CA GLU A 77 -24.07 -33.90 -20.82
C GLU A 77 -25.31 -34.59 -21.38
N VAL A 78 -26.10 -33.85 -22.15
CA VAL A 78 -27.20 -34.45 -22.90
C VAL A 78 -26.63 -35.14 -24.14
N ARG A 79 -25.74 -34.43 -24.83
CA ARG A 79 -25.12 -34.94 -26.06
C ARG A 79 -24.41 -36.28 -25.84
N THR A 80 -23.96 -36.50 -24.61
CA THR A 80 -23.20 -37.71 -24.26
C THR A 80 -23.98 -38.56 -23.26
N GLY A 81 -25.16 -38.10 -22.88
CA GLY A 81 -25.97 -38.80 -21.90
C GLY A 81 -26.51 -40.12 -22.40
N THR A 82 -27.27 -40.80 -21.54
CA THR A 82 -27.83 -42.11 -21.87
C THR A 82 -28.88 -42.01 -22.98
N TYR A 83 -29.43 -40.81 -23.16
CA TYR A 83 -30.45 -40.56 -24.18
C TYR A 83 -29.88 -39.68 -25.30
N ARG A 84 -28.60 -39.85 -25.58
CA ARG A 84 -27.93 -39.10 -26.64
C ARG A 84 -28.51 -39.41 -28.01
N GLN A 85 -28.91 -40.66 -28.21
CA GLN A 85 -29.44 -41.11 -29.49
C GLN A 85 -30.87 -40.64 -29.69
N LEU A 86 -31.54 -40.31 -28.59
CA LEU A 86 -32.94 -39.90 -28.62
C LEU A 86 -33.10 -38.61 -29.40
N PHE A 87 -32.27 -37.62 -29.10
CA PHE A 87 -32.30 -36.34 -29.78
C PHE A 87 -31.31 -36.31 -30.93
N HIS A 88 -31.42 -35.30 -31.79
CA HIS A 88 -30.43 -35.09 -32.85
C HIS A 88 -29.86 -33.67 -32.76
N PRO A 89 -28.55 -33.51 -33.05
CA PRO A 89 -27.73 -32.30 -32.86
C PRO A 89 -28.46 -30.95 -32.94
N GLU A 90 -29.27 -30.74 -33.96
CA GLU A 90 -29.88 -29.42 -34.16
C GLU A 90 -30.90 -29.09 -33.09
N GLN A 91 -31.21 -30.07 -32.25
CA GLN A 91 -32.12 -29.85 -31.13
C GLN A 91 -31.38 -29.28 -29.93
N LEU A 92 -30.06 -29.42 -29.93
CA LEU A 92 -29.23 -29.05 -28.78
C LEU A 92 -28.33 -27.86 -29.12
N ILE A 93 -28.73 -26.69 -28.66
CA ILE A 93 -28.07 -25.43 -28.99
C ILE A 93 -27.28 -24.89 -27.81
N THR A 94 -26.00 -24.60 -28.02
CA THR A 94 -25.14 -24.07 -26.96
C THR A 94 -24.32 -22.87 -27.40
N GLY A 95 -24.17 -21.90 -26.50
CA GLY A 95 -23.31 -20.75 -26.71
C GLY A 95 -21.92 -21.02 -26.16
N LYS A 96 -21.16 -19.96 -25.88
CA LYS A 96 -19.80 -20.09 -25.38
C LYS A 96 -19.66 -19.62 -23.92
N GLU A 97 -20.25 -18.46 -23.61
CA GLU A 97 -20.25 -17.93 -22.26
C GLU A 97 -21.67 -17.60 -21.83
N ASP A 98 -21.98 -17.88 -20.56
CA ASP A 98 -23.34 -17.78 -20.07
C ASP A 98 -23.70 -16.34 -19.69
N ALA A 99 -24.90 -16.16 -19.13
CA ALA A 99 -25.41 -14.83 -18.81
C ALA A 99 -24.99 -14.35 -17.43
N ALA A 100 -24.18 -15.15 -16.74
CA ALA A 100 -23.60 -14.75 -15.46
C ALA A 100 -24.65 -14.27 -14.46
N ASN A 101 -25.77 -14.97 -14.32
CA ASN A 101 -26.85 -14.62 -13.36
C ASN A 101 -27.34 -13.21 -13.65
N ASN A 102 -27.29 -12.80 -14.90
CA ASN A 102 -27.66 -11.43 -15.28
C ASN A 102 -28.74 -11.45 -16.36
N TYR A 103 -29.94 -11.01 -15.99
CA TYR A 103 -31.08 -10.95 -16.91
C TYR A 103 -30.73 -10.15 -18.17
N ALA A 104 -30.26 -8.92 -17.97
CA ALA A 104 -29.91 -8.03 -19.07
C ALA A 104 -28.90 -8.66 -20.01
N ARG A 105 -27.98 -9.44 -19.45
CA ARG A 105 -26.94 -10.09 -20.24
C ARG A 105 -27.51 -11.25 -21.04
N GLY A 106 -28.55 -11.88 -20.50
CA GLY A 106 -29.22 -12.98 -21.16
C GLY A 106 -30.22 -12.51 -22.20
N HIS A 107 -30.89 -11.40 -21.91
CA HIS A 107 -31.91 -10.86 -22.80
C HIS A 107 -31.30 -10.04 -23.94
N TYR A 108 -30.52 -9.03 -23.57
CA TYR A 108 -30.04 -8.05 -24.55
C TYR A 108 -28.71 -8.44 -25.19
N THR A 109 -27.67 -8.56 -24.39
CA THR A 109 -26.31 -8.75 -24.91
C THR A 109 -26.16 -10.07 -25.66
N ILE A 110 -26.15 -11.18 -24.92
CA ILE A 110 -25.89 -12.50 -25.51
C ILE A 110 -27.14 -13.04 -26.21
N GLY A 111 -28.31 -12.60 -25.76
CA GLY A 111 -29.56 -13.06 -26.35
C GLY A 111 -29.70 -12.67 -27.81
N LYS A 112 -29.30 -11.45 -28.12
CA LYS A 112 -29.36 -10.93 -29.48
C LYS A 112 -28.51 -11.75 -30.45
N GLU A 113 -27.46 -12.37 -29.92
CA GLU A 113 -26.51 -13.10 -30.75
C GLU A 113 -26.99 -14.48 -31.21
N ILE A 114 -28.03 -14.99 -30.55
CA ILE A 114 -28.44 -16.39 -30.73
C ILE A 114 -29.95 -16.56 -30.94
N ILE A 115 -30.72 -15.49 -30.78
CA ILE A 115 -32.18 -15.59 -30.87
C ILE A 115 -32.63 -16.07 -32.25
N ASP A 116 -31.98 -15.59 -33.30
CA ASP A 116 -32.37 -15.94 -34.66
C ASP A 116 -32.09 -17.42 -34.96
N LEU A 117 -30.97 -17.92 -34.45
CA LEU A 117 -30.62 -19.32 -34.63
C LEU A 117 -31.63 -20.24 -33.96
N VAL A 118 -31.96 -19.92 -32.71
CA VAL A 118 -32.89 -20.73 -31.93
C VAL A 118 -34.26 -20.81 -32.62
N LEU A 119 -34.77 -19.66 -33.04
CA LEU A 119 -36.06 -19.61 -33.73
C LEU A 119 -36.05 -20.46 -35.00
N ASP A 120 -34.91 -20.48 -35.69
CA ASP A 120 -34.78 -21.27 -36.90
C ASP A 120 -34.82 -22.76 -36.57
N ARG A 121 -34.15 -23.14 -35.48
CA ARG A 121 -34.14 -24.53 -35.05
C ARG A 121 -35.51 -24.95 -34.54
N ILE A 122 -36.29 -23.99 -34.04
CA ILE A 122 -37.66 -24.25 -33.62
C ILE A 122 -38.56 -24.37 -34.84
N ARG A 123 -38.34 -23.49 -35.82
CA ARG A 123 -39.13 -23.48 -37.04
C ARG A 123 -39.03 -24.82 -37.77
N LYS A 124 -37.88 -25.48 -37.64
CA LYS A 124 -37.68 -26.77 -38.29
C LYS A 124 -38.57 -27.84 -37.68
N LEU A 125 -38.82 -27.74 -36.37
CA LEU A 125 -39.72 -28.67 -35.70
C LEU A 125 -41.15 -28.36 -36.11
N ALA A 126 -41.50 -27.08 -36.10
CA ALA A 126 -42.84 -26.62 -36.47
C ALA A 126 -43.19 -27.03 -37.90
N ASP A 127 -42.20 -27.08 -38.77
CA ASP A 127 -42.42 -27.47 -40.16
C ASP A 127 -42.80 -28.94 -40.26
N GLN A 128 -42.41 -29.74 -39.26
CA GLN A 128 -42.73 -31.16 -39.23
C GLN A 128 -44.05 -31.42 -38.51
N CYS A 129 -44.80 -30.35 -38.24
CA CYS A 129 -46.08 -30.46 -37.55
C CYS A 129 -47.24 -30.22 -38.51
N THR A 130 -48.26 -31.05 -38.40
CA THR A 130 -49.47 -30.92 -39.21
C THR A 130 -50.42 -29.93 -38.56
N GLY A 131 -50.41 -29.91 -37.24
CA GLY A 131 -51.22 -28.98 -36.46
C GLY A 131 -50.57 -28.62 -35.15
N LEU A 132 -49.76 -27.57 -35.15
CA LEU A 132 -49.06 -27.13 -33.95
C LEU A 132 -50.00 -26.41 -33.00
N GLN A 133 -50.09 -26.91 -31.76
CA GLN A 133 -50.90 -26.24 -30.74
C GLN A 133 -50.12 -25.08 -30.15
N GLY A 134 -48.83 -25.30 -29.90
CA GLY A 134 -48.01 -24.33 -29.21
C GLY A 134 -46.85 -24.95 -28.45
N PHE A 135 -46.40 -24.25 -27.41
CA PHE A 135 -45.13 -24.57 -26.77
C PHE A 135 -45.21 -24.74 -25.25
N LEU A 136 -44.37 -25.64 -24.73
CA LEU A 136 -44.16 -25.80 -23.29
C LEU A 136 -42.72 -25.38 -22.95
N VAL A 137 -42.59 -24.32 -22.16
CA VAL A 137 -41.29 -23.71 -21.90
C VAL A 137 -40.81 -23.97 -20.47
N PHE A 138 -39.62 -24.56 -20.36
CA PHE A 138 -39.01 -24.89 -19.08
C PHE A 138 -37.82 -23.97 -18.80
N HIS A 139 -37.82 -23.32 -17.65
CA HIS A 139 -36.75 -22.39 -17.29
C HIS A 139 -36.78 -22.01 -15.81
N SER A 140 -35.69 -21.43 -15.34
CA SER A 140 -35.63 -20.86 -14.00
C SER A 140 -35.97 -19.38 -14.03
N PHE A 141 -36.36 -18.84 -12.87
CA PHE A 141 -36.54 -17.39 -12.71
C PHE A 141 -35.21 -16.72 -12.40
N GLY A 142 -34.33 -17.43 -11.70
CA GLY A 142 -33.14 -16.83 -11.11
C GLY A 142 -31.95 -16.71 -12.03
N GLY A 143 -31.80 -17.66 -12.96
CA GLY A 143 -30.65 -17.65 -13.85
C GLY A 143 -30.71 -16.54 -14.87
N GLY A 144 -29.56 -16.20 -15.44
CA GLY A 144 -29.47 -15.15 -16.43
C GLY A 144 -30.07 -15.59 -17.76
N THR A 145 -29.85 -16.86 -18.10
CA THR A 145 -30.40 -17.42 -19.33
C THR A 145 -31.88 -17.76 -19.14
N GLY A 146 -32.18 -18.50 -18.07
CA GLY A 146 -33.54 -18.89 -17.76
C GLY A 146 -34.50 -17.72 -17.68
N SER A 147 -34.00 -16.58 -17.19
CA SER A 147 -34.81 -15.39 -17.06
C SER A 147 -34.70 -14.49 -18.29
N GLY A 148 -33.47 -14.16 -18.66
CA GLY A 148 -33.22 -13.19 -19.72
C GLY A 148 -33.59 -13.69 -21.10
N PHE A 149 -33.03 -14.82 -21.50
CA PHE A 149 -33.23 -15.32 -22.86
C PHE A 149 -34.66 -15.82 -23.07
N THR A 150 -35.24 -16.38 -22.01
CA THR A 150 -36.61 -16.90 -22.08
C THR A 150 -37.60 -15.81 -22.48
N SER A 151 -37.54 -14.68 -21.81
CA SER A 151 -38.48 -13.58 -22.05
C SER A 151 -38.36 -13.06 -23.49
N LEU A 152 -37.15 -13.05 -24.02
CA LEU A 152 -36.92 -12.63 -25.40
C LEU A 152 -37.53 -13.64 -26.36
N LEU A 153 -37.33 -14.91 -26.06
CA LEU A 153 -37.87 -15.99 -26.88
C LEU A 153 -39.40 -15.94 -26.91
N MET A 154 -39.99 -15.78 -25.73
CA MET A 154 -41.44 -15.73 -25.60
C MET A 154 -42.04 -14.57 -26.39
N GLU A 155 -41.31 -13.47 -26.46
CA GLU A 155 -41.76 -12.30 -27.22
C GLU A 155 -41.82 -12.60 -28.71
N ARG A 156 -40.77 -13.23 -29.23
CA ARG A 156 -40.66 -13.53 -30.65
C ARG A 156 -41.65 -14.61 -31.07
N LEU A 157 -41.88 -15.58 -30.18
CA LEU A 157 -42.82 -16.67 -30.48
C LEU A 157 -44.23 -16.12 -30.67
N SER A 158 -44.56 -15.06 -29.93
CA SER A 158 -45.87 -14.42 -30.05
C SER A 158 -45.99 -13.70 -31.38
N VAL A 159 -44.85 -13.34 -31.97
CA VAL A 159 -44.83 -12.71 -33.28
C VAL A 159 -44.84 -13.77 -34.38
N ASP A 160 -44.01 -14.79 -34.22
CA ASP A 160 -43.85 -15.83 -35.23
C ASP A 160 -44.93 -16.91 -35.15
N TYR A 161 -45.61 -17.00 -34.01
CA TYR A 161 -46.68 -17.98 -33.82
C TYR A 161 -47.85 -17.36 -33.05
N GLY A 162 -48.36 -16.25 -33.56
CA GLY A 162 -49.35 -15.45 -32.85
C GLY A 162 -50.58 -16.20 -32.37
N LYS A 163 -51.00 -17.23 -33.10
CA LYS A 163 -52.23 -17.96 -32.79
C LYS A 163 -52.00 -19.10 -31.80
N LYS A 164 -50.73 -19.43 -31.54
CA LYS A 164 -50.39 -20.59 -30.73
C LYS A 164 -50.36 -20.27 -29.23
N SER A 165 -50.65 -21.29 -28.41
CA SER A 165 -50.64 -21.14 -26.97
C SER A 165 -49.25 -21.43 -26.41
N LYS A 166 -48.88 -20.74 -25.33
CA LYS A 166 -47.56 -20.94 -24.72
C LYS A 166 -47.68 -21.15 -23.21
N LEU A 167 -47.22 -22.31 -22.76
CA LEU A 167 -47.27 -22.68 -21.35
C LEU A 167 -45.88 -22.68 -20.72
N GLU A 168 -45.80 -22.28 -19.46
CA GLU A 168 -44.54 -22.19 -18.74
C GLU A 168 -44.43 -23.22 -17.62
N PHE A 169 -43.22 -23.75 -17.44
CA PHE A 169 -42.85 -24.44 -16.22
C PHE A 169 -41.65 -23.70 -15.63
N SER A 170 -41.89 -23.02 -14.52
CA SER A 170 -40.95 -22.04 -14.00
C SER A 170 -40.45 -22.39 -12.60
N ILE A 171 -39.15 -22.31 -12.41
CA ILE A 171 -38.54 -22.58 -11.10
C ILE A 171 -38.31 -21.26 -10.36
N TYR A 172 -39.01 -21.14 -9.24
CA TYR A 172 -39.00 -19.95 -8.39
C TYR A 172 -37.83 -20.04 -7.40
N PRO A 173 -37.11 -18.92 -7.21
CA PRO A 173 -35.83 -18.96 -6.47
C PRO A 173 -35.95 -19.31 -4.99
N ALA A 174 -35.05 -20.18 -4.52
CA ALA A 174 -35.00 -20.58 -3.12
C ALA A 174 -33.56 -20.52 -2.59
N PRO A 175 -33.32 -19.69 -1.55
CA PRO A 175 -31.96 -19.52 -0.98
C PRO A 175 -31.24 -20.83 -0.63
N GLN A 176 -31.98 -21.89 -0.36
CA GLN A 176 -31.38 -23.14 0.10
C GLN A 176 -30.52 -23.81 -0.97
N VAL A 177 -30.83 -23.53 -2.23
CA VAL A 177 -30.03 -24.04 -3.36
C VAL A 177 -29.82 -22.94 -4.39
N SER A 178 -29.82 -21.69 -3.93
CA SER A 178 -29.63 -20.54 -4.82
C SER A 178 -28.15 -20.35 -5.12
N THR A 179 -27.86 -19.77 -6.29
CA THR A 179 -26.49 -19.57 -6.75
C THR A 179 -26.20 -18.09 -7.02
N ALA A 180 -27.18 -17.23 -6.76
CA ALA A 180 -27.00 -15.81 -7.01
C ALA A 180 -27.85 -14.95 -6.07
N VAL A 181 -27.30 -13.81 -5.66
CA VAL A 181 -27.98 -12.89 -4.74
C VAL A 181 -29.01 -12.04 -5.48
N VAL A 182 -28.85 -11.89 -6.79
CA VAL A 182 -29.72 -11.02 -7.59
C VAL A 182 -30.91 -11.75 -8.22
N GLU A 183 -31.17 -12.98 -7.81
CA GLU A 183 -32.24 -13.76 -8.41
C GLU A 183 -33.63 -13.13 -8.27
N PRO A 184 -33.86 -12.34 -7.22
CA PRO A 184 -35.14 -11.61 -7.19
C PRO A 184 -35.26 -10.58 -8.31
N TYR A 185 -34.16 -9.94 -8.68
CA TYR A 185 -34.16 -9.00 -9.81
C TYR A 185 -34.57 -9.72 -11.09
N ASN A 186 -33.87 -10.81 -11.40
CA ASN A 186 -34.12 -11.57 -12.61
C ASN A 186 -35.55 -12.09 -12.69
N SER A 187 -36.07 -12.52 -11.54
CA SER A 187 -37.42 -13.05 -11.47
C SER A 187 -38.47 -12.01 -11.86
N ILE A 188 -38.42 -10.85 -11.20
CA ILE A 188 -39.37 -9.77 -11.48
C ILE A 188 -39.25 -9.30 -12.93
N LEU A 189 -38.02 -9.26 -13.44
CA LEU A 189 -37.77 -8.75 -14.79
C LEU A 189 -38.34 -9.69 -15.85
N THR A 190 -38.15 -11.00 -15.67
CA THR A 190 -38.61 -11.97 -16.66
C THR A 190 -40.11 -12.18 -16.58
N THR A 191 -40.69 -11.97 -15.39
CA THR A 191 -42.14 -12.10 -15.23
C THR A 191 -42.83 -10.95 -15.95
N HIS A 192 -42.32 -9.74 -15.75
CA HIS A 192 -42.89 -8.54 -16.36
C HIS A 192 -42.93 -8.62 -17.88
N THR A 193 -41.82 -9.10 -18.47
CA THR A 193 -41.67 -9.13 -19.92
C THR A 193 -42.35 -10.34 -20.55
N THR A 194 -42.58 -11.38 -19.75
CA THR A 194 -43.14 -12.64 -20.24
C THR A 194 -44.66 -12.72 -20.02
N LEU A 195 -45.17 -11.91 -19.09
CA LEU A 195 -46.54 -12.03 -18.61
C LEU A 195 -47.59 -12.06 -19.72
N GLU A 196 -47.58 -11.06 -20.60
CA GLU A 196 -48.57 -10.97 -21.66
C GLU A 196 -48.38 -12.03 -22.75
N HIS A 197 -47.26 -12.74 -22.68
CA HIS A 197 -46.92 -13.73 -23.69
C HIS A 197 -47.14 -15.16 -23.19
N SER A 198 -47.55 -15.30 -21.93
CA SER A 198 -47.80 -16.62 -21.35
C SER A 198 -49.28 -16.79 -21.07
N ASP A 199 -49.81 -17.96 -21.44
CA ASP A 199 -51.23 -18.25 -21.27
C ASP A 199 -51.48 -18.97 -19.94
N CYS A 200 -50.49 -19.74 -19.51
CA CYS A 200 -50.58 -20.50 -18.27
C CYS A 200 -49.19 -20.90 -17.80
N ALA A 201 -48.89 -20.65 -16.53
CA ALA A 201 -47.55 -20.87 -16.00
C ALA A 201 -47.60 -21.61 -14.68
N PHE A 202 -46.93 -22.76 -14.62
CA PHE A 202 -46.85 -23.55 -13.40
C PHE A 202 -45.57 -23.24 -12.65
N MET A 203 -45.71 -22.55 -11.52
CA MET A 203 -44.57 -22.18 -10.70
C MET A 203 -44.19 -23.30 -9.75
N VAL A 204 -42.89 -23.54 -9.61
CA VAL A 204 -42.38 -24.48 -8.63
C VAL A 204 -41.31 -23.81 -7.78
N ASP A 205 -41.64 -23.59 -6.51
CA ASP A 205 -40.70 -23.03 -5.57
C ASP A 205 -39.76 -24.13 -5.10
N ASN A 206 -38.47 -23.98 -5.41
CA ASN A 206 -37.46 -24.95 -5.00
C ASN A 206 -37.50 -25.20 -3.50
N GLU A 207 -37.96 -24.20 -2.75
CA GLU A 207 -38.10 -24.34 -1.29
C GLU A 207 -39.06 -25.48 -0.95
N ALA A 208 -40.21 -25.49 -1.61
CA ALA A 208 -41.23 -26.50 -1.35
C ALA A 208 -40.74 -27.89 -1.74
N ILE A 209 -40.11 -27.98 -2.92
CA ILE A 209 -39.58 -29.24 -3.41
C ILE A 209 -38.47 -29.75 -2.49
N TYR A 210 -37.67 -28.81 -1.99
CA TYR A 210 -36.54 -29.14 -1.14
C TYR A 210 -37.01 -29.78 0.17
N ASP A 211 -38.06 -29.21 0.75
CA ASP A 211 -38.58 -29.68 2.04
C ASP A 211 -39.40 -30.96 1.90
N ILE A 212 -40.08 -31.13 0.77
CA ILE A 212 -40.79 -32.38 0.50
C ILE A 212 -39.79 -33.53 0.42
N CYS A 213 -38.67 -33.29 -0.26
CA CYS A 213 -37.62 -34.30 -0.38
C CYS A 213 -37.05 -34.64 0.99
N ARG A 214 -36.85 -33.63 1.81
CA ARG A 214 -36.29 -33.85 3.15
C ARG A 214 -37.32 -34.51 4.08
N ARG A 215 -38.55 -34.04 4.01
CA ARG A 215 -39.59 -34.48 4.93
C ARG A 215 -40.14 -35.86 4.58
N ASN A 216 -40.34 -36.12 3.28
CA ASN A 216 -41.05 -37.32 2.83
C ASN A 216 -40.13 -38.38 2.22
N LEU A 217 -39.02 -37.97 1.63
CA LEU A 217 -38.07 -38.91 1.03
C LEU A 217 -36.86 -39.15 1.93
N ASP A 218 -36.84 -38.48 3.07
CA ASP A 218 -35.76 -38.65 4.06
C ASP A 218 -34.37 -38.39 3.46
N ILE A 219 -34.31 -37.49 2.47
CA ILE A 219 -33.04 -37.06 1.91
C ILE A 219 -32.56 -35.83 2.68
N GLU A 220 -31.39 -35.94 3.31
CA GLU A 220 -30.93 -34.91 4.23
C GLU A 220 -30.55 -33.62 3.50
N ARG A 221 -29.90 -33.76 2.36
CA ARG A 221 -29.48 -32.60 1.57
C ARG A 221 -29.75 -32.89 0.09
N PRO A 222 -31.00 -32.65 -0.34
CA PRO A 222 -31.42 -32.92 -1.73
C PRO A 222 -30.51 -32.29 -2.78
N THR A 223 -30.22 -33.06 -3.82
CA THR A 223 -29.49 -32.58 -4.98
C THR A 223 -30.48 -32.15 -6.05
N TYR A 224 -30.00 -31.54 -7.12
CA TYR A 224 -30.87 -31.16 -8.23
C TYR A 224 -31.54 -32.39 -8.82
N THR A 225 -30.83 -33.52 -8.78
CA THR A 225 -31.36 -34.77 -9.30
C THR A 225 -32.56 -35.23 -8.47
N ASN A 226 -32.46 -35.08 -7.15
CA ASN A 226 -33.58 -35.39 -6.26
C ASN A 226 -34.77 -34.50 -6.56
N LEU A 227 -34.53 -33.19 -6.64
CA LEU A 227 -35.59 -32.23 -6.90
C LEU A 227 -36.25 -32.49 -8.25
N ASN A 228 -35.44 -32.74 -9.27
CA ASN A 228 -35.91 -32.81 -10.64
C ASN A 228 -36.76 -34.05 -10.93
N ARG A 229 -36.39 -35.19 -10.35
CA ARG A 229 -37.14 -36.47 -10.52
C ARG A 229 -38.51 -36.31 -9.85
N LEU A 230 -38.61 -35.50 -8.82
CA LEU A 230 -39.90 -35.20 -8.19
C LEU A 230 -40.70 -34.24 -9.07
N ILE A 231 -40.03 -33.21 -9.59
CA ILE A 231 -40.67 -32.23 -10.45
C ILE A 231 -41.24 -32.90 -11.71
N SER A 232 -40.47 -33.80 -12.30
CA SER A 232 -40.89 -34.46 -13.54
C SER A 232 -42.17 -35.25 -13.33
N GLN A 233 -42.32 -35.84 -12.14
CA GLN A 233 -43.55 -36.55 -11.79
C GLN A 233 -44.75 -35.60 -11.82
N ILE A 234 -44.55 -34.39 -11.31
CA ILE A 234 -45.59 -33.38 -11.34
C ILE A 234 -45.88 -32.98 -12.78
N VAL A 235 -44.83 -32.61 -13.51
CA VAL A 235 -44.98 -32.21 -14.91
C VAL A 235 -45.66 -33.31 -15.71
N SER A 236 -45.29 -34.55 -15.43
CA SER A 236 -45.87 -35.70 -16.12
C SER A 236 -47.37 -35.80 -15.85
N SER A 237 -47.76 -35.56 -14.61
CA SER A 237 -49.17 -35.57 -14.22
C SER A 237 -49.95 -34.51 -15.00
N ILE A 238 -49.31 -33.36 -15.20
CA ILE A 238 -49.96 -32.22 -15.84
C ILE A 238 -50.11 -32.43 -17.35
N THR A 239 -49.11 -33.06 -17.97
CA THR A 239 -49.08 -33.21 -19.42
C THR A 239 -49.65 -34.54 -19.90
N ALA A 240 -49.92 -35.45 -18.96
CA ALA A 240 -50.41 -36.79 -19.29
C ALA A 240 -51.66 -36.74 -20.17
N SER A 241 -52.46 -35.70 -20.01
CA SER A 241 -53.70 -35.55 -20.76
C SER A 241 -53.43 -35.17 -22.22
N LEU A 242 -52.20 -34.76 -22.51
CA LEU A 242 -51.81 -34.41 -23.88
C LEU A 242 -51.16 -35.60 -24.58
N ARG A 243 -50.75 -36.59 -23.79
CA ARG A 243 -50.00 -37.73 -24.30
C ARG A 243 -50.76 -39.04 -24.20
N PHE A 244 -51.96 -38.98 -23.63
CA PHE A 244 -52.79 -40.17 -23.47
C PHE A 244 -54.23 -39.92 -23.87
N ASP A 245 -54.96 -41.01 -24.12
CA ASP A 245 -56.37 -40.94 -24.45
C ASP A 245 -57.18 -40.42 -23.27
N GLY A 246 -58.11 -39.50 -23.54
CA GLY A 246 -58.93 -38.91 -22.50
C GLY A 246 -59.78 -37.78 -23.05
N ALA A 247 -60.51 -37.10 -22.16
CA ALA A 247 -61.41 -36.03 -22.56
C ALA A 247 -61.28 -34.77 -21.70
N LEU A 248 -60.24 -34.72 -20.88
CA LEU A 248 -59.95 -33.54 -20.06
C LEU A 248 -58.57 -32.98 -20.40
N ASN A 249 -58.49 -31.67 -20.59
CA ASN A 249 -57.24 -31.01 -20.95
C ASN A 249 -56.54 -31.71 -22.12
N VAL A 250 -57.23 -31.83 -23.24
CA VAL A 250 -56.73 -32.59 -24.38
C VAL A 250 -55.84 -31.75 -25.29
N ASP A 251 -56.02 -30.43 -25.26
CA ASP A 251 -55.13 -29.51 -25.95
C ASP A 251 -54.71 -28.37 -25.04
N LEU A 252 -53.75 -27.57 -25.49
CA LEU A 252 -53.22 -26.48 -24.68
C LEU A 252 -54.26 -25.41 -24.36
N THR A 253 -55.11 -25.11 -25.34
CA THR A 253 -56.14 -24.08 -25.17
C THR A 253 -57.05 -24.40 -23.97
N GLU A 254 -57.23 -25.69 -23.71
CA GLU A 254 -58.14 -26.12 -22.65
C GLU A 254 -57.54 -25.86 -21.26
N PHE A 255 -56.22 -25.79 -21.18
CA PHE A 255 -55.55 -25.44 -19.93
C PHE A 255 -55.95 -24.03 -19.52
N GLN A 256 -55.97 -23.12 -20.48
CA GLN A 256 -56.38 -21.74 -20.24
C GLN A 256 -57.86 -21.70 -19.87
N THR A 257 -58.68 -22.40 -20.66
CA THR A 257 -60.13 -22.43 -20.45
C THR A 257 -60.50 -22.94 -19.06
N ASN A 258 -59.85 -24.01 -18.63
CA ASN A 258 -60.21 -24.69 -17.39
C ASN A 258 -59.57 -24.10 -16.14
N LEU A 259 -58.40 -23.48 -16.28
CA LEU A 259 -57.62 -23.03 -15.13
C LEU A 259 -57.45 -21.50 -15.04
N VAL A 260 -57.65 -20.79 -16.15
CA VAL A 260 -57.34 -19.37 -16.21
C VAL A 260 -58.50 -18.54 -16.78
N PRO A 261 -59.46 -18.14 -15.92
CA PRO A 261 -60.54 -17.25 -16.35
C PRO A 261 -60.04 -15.82 -16.63
N TYR A 262 -59.15 -15.30 -15.78
CA TYR A 262 -58.54 -14.00 -16.01
C TYR A 262 -57.10 -14.17 -16.53
N PRO A 263 -56.78 -13.59 -17.71
CA PRO A 263 -55.49 -13.82 -18.37
C PRO A 263 -54.24 -13.54 -17.53
N ARG A 264 -54.19 -12.43 -16.80
CA ARG A 264 -52.99 -12.08 -16.04
C ARG A 264 -52.77 -13.05 -14.87
N ILE A 265 -53.86 -13.42 -14.23
CA ILE A 265 -53.82 -14.38 -13.13
C ILE A 265 -53.80 -15.79 -13.72
N HIS A 266 -52.67 -16.17 -14.29
CA HIS A 266 -52.53 -17.46 -14.96
C HIS A 266 -51.44 -18.32 -14.32
N PHE A 267 -51.40 -18.33 -12.99
CA PHE A 267 -50.42 -19.11 -12.24
C PHE A 267 -51.11 -20.12 -11.31
N PRO A 268 -51.48 -21.29 -11.86
CA PRO A 268 -52.16 -22.29 -11.02
C PRO A 268 -51.23 -22.96 -10.02
N LEU A 269 -51.73 -23.21 -8.82
CA LEU A 269 -50.97 -23.92 -7.81
C LEU A 269 -51.08 -25.43 -8.02
N ALA A 270 -49.94 -26.11 -8.02
CA ALA A 270 -49.91 -27.56 -8.12
C ALA A 270 -49.70 -28.17 -6.74
N THR A 271 -50.46 -29.22 -6.45
CA THR A 271 -50.31 -29.98 -5.22
C THR A 271 -50.30 -31.45 -5.58
N TYR A 272 -49.33 -32.19 -5.04
CA TYR A 272 -49.13 -33.57 -5.43
C TYR A 272 -49.05 -34.51 -4.23
N ALA A 273 -49.66 -35.68 -4.38
CA ALA A 273 -49.62 -36.71 -3.35
C ALA A 273 -49.94 -38.08 -3.95
N PRO A 274 -49.38 -39.17 -3.37
CA PRO A 274 -48.46 -39.19 -2.24
C PRO A 274 -47.00 -39.26 -2.66
N VAL A 275 -46.11 -38.65 -1.87
CA VAL A 275 -44.67 -38.77 -2.08
C VAL A 275 -44.10 -39.73 -1.03
N ILE A 276 -43.70 -40.91 -1.49
CA ILE A 276 -43.25 -41.97 -0.59
C ILE A 276 -41.83 -42.42 -0.92
N SER A 277 -41.02 -42.60 0.11
CA SER A 277 -39.63 -43.01 -0.05
C SER A 277 -39.52 -44.46 -0.52
N ALA A 278 -38.66 -44.69 -1.51
CA ALA A 278 -38.43 -46.04 -2.03
C ALA A 278 -37.76 -46.92 -0.97
N GLU A 279 -36.87 -46.31 -0.19
CA GLU A 279 -36.14 -47.04 0.84
C GLU A 279 -37.03 -47.36 2.03
N LYS A 280 -38.24 -46.84 2.03
CA LYS A 280 -39.21 -47.11 3.09
C LYS A 280 -39.63 -48.57 3.04
N ALA A 281 -39.18 -49.34 4.03
CA ALA A 281 -39.41 -50.78 4.06
C ALA A 281 -40.90 -51.13 4.10
N TYR A 282 -41.62 -50.47 5.00
CA TYR A 282 -43.03 -50.78 5.25
C TYR A 282 -43.93 -49.59 4.93
N HIS A 283 -44.81 -49.76 3.95
CA HIS A 283 -45.75 -48.70 3.56
C HIS A 283 -47.17 -49.21 3.36
N GLU A 284 -48.11 -48.56 4.03
CA GLU A 284 -49.53 -48.82 3.84
C GLU A 284 -50.07 -47.92 2.71
N GLN A 285 -50.49 -48.54 1.62
CA GLN A 285 -50.99 -47.80 0.47
C GLN A 285 -52.15 -46.90 0.85
N LEU A 286 -52.11 -45.66 0.36
CA LEU A 286 -53.10 -44.64 0.74
C LEU A 286 -54.32 -44.67 -0.17
N SER A 287 -55.47 -44.34 0.39
CA SER A 287 -56.74 -44.41 -0.34
C SER A 287 -57.01 -43.15 -1.15
N VAL A 288 -58.06 -43.19 -1.96
CA VAL A 288 -58.49 -42.05 -2.76
C VAL A 288 -58.81 -40.85 -1.86
N ALA A 289 -59.40 -41.12 -0.71
CA ALA A 289 -59.78 -40.07 0.21
C ALA A 289 -58.55 -39.43 0.86
N GLU A 290 -57.60 -40.28 1.23
CA GLU A 290 -56.40 -39.81 1.91
C GLU A 290 -55.51 -38.97 1.01
N ILE A 291 -55.30 -39.42 -0.24
CA ILE A 291 -54.45 -38.66 -1.16
C ILE A 291 -55.16 -37.37 -1.61
N THR A 292 -56.48 -37.43 -1.74
CA THR A 292 -57.25 -36.26 -2.16
C THR A 292 -57.25 -35.21 -1.06
N ASN A 293 -57.30 -35.68 0.19
CA ASN A 293 -57.27 -34.79 1.34
C ASN A 293 -55.92 -34.11 1.46
N ALA A 294 -54.87 -34.83 1.05
CA ALA A 294 -53.51 -34.31 1.10
C ALA A 294 -53.31 -33.15 0.13
N CYS A 295 -54.19 -33.04 -0.86
CA CYS A 295 -54.09 -31.97 -1.85
C CYS A 295 -54.43 -30.60 -1.25
N PHE A 296 -54.94 -30.61 -0.02
CA PHE A 296 -55.27 -29.36 0.67
C PHE A 296 -54.38 -29.17 1.89
N GLU A 297 -53.23 -29.85 1.88
CA GLU A 297 -52.18 -29.64 2.86
C GLU A 297 -51.06 -28.81 2.21
N PRO A 298 -50.75 -27.64 2.79
CA PRO A 298 -49.69 -26.79 2.24
C PRO A 298 -48.34 -27.49 2.08
N ALA A 299 -48.08 -28.49 2.90
CA ALA A 299 -46.79 -29.17 2.90
C ALA A 299 -46.59 -30.03 1.64
N ASN A 300 -47.64 -30.17 0.84
CA ASN A 300 -47.59 -30.96 -0.39
C ASN A 300 -47.66 -30.11 -1.65
N GLN A 301 -47.76 -28.80 -1.47
CA GLN A 301 -47.87 -27.87 -2.59
C GLN A 301 -46.51 -27.56 -3.20
N MET A 302 -46.52 -27.16 -4.48
CA MET A 302 -45.29 -26.78 -5.17
C MET A 302 -44.83 -25.39 -4.72
N VAL A 303 -45.77 -24.63 -4.15
CA VAL A 303 -45.46 -23.32 -3.58
C VAL A 303 -46.12 -23.22 -2.21
N LYS A 304 -45.29 -23.06 -1.18
CA LYS A 304 -45.81 -22.93 0.18
C LYS A 304 -46.64 -21.67 0.32
N CYS A 305 -47.92 -21.86 0.59
CA CYS A 305 -48.84 -20.76 0.81
C CYS A 305 -50.11 -21.32 1.45
N ASP A 306 -51.05 -20.44 1.78
CA ASP A 306 -52.24 -20.82 2.52
C ASP A 306 -53.53 -20.51 1.74
N PRO A 307 -54.06 -21.50 1.00
CA PRO A 307 -55.26 -21.29 0.19
C PRO A 307 -56.53 -20.99 0.99
N ARG A 308 -56.52 -21.27 2.29
CA ARG A 308 -57.67 -20.98 3.14
C ARG A 308 -57.98 -19.49 3.14
N HIS A 309 -56.92 -18.69 3.03
CA HIS A 309 -57.04 -17.23 3.06
C HIS A 309 -56.85 -16.67 1.66
N GLY A 310 -57.62 -17.22 0.74
CA GLY A 310 -57.67 -16.76 -0.64
C GLY A 310 -58.94 -17.31 -1.25
N LYS A 311 -59.12 -17.14 -2.55
CA LYS A 311 -60.28 -17.67 -3.25
C LYS A 311 -59.89 -18.47 -4.48
N TYR A 312 -60.66 -19.51 -4.76
CA TYR A 312 -60.43 -20.36 -5.92
C TYR A 312 -61.16 -19.82 -7.14
N MET A 313 -60.51 -19.93 -8.30
CA MET A 313 -61.14 -19.60 -9.58
C MET A 313 -61.38 -20.86 -10.38
N ALA A 314 -60.60 -21.90 -10.10
CA ALA A 314 -60.73 -23.17 -10.79
C ALA A 314 -59.97 -24.26 -10.04
N CYS A 315 -60.31 -25.51 -10.29
CA CYS A 315 -59.69 -26.62 -9.58
C CYS A 315 -59.83 -27.93 -10.36
N CYS A 316 -58.70 -28.49 -10.77
CA CYS A 316 -58.67 -29.77 -11.47
C CYS A 316 -57.98 -30.84 -10.62
N LEU A 317 -58.57 -32.03 -10.59
CA LEU A 317 -57.96 -33.19 -9.94
C LEU A 317 -57.53 -34.22 -10.98
N LEU A 318 -56.23 -34.47 -11.05
CA LEU A 318 -55.67 -35.42 -12.02
C LEU A 318 -55.11 -36.65 -11.31
N TYR A 319 -55.86 -37.75 -11.40
CA TYR A 319 -55.48 -39.00 -10.73
C TYR A 319 -54.72 -39.93 -11.67
N ARG A 320 -53.84 -40.75 -11.10
CA ARG A 320 -53.19 -41.83 -11.82
C ARG A 320 -53.20 -43.10 -10.97
N GLY A 321 -53.72 -44.18 -11.53
CA GLY A 321 -53.76 -45.46 -10.85
C GLY A 321 -55.17 -45.96 -10.56
N ASP A 322 -55.30 -46.77 -9.52
CA ASP A 322 -56.57 -47.40 -9.18
C ASP A 322 -57.54 -46.41 -8.54
N VAL A 323 -58.36 -45.78 -9.38
CA VAL A 323 -59.29 -44.75 -8.94
C VAL A 323 -60.56 -44.79 -9.80
N VAL A 324 -61.71 -44.70 -9.17
CA VAL A 324 -62.98 -44.56 -9.88
C VAL A 324 -63.78 -43.36 -9.37
N PRO A 325 -64.60 -42.75 -10.25
CA PRO A 325 -65.37 -41.53 -9.95
C PRO A 325 -66.13 -41.59 -8.62
N LYS A 326 -66.64 -42.76 -8.28
CA LYS A 326 -67.45 -42.93 -7.07
C LYS A 326 -66.67 -42.58 -5.81
N ASP A 327 -65.43 -43.09 -5.72
CA ASP A 327 -64.58 -42.84 -4.56
C ASP A 327 -64.15 -41.37 -4.51
N VAL A 328 -63.95 -40.76 -5.67
CA VAL A 328 -63.55 -39.36 -5.75
C VAL A 328 -64.64 -38.44 -5.20
N ASN A 329 -65.87 -38.68 -5.64
CA ASN A 329 -67.00 -37.86 -5.21
C ASN A 329 -67.24 -38.00 -3.71
N ALA A 330 -67.05 -39.21 -3.18
CA ALA A 330 -67.17 -39.44 -1.74
C ALA A 330 -66.08 -38.69 -0.98
N ALA A 331 -64.88 -38.65 -1.56
CA ALA A 331 -63.76 -37.94 -0.96
C ALA A 331 -64.01 -36.43 -0.95
N ILE A 332 -64.48 -35.90 -2.08
CA ILE A 332 -64.72 -34.48 -2.22
C ILE A 332 -65.82 -33.99 -1.27
N ALA A 333 -66.84 -34.82 -1.08
CA ALA A 333 -67.95 -34.47 -0.20
C ALA A 333 -67.47 -34.37 1.24
N THR A 334 -66.62 -35.31 1.65
CA THR A 334 -66.07 -35.33 3.00
C THR A 334 -65.17 -34.13 3.24
N ILE A 335 -64.24 -33.90 2.32
CA ILE A 335 -63.28 -32.81 2.43
C ILE A 335 -63.96 -31.45 2.48
N LYS A 336 -65.05 -31.32 1.74
CA LYS A 336 -65.75 -30.04 1.63
C LYS A 336 -66.30 -29.58 2.98
N THR A 337 -66.72 -30.54 3.80
CA THR A 337 -67.31 -30.23 5.11
C THR A 337 -66.24 -30.00 6.18
N LYS A 338 -65.01 -30.41 5.88
CA LYS A 338 -63.92 -30.32 6.85
C LYS A 338 -63.01 -29.12 6.60
N ARG A 339 -62.82 -28.76 5.32
CA ARG A 339 -61.83 -27.75 4.95
C ARG A 339 -62.43 -26.47 4.38
N SER A 340 -61.65 -25.40 4.38
CA SER A 340 -62.10 -24.05 3.97
C SER A 340 -61.82 -23.83 2.48
N ILE A 341 -62.79 -24.01 1.58
CA ILE A 341 -62.65 -23.90 0.13
C ILE A 341 -63.64 -22.88 -0.43
N GLN A 342 -63.20 -21.63 -0.49
CA GLN A 342 -64.02 -20.54 -1.01
C GLN A 342 -63.69 -20.24 -2.47
N PHE A 343 -64.69 -20.38 -3.34
CA PHE A 343 -64.57 -19.96 -4.73
C PHE A 343 -65.03 -18.52 -4.87
N VAL A 344 -64.55 -17.85 -5.92
CA VAL A 344 -65.03 -16.51 -6.24
C VAL A 344 -66.50 -16.61 -6.66
N ASP A 345 -67.26 -15.57 -6.36
CA ASP A 345 -68.70 -15.57 -6.57
C ASP A 345 -69.10 -15.83 -8.03
N TRP A 346 -68.25 -15.41 -8.96
CA TRP A 346 -68.54 -15.53 -10.38
C TRP A 346 -68.03 -16.85 -10.95
N CYS A 347 -67.67 -17.78 -10.08
CA CYS A 347 -67.27 -19.14 -10.48
C CYS A 347 -68.14 -20.19 -9.81
N PRO A 348 -68.42 -21.30 -10.52
CA PRO A 348 -69.06 -22.44 -9.85
C PRO A 348 -68.11 -23.13 -8.90
N THR A 349 -68.61 -23.57 -7.76
CA THR A 349 -67.82 -24.35 -6.82
C THR A 349 -67.81 -25.81 -7.26
N GLY A 350 -66.75 -26.21 -7.95
CA GLY A 350 -66.66 -27.56 -8.48
C GLY A 350 -65.27 -28.03 -8.80
N PHE A 351 -65.17 -29.26 -9.29
CA PHE A 351 -63.89 -29.89 -9.61
C PHE A 351 -63.97 -30.63 -10.94
N LYS A 352 -63.06 -30.31 -11.86
CA LYS A 352 -62.89 -31.12 -13.05
C LYS A 352 -61.94 -32.26 -12.74
N VAL A 353 -62.38 -33.49 -12.97
CA VAL A 353 -61.62 -34.67 -12.57
C VAL A 353 -61.17 -35.45 -13.79
N GLY A 354 -59.91 -35.88 -13.75
CA GLY A 354 -59.34 -36.73 -14.77
C GLY A 354 -58.68 -37.92 -14.11
N ILE A 355 -58.95 -39.11 -14.65
CA ILE A 355 -58.37 -40.34 -14.12
C ILE A 355 -57.70 -41.12 -15.24
N ASN A 356 -56.45 -41.51 -15.00
CA ASN A 356 -55.74 -42.44 -15.86
C ASN A 356 -55.43 -43.70 -15.06
N TYR A 357 -55.88 -44.84 -15.56
CA TYR A 357 -55.77 -46.08 -14.80
C TYR A 357 -54.31 -46.51 -14.61
N GLN A 358 -53.43 -46.07 -15.51
CA GLN A 358 -52.00 -46.40 -15.42
C GLN A 358 -51.50 -45.73 -14.15
N PRO A 359 -51.00 -46.46 -13.14
CA PRO A 359 -50.41 -45.79 -11.97
C PRO A 359 -49.10 -45.10 -12.33
N PRO A 360 -48.68 -44.11 -11.54
CA PRO A 360 -47.47 -43.35 -11.86
C PRO A 360 -46.23 -44.22 -12.02
N THR A 361 -45.49 -43.99 -13.09
CA THR A 361 -44.24 -44.69 -13.35
C THR A 361 -43.15 -44.06 -12.48
N VAL A 362 -42.21 -44.89 -12.02
CA VAL A 362 -41.08 -44.42 -11.24
C VAL A 362 -39.78 -44.79 -11.93
N VAL A 363 -38.82 -43.88 -11.91
CA VAL A 363 -37.51 -44.13 -12.48
C VAL A 363 -36.82 -45.22 -11.68
N PRO A 364 -36.36 -46.30 -12.35
CA PRO A 364 -35.61 -47.33 -11.62
C PRO A 364 -34.40 -46.76 -10.91
N GLY A 365 -34.25 -47.08 -9.62
CA GLY A 365 -33.15 -46.57 -8.83
C GLY A 365 -33.42 -45.20 -8.25
N GLY A 366 -34.61 -44.66 -8.49
CA GLY A 366 -34.98 -43.35 -7.99
C GLY A 366 -35.27 -43.36 -6.50
N ASP A 367 -35.79 -42.24 -6.01
CA ASP A 367 -36.10 -42.08 -4.59
C ASP A 367 -37.58 -42.33 -4.30
N LEU A 368 -38.41 -42.31 -5.34
CA LEU A 368 -39.84 -42.49 -5.18
C LEU A 368 -40.27 -43.95 -5.22
N ALA A 369 -41.12 -44.33 -4.29
CA ALA A 369 -41.69 -45.68 -4.25
C ALA A 369 -42.88 -45.77 -5.20
N LYS A 370 -43.10 -46.95 -5.75
CA LYS A 370 -44.29 -47.20 -6.55
C LYS A 370 -45.53 -47.10 -5.66
N VAL A 371 -46.59 -46.53 -6.20
CA VAL A 371 -47.85 -46.41 -5.48
C VAL A 371 -48.99 -46.90 -6.36
N GLN A 372 -50.12 -47.23 -5.74
CA GLN A 372 -51.27 -47.75 -6.46
C GLN A 372 -52.18 -46.63 -6.97
N ARG A 373 -52.10 -45.47 -6.32
CA ARG A 373 -52.85 -44.31 -6.77
C ARG A 373 -52.19 -43.01 -6.33
N ALA A 374 -52.12 -42.06 -7.26
CA ALA A 374 -51.55 -40.74 -7.00
C ALA A 374 -52.46 -39.69 -7.60
N VAL A 375 -52.31 -38.45 -7.14
CA VAL A 375 -53.12 -37.34 -7.63
C VAL A 375 -52.32 -36.05 -7.66
N CYS A 376 -52.56 -35.25 -8.69
CA CYS A 376 -52.04 -33.89 -8.76
C CYS A 376 -53.20 -32.91 -8.91
N MET A 377 -53.35 -32.01 -7.94
CA MET A 377 -54.38 -30.99 -8.01
C MET A 377 -53.83 -29.72 -8.63
N LEU A 378 -54.57 -29.19 -9.60
CA LEU A 378 -54.26 -27.90 -10.20
C LEU A 378 -55.35 -26.91 -9.81
N SER A 379 -55.05 -26.04 -8.86
CA SER A 379 -55.99 -25.06 -8.38
C SER A 379 -55.50 -23.64 -8.64
N ASN A 380 -56.37 -22.81 -9.20
CA ASN A 380 -56.06 -21.39 -9.39
C ASN A 380 -56.58 -20.62 -8.18
N THR A 381 -55.70 -20.45 -7.19
CA THR A 381 -56.04 -19.75 -5.96
C THR A 381 -55.23 -18.48 -5.84
N THR A 382 -55.84 -17.44 -5.30
CA THR A 382 -55.18 -16.16 -5.15
C THR A 382 -54.08 -16.21 -4.10
N ALA A 383 -54.05 -17.31 -3.34
CA ALA A 383 -53.07 -17.49 -2.26
C ALA A 383 -51.65 -17.57 -2.79
N ILE A 384 -51.49 -17.98 -4.05
CA ILE A 384 -50.17 -18.11 -4.66
C ILE A 384 -49.48 -16.75 -4.75
N ALA A 385 -50.25 -15.68 -4.60
CA ALA A 385 -49.73 -14.33 -4.67
C ALA A 385 -48.76 -14.04 -3.53
N GLU A 386 -48.82 -14.85 -2.48
CA GLU A 386 -47.88 -14.74 -1.36
C GLU A 386 -46.44 -14.85 -1.85
N ALA A 387 -46.26 -15.62 -2.92
CA ALA A 387 -44.93 -15.82 -3.50
C ALA A 387 -44.48 -14.57 -4.24
N TRP A 388 -45.41 -13.86 -4.86
CA TRP A 388 -45.10 -12.59 -5.51
C TRP A 388 -44.74 -11.55 -4.44
N ALA A 389 -45.42 -11.64 -3.31
CA ALA A 389 -45.21 -10.71 -2.20
C ALA A 389 -43.81 -10.87 -1.62
N ARG A 390 -43.41 -12.12 -1.37
CA ARG A 390 -42.07 -12.40 -0.87
C ARG A 390 -41.00 -11.88 -1.81
N LEU A 391 -41.22 -12.12 -3.10
CA LEU A 391 -40.25 -11.81 -4.14
C LEU A 391 -40.07 -10.31 -4.31
N ASP A 392 -41.19 -9.61 -4.33
CA ASP A 392 -41.18 -8.16 -4.53
C ASP A 392 -40.58 -7.44 -3.34
N HIS A 393 -40.75 -8.00 -2.14
CA HIS A 393 -40.17 -7.41 -0.93
C HIS A 393 -38.65 -7.44 -1.00
N LYS A 394 -38.10 -8.59 -1.40
CA LYS A 394 -36.65 -8.73 -1.55
C LYS A 394 -36.14 -7.80 -2.65
N PHE A 395 -36.93 -7.66 -3.71
CA PHE A 395 -36.61 -6.77 -4.81
C PHE A 395 -36.54 -5.32 -4.34
N ASP A 396 -37.47 -4.94 -3.47
CA ASP A 396 -37.55 -3.56 -2.98
C ASP A 396 -36.38 -3.22 -2.07
N LEU A 397 -35.96 -4.17 -1.24
CA LEU A 397 -34.86 -3.95 -0.32
C LEU A 397 -33.56 -3.61 -1.06
N MET A 398 -33.26 -4.39 -2.10
CA MET A 398 -32.03 -4.21 -2.86
C MET A 398 -32.10 -2.99 -3.78
N TYR A 399 -33.25 -2.77 -4.39
CA TYR A 399 -33.39 -1.70 -5.38
C TYR A 399 -33.45 -0.33 -4.73
N ALA A 400 -33.85 -0.28 -3.46
CA ALA A 400 -33.90 0.98 -2.73
C ALA A 400 -32.50 1.60 -2.65
N LYS A 401 -31.49 0.73 -2.64
CA LYS A 401 -30.10 1.15 -2.58
C LYS A 401 -29.42 0.99 -3.94
N ARG A 402 -30.19 0.58 -4.94
CA ARG A 402 -29.70 0.37 -6.29
C ARG A 402 -28.53 -0.62 -6.30
N ALA A 403 -28.56 -1.57 -5.37
CA ALA A 403 -27.51 -2.57 -5.27
C ALA A 403 -27.51 -3.49 -6.48
N PHE A 404 -26.32 -3.72 -7.04
CA PHE A 404 -26.10 -4.62 -8.18
C PHE A 404 -26.70 -4.10 -9.50
N VAL A 405 -27.40 -2.98 -9.46
CA VAL A 405 -28.07 -2.45 -10.65
C VAL A 405 -27.08 -2.14 -11.77
N HIS A 406 -25.86 -1.75 -11.41
CA HIS A 406 -24.87 -1.36 -12.41
C HIS A 406 -24.50 -2.51 -13.34
N TRP A 407 -24.69 -3.74 -12.87
CA TRP A 407 -24.43 -4.93 -13.67
C TRP A 407 -25.41 -5.01 -14.84
N TYR A 408 -26.63 -4.52 -14.61
CA TYR A 408 -27.67 -4.56 -15.61
C TYR A 408 -27.57 -3.39 -16.57
N VAL A 409 -27.30 -2.21 -16.01
CA VAL A 409 -27.15 -1.00 -16.81
C VAL A 409 -25.93 -1.13 -17.72
N GLY A 410 -24.93 -1.89 -17.27
CA GLY A 410 -23.72 -2.10 -18.03
C GLY A 410 -23.90 -3.02 -19.22
N GLU A 411 -25.06 -3.66 -19.32
CA GLU A 411 -25.38 -4.56 -20.44
C GLU A 411 -26.33 -3.90 -21.43
N GLY A 412 -26.69 -2.65 -21.18
CA GLY A 412 -27.51 -1.88 -22.11
C GLY A 412 -28.95 -1.74 -21.68
N MET A 413 -29.27 -2.24 -20.49
CA MET A 413 -30.62 -2.12 -19.95
C MET A 413 -30.75 -0.76 -19.25
N GLU A 414 -31.93 -0.15 -19.34
CA GLU A 414 -32.18 1.10 -18.63
C GLU A 414 -32.66 0.83 -17.22
N GLU A 415 -32.27 1.70 -16.29
CA GLU A 415 -32.69 1.60 -14.91
C GLU A 415 -34.21 1.69 -14.78
N GLY A 416 -34.83 2.33 -15.76
CA GLY A 416 -36.28 2.49 -15.75
C GLY A 416 -37.02 1.18 -15.88
N GLU A 417 -36.40 0.21 -16.55
CA GLU A 417 -37.03 -1.10 -16.74
C GLU A 417 -37.21 -1.83 -15.41
N PHE A 418 -36.34 -1.54 -14.45
CA PHE A 418 -36.48 -2.09 -13.11
C PHE A 418 -37.80 -1.66 -12.48
N SER A 419 -38.07 -0.35 -12.54
CA SER A 419 -39.24 0.22 -11.91
C SER A 419 -40.52 -0.07 -12.71
N GLU A 420 -40.38 -0.20 -14.03
CA GLU A 420 -41.50 -0.57 -14.88
C GLU A 420 -41.92 -2.00 -14.56
N ALA A 421 -40.93 -2.87 -14.36
CA ALA A 421 -41.17 -4.25 -14.02
C ALA A 421 -41.81 -4.36 -12.64
N ARG A 422 -41.32 -3.54 -11.71
CA ARG A 422 -41.79 -3.59 -10.33
C ARG A 422 -43.21 -3.07 -10.19
N GLU A 423 -43.58 -2.10 -11.02
CA GLU A 423 -44.92 -1.53 -10.99
C GLU A 423 -45.92 -2.47 -11.62
N ASP A 424 -45.46 -3.25 -12.60
CA ASP A 424 -46.29 -4.27 -13.22
C ASP A 424 -46.60 -5.37 -12.21
N MET A 425 -45.63 -5.65 -11.34
CA MET A 425 -45.81 -6.62 -10.26
C MET A 425 -46.73 -6.07 -9.18
N ALA A 426 -46.68 -4.76 -8.96
CA ALA A 426 -47.52 -4.11 -7.97
C ALA A 426 -48.98 -4.19 -8.40
N ALA A 427 -49.20 -4.07 -9.70
CA ALA A 427 -50.54 -4.19 -10.26
C ALA A 427 -51.03 -5.63 -10.19
N LEU A 428 -50.10 -6.57 -10.38
CA LEU A 428 -50.44 -7.98 -10.31
C LEU A 428 -50.87 -8.37 -8.91
N GLU A 429 -50.14 -7.88 -7.90
CA GLU A 429 -50.48 -8.16 -6.51
C GLU A 429 -51.83 -7.56 -6.15
N LYS A 430 -52.16 -6.42 -6.75
CA LYS A 430 -53.44 -5.77 -6.49
C LYS A 430 -54.58 -6.54 -7.15
N ASP A 431 -54.34 -7.08 -8.34
CA ASP A 431 -55.33 -7.90 -9.02
C ASP A 431 -55.72 -9.09 -8.16
N TYR A 432 -54.70 -9.81 -7.68
CA TYR A 432 -54.90 -10.97 -6.82
C TYR A 432 -55.72 -10.63 -5.58
N GLU A 433 -55.56 -9.41 -5.09
CA GLU A 433 -56.22 -8.99 -3.86
C GLU A 433 -57.67 -8.59 -4.13
N GLU A 434 -57.93 -7.95 -5.26
CA GLU A 434 -59.30 -7.61 -5.63
C GLU A 434 -60.13 -8.87 -5.72
N VAL A 435 -59.61 -9.86 -6.43
CA VAL A 435 -60.29 -11.14 -6.61
C VAL A 435 -60.37 -11.93 -5.32
N GLY A 436 -59.34 -11.82 -4.48
CA GLY A 436 -59.16 -12.72 -3.35
C GLY A 436 -59.76 -12.31 -2.03
N VAL A 437 -60.09 -11.03 -1.87
CA VAL A 437 -60.71 -10.55 -0.62
C VAL A 437 -61.83 -9.57 -0.92
N ARG B 2 -13.48 -21.83 -19.91
CA ARG B 2 -13.26 -20.46 -19.46
C ARG B 2 -11.86 -20.30 -18.89
N GLU B 3 -10.92 -19.88 -19.73
CA GLU B 3 -9.52 -19.76 -19.32
C GLU B 3 -9.23 -18.47 -18.58
N ILE B 4 -8.33 -18.55 -17.60
CA ILE B 4 -7.81 -17.38 -16.89
C ILE B 4 -6.34 -17.18 -17.20
N VAL B 5 -5.95 -15.94 -17.49
CA VAL B 5 -4.55 -15.60 -17.72
C VAL B 5 -3.96 -15.01 -16.46
N HIS B 6 -2.92 -15.65 -15.94
CA HIS B 6 -2.29 -15.21 -14.69
C HIS B 6 -1.07 -14.33 -14.96
N ILE B 7 -0.89 -13.31 -14.13
CA ILE B 7 0.23 -12.40 -14.24
C ILE B 7 0.79 -12.13 -12.85
N GLN B 8 2.11 -12.18 -12.71
CA GLN B 8 2.77 -11.87 -11.45
C GLN B 8 3.89 -10.86 -11.67
N ALA B 9 3.84 -9.76 -10.92
CA ALA B 9 4.69 -8.61 -11.16
C ALA B 9 5.48 -8.21 -9.93
N GLY B 10 6.78 -7.98 -10.12
CA GLY B 10 7.64 -7.52 -9.04
C GLY B 10 8.13 -8.64 -8.16
N GLN B 11 8.85 -8.27 -7.10
CA GLN B 11 9.42 -9.25 -6.18
C GLN B 11 8.34 -10.04 -5.45
N CYS B 12 7.49 -9.33 -4.72
CA CYS B 12 6.40 -9.94 -3.97
C CYS B 12 5.48 -10.73 -4.90
N GLY B 13 5.04 -10.10 -5.98
CA GLY B 13 4.15 -10.72 -6.94
C GLY B 13 4.65 -12.06 -7.45
N ASN B 14 5.94 -12.15 -7.74
CA ASN B 14 6.53 -13.37 -8.25
C ASN B 14 6.79 -14.41 -7.16
N GLN B 15 7.02 -13.94 -5.94
CA GLN B 15 7.32 -14.85 -4.84
C GLN B 15 6.07 -15.55 -4.31
N ILE B 16 4.95 -14.83 -4.26
CA ILE B 16 3.68 -15.45 -3.90
C ILE B 16 3.06 -16.15 -5.11
N GLY B 17 3.32 -15.58 -6.29
CA GLY B 17 2.83 -16.16 -7.53
C GLY B 17 3.39 -17.55 -7.77
N ALA B 18 4.69 -17.70 -7.52
CA ALA B 18 5.35 -18.99 -7.68
C ALA B 18 4.83 -19.98 -6.65
N LYS B 19 4.68 -19.51 -5.41
CA LYS B 19 4.16 -20.33 -4.32
C LYS B 19 2.74 -20.78 -4.64
N PHE B 20 1.97 -19.92 -5.28
CA PHE B 20 0.61 -20.24 -5.67
C PHE B 20 0.57 -21.39 -6.67
N TRP B 21 1.40 -21.30 -7.71
CA TRP B 21 1.45 -22.34 -8.73
C TRP B 21 1.99 -23.64 -8.15
N GLU B 22 2.88 -23.52 -7.17
CA GLU B 22 3.41 -24.68 -6.47
C GLU B 22 2.29 -25.43 -5.74
N VAL B 23 1.48 -24.67 -4.99
CA VAL B 23 0.43 -25.26 -4.18
C VAL B 23 -0.68 -25.91 -5.00
N ILE B 24 -1.21 -25.20 -6.00
CA ILE B 24 -2.36 -25.72 -6.75
C ILE B 24 -1.92 -26.78 -7.76
N SER B 25 -0.66 -26.77 -8.16
CA SER B 25 -0.13 -27.82 -9.04
C SER B 25 -0.18 -29.15 -8.31
N ASP B 26 0.12 -29.13 -7.02
CA ASP B 26 0.06 -30.32 -6.19
C ASP B 26 -1.38 -30.80 -6.04
N GLU B 27 -2.30 -29.84 -5.93
CA GLU B 27 -3.72 -30.16 -5.77
C GLU B 27 -4.30 -30.76 -7.06
N HIS B 28 -3.76 -30.34 -8.21
CA HIS B 28 -4.21 -30.84 -9.50
C HIS B 28 -3.36 -32.01 -9.98
N GLY B 29 -2.44 -32.46 -9.13
CA GLY B 29 -1.64 -33.64 -9.42
C GLY B 29 -0.59 -33.42 -10.48
N ILE B 30 -0.18 -32.18 -10.68
CA ILE B 30 0.85 -31.83 -11.66
C ILE B 30 2.21 -31.72 -10.99
N ASP B 31 3.20 -32.43 -11.52
CA ASP B 31 4.55 -32.40 -10.96
C ASP B 31 5.37 -31.30 -11.64
N PRO B 32 6.55 -30.97 -11.09
CA PRO B 32 7.42 -29.94 -11.68
C PRO B 32 7.71 -30.17 -13.16
N THR B 33 7.63 -31.41 -13.61
CA THR B 33 7.86 -31.73 -15.02
C THR B 33 6.69 -31.27 -15.87
N GLY B 34 5.52 -31.14 -15.25
CA GLY B 34 4.30 -30.78 -15.95
C GLY B 34 3.44 -31.99 -16.25
N SER B 35 3.82 -33.14 -15.69
CA SER B 35 3.09 -34.38 -15.90
C SER B 35 2.05 -34.60 -14.80
N TYR B 36 0.90 -35.14 -15.18
CA TYR B 36 -0.14 -35.46 -14.22
C TYR B 36 0.12 -36.82 -13.56
N HIS B 37 -0.02 -36.87 -12.24
CA HIS B 37 0.14 -38.10 -11.48
C HIS B 37 -0.83 -38.14 -10.30
N GLY B 38 -2.12 -38.05 -10.60
CA GLY B 38 -3.15 -38.05 -9.59
C GLY B 38 -4.09 -39.24 -9.70
N ASP B 39 -4.94 -39.41 -8.70
CA ASP B 39 -5.81 -40.59 -8.61
C ASP B 39 -7.30 -40.25 -8.76
N SER B 40 -7.62 -38.97 -8.82
CA SER B 40 -9.01 -38.51 -8.95
C SER B 40 -9.20 -37.73 -10.25
N ASP B 41 -10.33 -37.95 -10.91
CA ASP B 41 -10.66 -37.25 -12.14
C ASP B 41 -11.19 -35.84 -11.86
N LEU B 42 -11.57 -35.58 -10.62
CA LEU B 42 -11.98 -34.24 -10.20
C LEU B 42 -10.84 -33.24 -10.45
N GLN B 43 -9.62 -33.73 -10.38
CA GLN B 43 -8.43 -32.88 -10.50
C GLN B 43 -8.26 -32.27 -11.89
N LEU B 44 -8.73 -32.99 -12.92
CA LEU B 44 -8.47 -32.61 -14.31
C LEU B 44 -9.67 -32.01 -15.03
N GLU B 45 -10.84 -32.07 -14.38
CA GLU B 45 -12.08 -31.66 -15.04
C GLU B 45 -12.05 -30.20 -15.50
N ARG B 46 -11.52 -29.32 -14.65
CA ARG B 46 -11.44 -27.89 -14.97
C ARG B 46 -10.00 -27.37 -14.92
N ILE B 47 -9.04 -28.25 -15.19
CA ILE B 47 -7.63 -27.85 -15.13
C ILE B 47 -7.28 -26.91 -16.27
N ASN B 48 -8.19 -26.77 -17.23
CA ASN B 48 -7.96 -25.89 -18.38
C ASN B 48 -8.07 -24.41 -18.00
N VAL B 49 -8.69 -24.14 -16.85
CA VAL B 49 -8.87 -22.77 -16.38
C VAL B 49 -7.53 -22.08 -16.17
N TYR B 50 -6.55 -22.84 -15.66
CA TYR B 50 -5.25 -22.29 -15.28
C TYR B 50 -4.09 -22.86 -16.10
N TYR B 51 -4.27 -24.06 -16.65
CA TYR B 51 -3.20 -24.75 -17.38
C TYR B 51 -3.48 -24.90 -18.87
N ASN B 52 -2.44 -24.71 -19.67
CA ASN B 52 -2.49 -25.04 -21.09
C ASN B 52 -2.02 -26.48 -21.29
N GLU B 53 -2.66 -27.18 -22.23
CA GLU B 53 -2.30 -28.57 -22.51
C GLU B 53 -1.23 -28.62 -23.59
N ALA B 54 -0.17 -29.38 -23.33
CA ALA B 54 1.00 -29.43 -24.20
C ALA B 54 1.29 -30.84 -24.69
N THR B 55 2.36 -30.97 -25.47
CA THR B 55 2.76 -32.25 -26.05
C THR B 55 3.07 -33.29 -24.96
N GLY B 56 2.67 -34.54 -25.22
CA GLY B 56 2.86 -35.60 -24.25
C GLY B 56 1.89 -35.46 -23.08
N ASN B 57 0.76 -34.82 -23.36
CA ASN B 57 -0.22 -34.51 -22.33
C ASN B 57 0.43 -33.81 -21.13
N LYS B 58 1.23 -32.79 -21.44
CA LYS B 58 1.91 -32.00 -20.42
C LYS B 58 1.09 -30.74 -20.16
N TYR B 59 0.99 -30.36 -18.89
CA TYR B 59 0.24 -29.17 -18.50
C TYR B 59 1.16 -28.02 -18.14
N VAL B 60 0.92 -26.87 -18.75
CA VAL B 60 1.77 -25.69 -18.60
C VAL B 60 0.94 -24.51 -18.11
N PRO B 61 1.31 -23.93 -16.95
CA PRO B 61 0.59 -22.77 -16.41
C PRO B 61 0.40 -21.63 -17.41
N ARG B 62 -0.82 -21.09 -17.45
CA ARG B 62 -1.11 -19.92 -18.27
C ARG B 62 -0.66 -18.69 -17.50
N ALA B 63 0.63 -18.62 -17.23
CA ALA B 63 1.21 -17.61 -16.34
C ALA B 63 2.25 -16.78 -17.05
N ILE B 64 2.26 -15.49 -16.73
CA ILE B 64 3.24 -14.55 -17.26
C ILE B 64 3.98 -13.89 -16.11
N LEU B 65 5.31 -14.04 -16.10
CA LEU B 65 6.14 -13.54 -15.02
C LEU B 65 6.80 -12.24 -15.44
N VAL B 66 6.63 -11.19 -14.62
CA VAL B 66 7.08 -9.85 -14.96
C VAL B 66 7.90 -9.22 -13.84
N ASP B 67 8.99 -8.55 -14.20
CA ASP B 67 9.76 -7.78 -13.24
C ASP B 67 10.71 -6.83 -13.97
N LEU B 68 11.14 -5.76 -13.29
CA LEU B 68 12.06 -4.81 -13.88
C LEU B 68 13.51 -5.13 -13.50
N GLU B 69 13.69 -6.21 -12.74
CA GLU B 69 15.01 -6.77 -12.50
C GLU B 69 14.91 -8.30 -12.50
N PRO B 70 16.00 -8.99 -12.89
CA PRO B 70 15.95 -10.45 -13.07
C PRO B 70 16.16 -11.26 -11.80
N GLY B 71 16.52 -10.60 -10.70
CA GLY B 71 16.84 -11.30 -9.46
C GLY B 71 15.81 -12.31 -9.00
N THR B 72 14.61 -11.83 -8.67
CA THR B 72 13.58 -12.69 -8.12
C THR B 72 13.12 -13.77 -9.11
N MET B 73 13.06 -13.41 -10.39
CA MET B 73 12.58 -14.34 -11.41
C MET B 73 13.60 -15.43 -11.70
N ASP B 74 14.88 -15.12 -11.47
CA ASP B 74 15.93 -16.13 -11.57
C ASP B 74 15.81 -17.11 -10.41
N SER B 75 15.36 -16.63 -9.25
CA SER B 75 15.12 -17.49 -8.10
C SER B 75 13.91 -18.38 -8.33
N VAL B 76 12.92 -17.86 -9.06
CA VAL B 76 11.73 -18.64 -9.41
C VAL B 76 12.11 -19.78 -10.34
N ARG B 77 12.95 -19.47 -11.33
CA ARG B 77 13.32 -20.42 -12.36
C ARG B 77 14.18 -21.56 -11.81
N SER B 78 14.81 -21.32 -10.67
CA SER B 78 15.63 -22.32 -9.99
C SER B 78 14.89 -22.90 -8.79
N GLY B 79 13.68 -22.41 -8.55
CA GLY B 79 12.86 -22.89 -7.45
C GLY B 79 12.28 -24.26 -7.75
N PRO B 80 11.49 -24.81 -6.82
CA PRO B 80 10.90 -26.15 -6.93
C PRO B 80 10.19 -26.39 -8.27
N PHE B 81 9.13 -25.63 -8.53
CA PHE B 81 8.35 -25.77 -9.75
C PHE B 81 8.79 -24.75 -10.80
N GLY B 82 10.06 -24.33 -10.73
CA GLY B 82 10.57 -23.30 -11.62
C GLY B 82 10.55 -23.68 -13.09
N GLN B 83 10.62 -24.96 -13.38
CA GLN B 83 10.71 -25.43 -14.77
C GLN B 83 9.36 -25.59 -15.45
N ILE B 84 8.29 -25.59 -14.65
CA ILE B 84 6.95 -25.80 -15.21
C ILE B 84 6.54 -24.62 -16.08
N PHE B 85 7.02 -23.44 -15.71
CA PHE B 85 6.63 -22.21 -16.40
C PHE B 85 7.18 -22.15 -17.82
N ARG B 86 6.37 -21.60 -18.72
CA ARG B 86 6.75 -21.42 -20.11
C ARG B 86 7.88 -20.39 -20.21
N PRO B 87 9.08 -20.81 -20.68
CA PRO B 87 10.24 -19.91 -20.63
C PRO B 87 10.04 -18.60 -21.38
N ASP B 88 9.25 -18.61 -22.45
CA ASP B 88 8.98 -17.40 -23.22
C ASP B 88 8.13 -16.40 -22.44
N ASN B 89 7.46 -16.87 -21.39
CA ASN B 89 6.60 -16.00 -20.59
C ASN B 89 7.38 -15.26 -19.49
N PHE B 90 8.69 -15.43 -19.48
CA PHE B 90 9.57 -14.66 -18.59
C PHE B 90 9.94 -13.34 -19.26
N VAL B 91 9.34 -12.26 -18.79
CA VAL B 91 9.54 -10.93 -19.38
C VAL B 91 10.12 -9.98 -18.33
N PHE B 92 11.39 -9.61 -18.49
CA PHE B 92 12.06 -8.82 -17.46
C PHE B 92 13.01 -7.76 -18.00
N GLY B 93 13.08 -6.65 -17.27
CA GLY B 93 14.05 -5.60 -17.54
C GLY B 93 15.30 -5.82 -16.70
N GLN B 94 16.15 -4.80 -16.62
CA GLN B 94 17.41 -4.89 -15.89
C GLN B 94 17.60 -3.75 -14.89
N SER B 95 16.80 -2.70 -15.04
CA SER B 95 17.02 -1.46 -14.31
C SER B 95 16.37 -1.40 -12.93
N GLY B 96 15.37 -2.24 -12.70
CA GLY B 96 14.65 -2.23 -11.43
C GLY B 96 13.81 -0.97 -11.29
N ALA B 97 13.07 -0.87 -10.19
CA ALA B 97 12.14 0.24 -10.00
C ALA B 97 12.41 1.03 -8.72
N GLY B 98 13.35 0.56 -7.91
CA GLY B 98 13.74 1.27 -6.70
C GLY B 98 12.59 1.62 -5.77
N ASN B 99 11.66 0.68 -5.61
CA ASN B 99 10.48 0.88 -4.77
C ASN B 99 9.77 2.19 -5.12
N ASN B 100 9.78 2.51 -6.41
CA ASN B 100 9.27 3.79 -6.92
C ASN B 100 8.11 3.59 -7.89
N TRP B 101 6.91 3.98 -7.48
CA TRP B 101 5.71 3.82 -8.30
C TRP B 101 5.87 4.50 -9.65
N ALA B 102 6.44 5.70 -9.65
CA ALA B 102 6.63 6.46 -10.87
C ALA B 102 7.50 5.71 -11.87
N LYS B 103 8.56 5.08 -11.39
CA LYS B 103 9.46 4.33 -12.26
C LYS B 103 8.74 3.15 -12.90
N GLY B 104 7.88 2.49 -12.12
CA GLY B 104 7.14 1.35 -12.60
C GLY B 104 6.02 1.75 -13.56
N HIS B 105 5.42 2.92 -13.31
CA HIS B 105 4.23 3.32 -14.06
C HIS B 105 4.53 4.18 -15.27
N TYR B 106 5.57 5.02 -15.20
CA TYR B 106 5.77 6.09 -16.17
C TYR B 106 7.06 6.03 -16.99
N THR B 107 8.15 5.55 -16.40
CA THR B 107 9.45 5.55 -17.07
C THR B 107 9.96 4.13 -17.32
N GLU B 108 10.57 3.52 -16.31
CA GLU B 108 11.19 2.20 -16.47
C GLU B 108 10.20 1.15 -16.97
N GLY B 109 9.00 1.16 -16.41
CA GLY B 109 8.00 0.16 -16.75
C GLY B 109 7.34 0.39 -18.09
N ALA B 110 7.19 1.66 -18.47
CA ALA B 110 6.59 2.01 -19.74
C ALA B 110 7.44 1.48 -20.91
N GLU B 111 8.73 1.30 -20.64
CA GLU B 111 9.67 0.81 -21.64
C GLU B 111 9.48 -0.69 -21.89
N LEU B 112 9.00 -1.39 -20.88
CA LEU B 112 8.92 -2.85 -20.92
C LEU B 112 7.49 -3.38 -21.16
N VAL B 113 6.49 -2.54 -20.92
CA VAL B 113 5.10 -3.00 -20.84
C VAL B 113 4.59 -3.61 -22.14
N ASP B 114 5.07 -3.13 -23.28
CA ASP B 114 4.61 -3.63 -24.58
C ASP B 114 5.06 -5.08 -24.79
N SER B 115 6.27 -5.41 -24.35
CA SER B 115 6.77 -6.78 -24.43
C SER B 115 5.88 -7.71 -23.63
N VAL B 116 5.41 -7.25 -22.48
CA VAL B 116 4.55 -8.05 -21.62
C VAL B 116 3.21 -8.29 -22.31
N LEU B 117 2.65 -7.24 -22.91
CA LEU B 117 1.35 -7.34 -23.57
C LEU B 117 1.39 -8.23 -24.80
N ASP B 118 2.57 -8.40 -25.40
CA ASP B 118 2.72 -9.31 -26.53
C ASP B 118 2.52 -10.75 -26.07
N VAL B 119 2.99 -11.06 -24.87
CA VAL B 119 2.85 -12.38 -24.29
C VAL B 119 1.41 -12.62 -23.83
N VAL B 120 0.83 -11.61 -23.20
CA VAL B 120 -0.57 -11.67 -22.78
C VAL B 120 -1.45 -11.98 -23.99
N ARG B 121 -1.18 -11.28 -25.08
CA ARG B 121 -1.95 -11.45 -26.31
C ARG B 121 -1.75 -12.84 -26.89
N LYS B 122 -0.51 -13.34 -26.87
CA LYS B 122 -0.22 -14.66 -27.40
C LYS B 122 -0.98 -15.73 -26.62
N GLU B 123 -1.07 -15.55 -25.31
CA GLU B 123 -1.77 -16.50 -24.46
C GLU B 123 -3.28 -16.42 -24.71
N SER B 124 -3.79 -15.21 -24.88
CA SER B 124 -5.22 -14.97 -24.97
C SER B 124 -5.87 -15.58 -26.22
N GLU B 125 -5.11 -15.68 -27.31
CA GLU B 125 -5.65 -16.16 -28.56
C GLU B 125 -5.70 -17.69 -28.62
N SER B 126 -4.97 -18.32 -27.70
CA SER B 126 -5.05 -19.77 -27.54
C SER B 126 -6.33 -20.16 -26.81
N CYS B 127 -6.87 -19.20 -26.05
CA CYS B 127 -8.05 -19.46 -25.22
C CYS B 127 -9.30 -19.67 -26.05
N ASP B 128 -10.02 -20.73 -25.74
CA ASP B 128 -11.32 -20.98 -26.36
C ASP B 128 -12.29 -19.88 -25.96
N CYS B 129 -12.33 -19.57 -24.68
CA CYS B 129 -13.17 -18.48 -24.18
C CYS B 129 -12.55 -17.85 -22.93
N LEU B 130 -11.65 -16.89 -23.14
CA LEU B 130 -11.00 -16.18 -22.03
C LEU B 130 -12.03 -15.48 -21.16
N GLN B 131 -12.04 -15.77 -19.86
CA GLN B 131 -12.95 -15.10 -18.93
C GLN B 131 -12.29 -13.87 -18.32
N GLY B 132 -10.97 -13.91 -18.16
CA GLY B 132 -10.27 -12.74 -17.67
C GLY B 132 -8.85 -12.96 -17.19
N PHE B 133 -8.42 -12.06 -16.30
CA PHE B 133 -7.04 -12.01 -15.82
C PHE B 133 -7.01 -11.97 -14.30
N GLN B 134 -5.97 -12.57 -13.72
CA GLN B 134 -5.68 -12.35 -12.31
C GLN B 134 -4.22 -11.92 -12.13
N LEU B 135 -4.01 -10.87 -11.36
CA LEU B 135 -2.68 -10.32 -11.09
C LEU B 135 -2.29 -10.52 -9.63
N THR B 136 -1.05 -10.93 -9.42
CA THR B 136 -0.47 -10.97 -8.08
C THR B 136 0.65 -9.93 -8.01
N HIS B 137 0.61 -9.12 -6.96
CA HIS B 137 1.58 -8.03 -6.80
C HIS B 137 1.45 -7.38 -5.43
N SER B 138 2.48 -6.64 -5.05
CA SER B 138 2.42 -5.77 -3.88
C SER B 138 2.10 -4.35 -4.33
N LEU B 139 1.63 -3.53 -3.40
CA LEU B 139 1.31 -2.14 -3.69
C LEU B 139 2.35 -1.19 -3.09
N GLY B 140 3.31 -1.74 -2.36
CA GLY B 140 4.27 -0.94 -1.62
C GLY B 140 5.58 -0.69 -2.35
N GLY B 141 5.83 -1.45 -3.41
CA GLY B 141 7.06 -1.31 -4.17
C GLY B 141 6.90 -0.45 -5.40
N GLY B 142 7.69 -0.74 -6.43
CA GLY B 142 7.68 0.03 -7.65
C GLY B 142 7.13 -0.73 -8.84
N THR B 143 7.62 -1.95 -9.05
CA THR B 143 7.24 -2.74 -10.21
C THR B 143 5.81 -3.25 -10.09
N GLY B 144 5.57 -4.12 -9.12
CA GLY B 144 4.26 -4.70 -8.91
C GLY B 144 3.19 -3.64 -8.72
N SER B 145 3.54 -2.57 -8.03
CA SER B 145 2.61 -1.48 -7.75
C SER B 145 2.44 -0.56 -8.96
N GLY B 146 3.56 -0.01 -9.43
CA GLY B 146 3.53 0.96 -10.52
C GLY B 146 3.31 0.34 -11.88
N MET B 147 4.11 -0.65 -12.24
CA MET B 147 4.02 -1.28 -13.55
C MET B 147 2.81 -2.22 -13.60
N GLY B 148 2.46 -2.80 -12.46
CA GLY B 148 1.32 -3.69 -12.39
C GLY B 148 0.03 -2.98 -12.73
N THR B 149 -0.15 -1.78 -12.18
CA THR B 149 -1.36 -1.00 -12.43
C THR B 149 -1.33 -0.41 -13.84
N LEU B 150 -0.13 -0.21 -14.38
CA LEU B 150 0.00 0.21 -15.78
C LEU B 150 -0.47 -0.91 -16.68
N LEU B 151 -0.05 -2.13 -16.36
CA LEU B 151 -0.48 -3.31 -17.11
C LEU B 151 -1.99 -3.47 -17.08
N ILE B 152 -2.56 -3.32 -15.90
CA ILE B 152 -4.01 -3.43 -15.72
C ILE B 152 -4.75 -2.45 -16.61
N SER B 153 -4.26 -1.21 -16.65
CA SER B 153 -4.89 -0.16 -17.44
C SER B 153 -4.85 -0.49 -18.94
N LYS B 154 -3.74 -1.08 -19.39
CA LYS B 154 -3.55 -1.39 -20.80
C LYS B 154 -4.27 -2.67 -21.19
N ILE B 155 -4.39 -3.61 -20.26
CA ILE B 155 -5.15 -4.82 -20.49
C ILE B 155 -6.63 -4.48 -20.62
N ARG B 156 -7.10 -3.54 -19.80
CA ARG B 156 -8.49 -3.11 -19.84
C ARG B 156 -8.80 -2.44 -21.17
N GLU B 157 -7.78 -1.78 -21.74
CA GLU B 157 -7.95 -1.08 -23.01
C GLU B 157 -8.14 -2.07 -24.14
N GLU B 158 -7.40 -3.18 -24.08
CA GLU B 158 -7.39 -4.17 -25.14
C GLU B 158 -8.40 -5.30 -24.89
N TYR B 159 -8.84 -5.44 -23.64
CA TYR B 159 -9.85 -6.43 -23.28
C TYR B 159 -10.87 -5.83 -22.30
N PRO B 160 -11.62 -4.81 -22.76
CA PRO B 160 -12.52 -4.08 -21.86
C PRO B 160 -13.74 -4.88 -21.40
N ASP B 161 -14.00 -6.03 -22.02
CA ASP B 161 -15.15 -6.86 -21.67
C ASP B 161 -14.74 -8.12 -20.91
N ARG B 162 -13.50 -8.13 -20.41
CA ARG B 162 -12.98 -9.24 -19.61
C ARG B 162 -12.89 -8.83 -18.15
N ILE B 163 -12.94 -9.80 -17.24
CA ILE B 163 -12.82 -9.53 -15.82
C ILE B 163 -11.36 -9.37 -15.41
N MET B 164 -11.09 -8.34 -14.62
CA MET B 164 -9.77 -8.13 -14.03
C MET B 164 -9.83 -8.41 -12.53
N ASN B 165 -8.98 -9.33 -12.09
CA ASN B 165 -8.93 -9.75 -10.69
C ASN B 165 -7.52 -9.53 -10.17
N THR B 166 -7.37 -9.15 -8.90
CA THR B 166 -6.03 -9.03 -8.33
C THR B 166 -5.90 -9.53 -6.91
N PHE B 167 -4.72 -10.08 -6.62
CA PHE B 167 -4.28 -10.34 -5.25
C PHE B 167 -3.26 -9.28 -4.89
N SER B 168 -3.68 -8.30 -4.09
CA SER B 168 -2.88 -7.11 -3.82
C SER B 168 -2.37 -7.10 -2.39
N VAL B 169 -1.05 -7.22 -2.24
CA VAL B 169 -0.45 -7.20 -0.91
C VAL B 169 -0.29 -5.75 -0.42
N MET B 170 -0.93 -5.45 0.71
CA MET B 170 -0.89 -4.11 1.28
C MET B 170 0.35 -3.94 2.17
N PRO B 171 0.98 -2.75 2.12
CA PRO B 171 2.17 -2.54 2.95
C PRO B 171 1.84 -2.26 4.43
N SER B 172 2.77 -2.56 5.31
CA SER B 172 2.60 -2.33 6.74
C SER B 172 3.94 -1.95 7.37
N PRO B 173 3.94 -0.98 8.30
CA PRO B 173 5.21 -0.62 8.96
C PRO B 173 5.83 -1.79 9.73
N LYS B 174 5.01 -2.74 10.13
CA LYS B 174 5.49 -3.92 10.87
C LYS B 174 6.32 -4.81 9.95
N VAL B 175 6.03 -4.74 8.66
CA VAL B 175 6.79 -5.47 7.64
C VAL B 175 7.05 -4.52 6.48
N SER B 176 8.11 -3.72 6.60
CA SER B 176 8.33 -2.58 5.72
C SER B 176 9.74 -2.59 5.12
N ASP B 177 9.81 -2.28 3.82
CA ASP B 177 11.10 -2.18 3.12
C ASP B 177 11.57 -0.73 3.08
N THR B 178 10.64 0.18 2.81
CA THR B 178 10.95 1.60 2.68
C THR B 178 9.84 2.48 3.23
N VAL B 179 10.15 3.75 3.43
CA VAL B 179 9.21 4.71 3.99
C VAL B 179 8.14 5.18 3.00
N VAL B 180 8.38 4.97 1.71
CA VAL B 180 7.50 5.49 0.67
C VAL B 180 6.41 4.51 0.25
N GLU B 181 6.28 3.42 0.98
CA GLU B 181 5.25 2.42 0.68
C GLU B 181 3.83 3.00 0.71
N PRO B 182 3.53 3.90 1.67
CA PRO B 182 2.20 4.51 1.66
C PRO B 182 1.94 5.35 0.42
N TYR B 183 2.97 6.01 -0.10
CA TYR B 183 2.86 6.74 -1.37
C TYR B 183 2.51 5.78 -2.50
N ASN B 184 3.32 4.74 -2.64
CA ASN B 184 3.14 3.75 -3.69
C ASN B 184 1.78 3.09 -3.63
N ALA B 185 1.32 2.81 -2.40
CA ALA B 185 0.07 2.10 -2.20
C ALA B 185 -1.14 2.98 -2.54
N THR B 186 -1.10 4.24 -2.10
CA THR B 186 -2.19 5.17 -2.34
C THR B 186 -2.38 5.41 -3.84
N LEU B 187 -1.27 5.59 -4.54
CA LEU B 187 -1.31 5.77 -5.99
C LEU B 187 -1.89 4.52 -6.68
N SER B 188 -1.59 3.35 -6.12
CA SER B 188 -2.06 2.09 -6.69
C SER B 188 -3.54 1.85 -6.43
N VAL B 189 -4.00 2.15 -5.22
CA VAL B 189 -5.41 1.94 -4.86
C VAL B 189 -6.29 2.75 -5.81
N HIS B 190 -5.84 3.95 -6.15
CA HIS B 190 -6.54 4.80 -7.11
C HIS B 190 -6.77 4.04 -8.40
N GLN B 191 -5.71 3.42 -8.92
CA GLN B 191 -5.78 2.62 -10.12
C GLN B 191 -6.72 1.42 -9.96
N LEU B 192 -6.64 0.75 -8.81
CA LEU B 192 -7.41 -0.46 -8.58
C LEU B 192 -8.91 -0.19 -8.47
N VAL B 193 -9.27 0.91 -7.83
CA VAL B 193 -10.67 1.29 -7.67
C VAL B 193 -11.36 1.41 -9.03
N GLU B 194 -10.62 1.85 -10.04
CA GLU B 194 -11.19 2.12 -11.34
C GLU B 194 -11.12 0.93 -12.30
N ASN B 195 -10.03 0.16 -12.22
CA ASN B 195 -9.70 -0.79 -13.29
C ASN B 195 -9.67 -2.28 -12.92
N THR B 196 -10.19 -2.64 -11.74
CA THR B 196 -10.40 -4.05 -11.40
C THR B 196 -11.84 -4.29 -10.99
N ASP B 197 -12.30 -5.54 -11.12
CA ASP B 197 -13.65 -5.92 -10.71
C ASP B 197 -13.60 -6.60 -9.35
N GLU B 198 -12.46 -7.21 -9.03
CA GLU B 198 -12.29 -7.95 -7.79
C GLU B 198 -10.85 -7.81 -7.30
N THR B 199 -10.69 -7.37 -6.05
CA THR B 199 -9.36 -7.29 -5.43
C THR B 199 -9.36 -7.92 -4.05
N TYR B 200 -8.53 -8.95 -3.88
CA TYR B 200 -8.30 -9.55 -2.58
C TYR B 200 -7.25 -8.75 -1.83
N CYS B 201 -7.68 -8.07 -0.78
CA CYS B 201 -6.77 -7.25 0.03
C CYS B 201 -6.02 -8.12 1.01
N ILE B 202 -4.73 -8.34 0.72
CA ILE B 202 -3.87 -9.17 1.57
C ILE B 202 -2.93 -8.27 2.36
N ASP B 203 -3.28 -8.06 3.62
CA ASP B 203 -2.57 -7.10 4.46
C ASP B 203 -1.38 -7.73 5.17
N ASN B 204 -0.18 -7.20 4.90
CA ASN B 204 1.02 -7.69 5.56
C ASN B 204 0.97 -7.47 7.06
N GLU B 205 0.17 -6.50 7.49
CA GLU B 205 -0.04 -6.27 8.90
C GLU B 205 -0.74 -7.48 9.52
N ALA B 206 -1.84 -7.89 8.89
CA ALA B 206 -2.60 -9.03 9.37
C ALA B 206 -1.80 -10.32 9.30
N LEU B 207 -1.04 -10.48 8.22
CA LEU B 207 -0.22 -11.68 8.06
C LEU B 207 0.85 -11.73 9.15
N TYR B 208 1.40 -10.58 9.52
CA TYR B 208 2.41 -10.54 10.56
C TYR B 208 1.78 -10.90 11.91
N ASP B 209 0.68 -10.23 12.25
CA ASP B 209 0.00 -10.44 13.53
C ASP B 209 -0.44 -11.88 13.72
N ILE B 210 -0.91 -12.51 12.64
CA ILE B 210 -1.32 -13.91 12.70
C ILE B 210 -0.13 -14.79 13.05
N CYS B 211 1.01 -14.53 12.40
CA CYS B 211 2.21 -15.30 12.64
C CYS B 211 2.74 -15.12 14.06
N PHE B 212 2.68 -13.88 14.53
CA PHE B 212 3.19 -13.55 15.85
C PHE B 212 2.21 -13.96 16.93
N ARG B 213 1.05 -13.32 16.95
CA ARG B 213 0.07 -13.51 18.02
C ARG B 213 -0.49 -14.93 18.09
N THR B 214 -0.83 -15.49 16.94
CA THR B 214 -1.58 -16.75 16.89
C THR B 214 -0.69 -17.96 16.65
N LEU B 215 0.19 -17.88 15.66
CA LEU B 215 1.07 -19.00 15.31
C LEU B 215 2.32 -19.04 16.19
N LYS B 216 2.46 -18.04 17.06
CA LYS B 216 3.58 -17.97 18.00
C LYS B 216 4.93 -18.08 17.31
N LEU B 217 5.07 -17.35 16.20
CA LEU B 217 6.36 -17.22 15.53
C LEU B 217 7.01 -15.91 15.97
N THR B 218 8.08 -16.04 16.74
CA THR B 218 8.73 -14.87 17.34
C THR B 218 9.16 -13.84 16.30
N THR B 219 9.80 -14.30 15.23
CA THR B 219 10.26 -13.43 14.16
C THR B 219 9.93 -14.01 12.79
N PRO B 220 8.71 -13.70 12.29
CA PRO B 220 8.25 -14.24 11.00
C PRO B 220 9.00 -13.66 9.80
N THR B 221 9.24 -14.51 8.80
CA THR B 221 9.88 -14.10 7.56
C THR B 221 8.83 -13.93 6.47
N TYR B 222 9.26 -13.49 5.29
CA TYR B 222 8.36 -13.40 4.14
C TYR B 222 7.88 -14.78 3.74
N GLY B 223 8.73 -15.78 3.95
CA GLY B 223 8.39 -17.16 3.69
C GLY B 223 7.25 -17.62 4.56
N ASP B 224 7.27 -17.22 5.82
CA ASP B 224 6.18 -17.54 6.74
C ASP B 224 4.92 -16.84 6.26
N LEU B 225 5.03 -15.56 5.95
CA LEU B 225 3.89 -14.77 5.51
C LEU B 225 3.25 -15.37 4.26
N ASN B 226 4.08 -15.96 3.40
CA ASN B 226 3.61 -16.51 2.13
C ASN B 226 2.99 -17.89 2.27
N HIS B 227 3.18 -18.51 3.43
CA HIS B 227 2.46 -19.74 3.74
C HIS B 227 0.97 -19.42 3.83
N LEU B 228 0.65 -18.33 4.52
CA LEU B 228 -0.74 -17.90 4.68
C LEU B 228 -1.35 -17.44 3.35
N VAL B 229 -0.56 -16.73 2.56
CA VAL B 229 -1.05 -16.19 1.29
C VAL B 229 -1.39 -17.31 0.32
N SER B 230 -0.49 -18.29 0.20
CA SER B 230 -0.70 -19.40 -0.71
C SER B 230 -1.88 -20.26 -0.30
N ALA B 231 -2.09 -20.37 1.01
CA ALA B 231 -3.22 -21.13 1.54
C ALA B 231 -4.51 -20.42 1.21
N THR B 232 -4.49 -19.09 1.34
CA THR B 232 -5.66 -18.26 1.05
C THR B 232 -5.96 -18.25 -0.45
N MET B 233 -4.92 -18.09 -1.25
CA MET B 233 -5.07 -18.03 -2.69
C MET B 233 -5.63 -19.33 -3.26
N SER B 234 -5.20 -20.45 -2.69
CA SER B 234 -5.73 -21.76 -3.09
C SER B 234 -7.23 -21.83 -2.85
N GLY B 235 -7.64 -21.37 -1.68
CA GLY B 235 -9.02 -21.45 -1.26
C GLY B 235 -9.98 -20.56 -2.05
N VAL B 236 -9.58 -19.33 -2.32
CA VAL B 236 -10.45 -18.38 -2.99
C VAL B 236 -10.59 -18.68 -4.48
N THR B 237 -9.75 -19.59 -4.98
CA THR B 237 -9.81 -20.00 -6.38
C THR B 237 -10.33 -21.43 -6.54
N THR B 238 -10.66 -22.07 -5.40
CA THR B 238 -11.17 -23.44 -5.42
C THR B 238 -12.39 -23.58 -6.32
N CYS B 239 -13.33 -22.65 -6.18
CA CYS B 239 -14.58 -22.70 -6.94
C CYS B 239 -14.35 -22.52 -8.45
N LEU B 240 -13.17 -22.01 -8.80
CA LEU B 240 -12.82 -21.78 -10.20
C LEU B 240 -12.05 -22.97 -10.78
N ARG B 241 -11.42 -23.75 -9.90
CA ARG B 241 -10.51 -24.83 -10.33
C ARG B 241 -11.18 -26.20 -10.29
N PHE B 242 -12.24 -26.32 -9.52
CA PHE B 242 -12.95 -27.60 -9.36
C PHE B 242 -14.41 -27.46 -9.74
N PRO B 243 -15.06 -28.58 -10.11
CA PRO B 243 -16.47 -28.49 -10.53
C PRO B 243 -17.39 -28.01 -9.40
N GLY B 244 -18.36 -27.18 -9.75
CA GLY B 244 -19.30 -26.63 -8.80
C GLY B 244 -20.27 -25.70 -9.48
N GLN B 245 -21.29 -25.28 -8.74
CA GLN B 245 -22.38 -24.50 -9.30
C GLN B 245 -22.34 -23.04 -8.87
N LEU B 246 -21.57 -22.76 -7.83
CA LEU B 246 -21.52 -21.44 -7.22
C LEU B 246 -20.18 -20.75 -7.46
N ASN B 247 -20.23 -19.51 -7.92
CA ASN B 247 -19.04 -18.71 -8.15
C ASN B 247 -17.99 -19.46 -8.97
N ALA B 248 -18.46 -20.19 -9.98
CA ALA B 248 -17.55 -20.97 -10.83
C ALA B 248 -16.66 -20.26 -11.86
N ASP B 249 -17.04 -19.04 -12.21
CA ASP B 249 -16.23 -18.19 -13.07
C ASP B 249 -16.03 -16.84 -12.41
N LEU B 250 -15.17 -16.01 -12.98
CA LEU B 250 -14.82 -14.73 -12.37
C LEU B 250 -15.95 -13.71 -12.44
N ARG B 251 -16.79 -13.80 -13.47
CA ARG B 251 -17.86 -12.83 -13.64
C ARG B 251 -19.00 -13.08 -12.65
N LYS B 252 -19.39 -14.34 -12.49
CA LYS B 252 -20.47 -14.70 -11.58
C LYS B 252 -20.09 -14.41 -10.13
N LEU B 253 -18.81 -14.58 -9.81
CA LEU B 253 -18.31 -14.19 -8.50
C LEU B 253 -18.49 -12.68 -8.31
N ALA B 254 -18.14 -11.93 -9.35
CA ALA B 254 -18.23 -10.47 -9.31
C ALA B 254 -19.67 -10.00 -9.13
N VAL B 255 -20.59 -10.64 -9.84
CA VAL B 255 -22.00 -10.26 -9.77
C VAL B 255 -22.57 -10.55 -8.38
N ASN B 256 -22.05 -11.59 -7.73
CA ASN B 256 -22.51 -11.97 -6.39
C ASN B 256 -21.83 -11.21 -5.26
N MET B 257 -20.65 -10.63 -5.53
CA MET B 257 -19.84 -10.02 -4.47
C MET B 257 -19.80 -8.50 -4.52
N VAL B 258 -20.15 -7.91 -5.66
CA VAL B 258 -19.97 -6.47 -5.88
C VAL B 258 -21.30 -5.76 -6.15
N PRO B 259 -21.94 -5.24 -5.09
CA PRO B 259 -23.19 -4.49 -5.28
C PRO B 259 -22.96 -3.10 -5.89
N PHE B 260 -21.78 -2.54 -5.67
CA PHE B 260 -21.42 -1.24 -6.23
C PHE B 260 -20.00 -1.32 -6.79
N PRO B 261 -19.79 -0.80 -8.01
CA PRO B 261 -18.58 -1.09 -8.80
C PRO B 261 -17.26 -0.77 -8.10
N ARG B 262 -17.21 0.33 -7.34
CA ARG B 262 -15.98 0.73 -6.68
C ARG B 262 -15.71 -0.11 -5.44
N LEU B 263 -16.78 -0.56 -4.78
CA LEU B 263 -16.65 -1.35 -3.56
C LEU B 263 -16.40 -2.82 -3.90
N HIS B 264 -15.20 -3.13 -4.37
CA HIS B 264 -14.87 -4.48 -4.79
C HIS B 264 -13.58 -4.98 -4.14
N PHE B 265 -13.31 -4.49 -2.94
CA PHE B 265 -12.12 -4.88 -2.20
C PHE B 265 -12.48 -5.84 -1.06
N PHE B 266 -12.01 -7.08 -1.17
CA PHE B 266 -12.46 -8.16 -0.31
C PHE B 266 -11.50 -8.49 0.82
N MET B 267 -12.07 -8.89 1.96
CA MET B 267 -11.28 -9.43 3.07
C MET B 267 -11.25 -10.96 2.99
N PRO B 268 -10.06 -11.54 2.72
CA PRO B 268 -10.00 -13.00 2.77
C PRO B 268 -9.78 -13.52 4.19
N GLY B 269 -10.33 -14.70 4.48
CA GLY B 269 -10.14 -15.34 5.77
C GLY B 269 -9.89 -16.82 5.56
N PHE B 270 -9.35 -17.49 6.56
CA PHE B 270 -8.96 -18.89 6.42
C PHE B 270 -8.91 -19.63 7.75
N ALA B 271 -9.30 -20.91 7.72
CA ALA B 271 -9.24 -21.77 8.89
C ALA B 271 -9.01 -23.23 8.50
N PRO B 272 -8.24 -23.97 9.30
CA PRO B 272 -7.53 -23.51 10.50
C PRO B 272 -6.23 -22.80 10.16
N LEU B 273 -5.82 -21.84 10.97
CA LEU B 273 -4.53 -21.20 10.80
C LEU B 273 -3.43 -22.15 11.23
N THR B 274 -2.41 -22.30 10.38
CA THR B 274 -1.31 -23.21 10.67
C THR B 274 0.01 -22.59 10.22
N SER B 275 1.09 -22.93 10.92
CA SER B 275 2.42 -22.49 10.54
C SER B 275 3.09 -23.58 9.69
N ARG B 276 4.14 -23.20 8.98
CA ARG B 276 4.89 -24.13 8.15
C ARG B 276 5.47 -25.27 8.98
N GLY B 277 5.42 -26.48 8.43
CA GLY B 277 6.02 -27.64 9.08
C GLY B 277 5.22 -28.17 10.25
N SER B 278 4.71 -27.26 11.08
CA SER B 278 3.95 -27.65 12.26
C SER B 278 2.76 -28.53 11.86
N GLN B 279 2.88 -29.81 12.16
CA GLN B 279 1.87 -30.80 11.76
C GLN B 279 0.63 -30.71 12.62
N GLN B 280 -0.54 -30.70 11.98
CA GLN B 280 -1.81 -30.75 12.69
C GLN B 280 -2.35 -32.17 12.67
N TYR B 281 -2.75 -32.66 13.85
CA TYR B 281 -3.21 -34.03 14.01
C TYR B 281 -4.72 -34.08 14.21
N ARG B 282 -5.26 -33.06 14.86
CA ARG B 282 -6.68 -32.99 15.17
C ARG B 282 -7.45 -32.22 14.10
N ALA B 283 -8.38 -32.89 13.43
CA ALA B 283 -9.24 -32.25 12.45
C ALA B 283 -10.32 -31.43 13.14
N LEU B 284 -10.56 -30.22 12.64
CA LEU B 284 -11.55 -29.34 13.25
C LEU B 284 -12.96 -29.81 12.93
N THR B 285 -13.87 -29.61 13.88
CA THR B 285 -15.29 -29.86 13.63
C THR B 285 -15.82 -28.72 12.77
N VAL B 286 -17.00 -28.90 12.19
CA VAL B 286 -17.58 -27.89 11.32
C VAL B 286 -17.94 -26.61 12.10
N PRO B 287 -18.49 -26.76 13.33
CA PRO B 287 -18.71 -25.55 14.13
C PRO B 287 -17.43 -24.76 14.37
N GLU B 288 -16.31 -25.48 14.52
CA GLU B 288 -15.03 -24.85 14.78
C GLU B 288 -14.53 -24.11 13.55
N LEU B 289 -14.65 -24.73 12.38
CA LEU B 289 -14.27 -24.10 11.12
C LEU B 289 -15.06 -22.83 10.87
N THR B 290 -16.37 -22.90 11.14
CA THR B 290 -17.25 -21.77 10.89
C THR B 290 -16.95 -20.61 11.84
N GLN B 291 -16.71 -20.91 13.11
CA GLN B 291 -16.41 -19.87 14.09
C GLN B 291 -15.08 -19.19 13.78
N GLN B 292 -14.06 -19.98 13.47
CA GLN B 292 -12.72 -19.45 13.22
C GLN B 292 -12.64 -18.62 11.95
N MET B 293 -13.20 -19.15 10.86
CA MET B 293 -13.13 -18.46 9.57
C MET B 293 -13.79 -17.08 9.60
N PHE B 294 -14.60 -16.83 10.64
CA PHE B 294 -15.30 -15.56 10.79
C PHE B 294 -14.61 -14.65 11.80
N ASP B 295 -13.74 -15.22 12.62
CA ASP B 295 -13.04 -14.45 13.65
C ASP B 295 -12.05 -13.49 13.00
N SER B 296 -11.89 -12.32 13.60
CA SER B 296 -10.94 -11.33 13.10
C SER B 296 -9.53 -11.88 13.05
N LYS B 297 -9.18 -12.76 13.99
CA LYS B 297 -7.82 -13.33 14.11
C LYS B 297 -7.50 -14.16 12.88
N ASN B 298 -8.50 -14.50 12.07
CA ASN B 298 -8.31 -15.32 10.88
C ASN B 298 -8.41 -14.51 9.57
N MET B 299 -8.71 -13.22 9.70
CA MET B 299 -8.81 -12.35 8.53
C MET B 299 -7.41 -11.97 8.01
N MET B 300 -7.25 -11.97 6.70
CA MET B 300 -5.98 -11.64 6.08
C MET B 300 -5.86 -10.14 5.83
N ALA B 301 -6.86 -9.39 6.31
CA ALA B 301 -6.83 -7.93 6.24
C ALA B 301 -7.06 -7.38 7.65
N ALA B 302 -6.11 -6.57 8.12
CA ALA B 302 -6.14 -6.09 9.50
C ALA B 302 -7.30 -5.13 9.73
N CYS B 303 -8.51 -5.67 9.65
CA CYS B 303 -9.73 -4.90 9.90
C CYS B 303 -10.62 -5.66 10.86
N ASP B 304 -11.30 -4.92 11.73
CA ASP B 304 -12.24 -5.51 12.68
C ASP B 304 -13.62 -5.61 12.02
N PRO B 305 -14.08 -6.83 11.70
CA PRO B 305 -15.36 -6.94 11.01
C PRO B 305 -16.56 -6.47 11.84
N ARG B 306 -16.38 -6.34 13.15
CA ARG B 306 -17.45 -5.85 14.02
C ARG B 306 -17.55 -4.33 13.95
N HIS B 307 -16.56 -3.69 13.32
CA HIS B 307 -16.59 -2.24 13.12
C HIS B 307 -17.29 -1.86 11.83
N GLY B 308 -17.78 -2.87 11.10
CA GLY B 308 -18.48 -2.66 9.85
C GLY B 308 -19.56 -3.70 9.63
N ARG B 309 -20.11 -3.72 8.42
CA ARG B 309 -21.17 -4.65 8.07
C ARG B 309 -20.84 -5.37 6.76
N TYR B 310 -21.18 -6.66 6.70
CA TYR B 310 -20.95 -7.47 5.51
C TYR B 310 -21.97 -7.17 4.43
N LEU B 311 -21.50 -6.75 3.27
CA LEU B 311 -22.37 -6.55 2.11
C LEU B 311 -22.66 -7.90 1.47
N THR B 312 -21.60 -8.67 1.28
CA THR B 312 -21.68 -10.00 0.67
C THR B 312 -20.61 -10.90 1.26
N VAL B 313 -20.87 -12.20 1.24
CA VAL B 313 -19.93 -13.19 1.75
C VAL B 313 -19.93 -14.43 0.87
N ALA B 314 -18.73 -14.93 0.57
CA ALA B 314 -18.57 -16.22 -0.09
C ALA B 314 -17.75 -17.12 0.80
N ALA B 315 -18.24 -18.33 1.02
CA ALA B 315 -17.57 -19.30 1.87
C ALA B 315 -17.40 -20.61 1.13
N ILE B 316 -16.25 -21.25 1.32
CA ILE B 316 -15.94 -22.50 0.65
C ILE B 316 -15.31 -23.46 1.64
N PHE B 317 -16.08 -24.48 2.00
CA PHE B 317 -15.61 -25.56 2.86
C PHE B 317 -14.96 -26.65 2.02
N ARG B 318 -13.84 -27.17 2.47
CA ARG B 318 -13.11 -28.20 1.74
C ARG B 318 -12.90 -29.45 2.60
N GLY B 319 -13.08 -30.62 2.00
CA GLY B 319 -12.85 -31.89 2.67
C GLY B 319 -14.09 -32.76 2.72
N ARG B 320 -14.01 -33.84 3.50
CA ARG B 320 -15.14 -34.74 3.70
C ARG B 320 -15.90 -34.33 4.95
N MET B 321 -17.13 -33.87 4.77
CA MET B 321 -17.92 -33.37 5.90
C MET B 321 -19.41 -33.41 5.63
N SER B 322 -20.19 -33.20 6.68
CA SER B 322 -21.64 -33.18 6.58
C SER B 322 -22.13 -31.85 6.02
N MET B 323 -22.53 -31.86 4.76
CA MET B 323 -23.01 -30.65 4.09
C MET B 323 -24.26 -30.09 4.78
N LYS B 324 -24.95 -30.94 5.54
CA LYS B 324 -26.08 -30.50 6.33
C LYS B 324 -25.59 -29.73 7.55
N GLU B 325 -24.49 -30.20 8.14
CA GLU B 325 -23.91 -29.54 9.29
C GLU B 325 -23.35 -28.18 8.88
N VAL B 326 -22.79 -28.13 7.67
CA VAL B 326 -22.25 -26.89 7.13
C VAL B 326 -23.35 -25.83 6.98
N ASP B 327 -24.45 -26.21 6.34
CA ASP B 327 -25.55 -25.27 6.12
C ASP B 327 -26.16 -24.82 7.44
N GLU B 328 -26.26 -25.73 8.40
CA GLU B 328 -26.75 -25.40 9.73
C GLU B 328 -25.87 -24.35 10.39
N GLN B 329 -24.57 -24.60 10.40
CA GLN B 329 -23.62 -23.69 11.04
C GLN B 329 -23.53 -22.36 10.32
N MET B 330 -23.59 -22.39 8.99
CA MET B 330 -23.57 -21.15 8.21
C MET B 330 -24.81 -20.30 8.50
N LEU B 331 -25.94 -20.98 8.66
CA LEU B 331 -27.20 -20.27 8.98
C LEU B 331 -27.18 -19.74 10.40
N ASN B 332 -26.51 -20.45 11.31
CA ASN B 332 -26.42 -20.05 12.70
C ASN B 332 -25.63 -18.75 12.87
N VAL B 333 -24.52 -18.62 12.15
CA VAL B 333 -23.70 -17.41 12.22
C VAL B 333 -24.53 -16.19 11.80
N GLN B 334 -25.29 -16.34 10.73
CA GLN B 334 -26.09 -15.24 10.20
C GLN B 334 -27.24 -14.91 11.15
N ASN B 335 -27.81 -15.94 11.75
CA ASN B 335 -28.97 -15.78 12.63
C ASN B 335 -28.60 -15.28 14.02
N LYS B 336 -27.37 -15.54 14.44
CA LYS B 336 -26.90 -15.10 15.75
C LYS B 336 -26.31 -13.70 15.69
N ASN B 337 -25.70 -13.36 14.55
CA ASN B 337 -25.06 -12.07 14.35
C ASN B 337 -25.62 -11.34 13.13
N SER B 338 -26.94 -11.33 13.00
CA SER B 338 -27.62 -10.77 11.82
C SER B 338 -27.38 -9.27 11.67
N SER B 339 -26.97 -8.60 12.75
CA SER B 339 -26.73 -7.17 12.71
C SER B 339 -25.53 -6.82 11.85
N TYR B 340 -24.57 -7.74 11.77
CA TYR B 340 -23.33 -7.51 11.02
C TYR B 340 -23.47 -7.89 9.54
N PHE B 341 -24.70 -8.13 9.10
CA PHE B 341 -25.01 -8.35 7.70
C PHE B 341 -26.07 -7.33 7.29
N VAL B 342 -25.86 -6.65 6.17
CA VAL B 342 -26.81 -5.63 5.73
C VAL B 342 -28.15 -6.29 5.41
N GLU B 343 -29.22 -5.68 5.90
CA GLU B 343 -30.56 -6.25 5.76
C GLU B 343 -31.14 -5.97 4.38
N TRP B 344 -30.53 -5.04 3.65
CA TRP B 344 -31.05 -4.62 2.35
C TRP B 344 -30.40 -5.39 1.20
N ILE B 345 -29.64 -6.43 1.52
CA ILE B 345 -29.25 -7.43 0.54
C ILE B 345 -29.63 -8.81 1.10
N PRO B 346 -30.84 -9.28 0.77
CA PRO B 346 -31.32 -10.57 1.29
C PRO B 346 -30.45 -11.74 0.85
N ASN B 347 -30.17 -12.63 1.80
CA ASN B 347 -29.45 -13.87 1.51
C ASN B 347 -28.09 -13.60 0.87
N ASN B 348 -27.31 -12.70 1.49
CA ASN B 348 -26.06 -12.24 0.92
C ASN B 348 -24.87 -13.14 1.22
N VAL B 349 -25.12 -14.24 1.95
CA VAL B 349 -24.08 -15.21 2.26
C VAL B 349 -24.28 -16.47 1.44
N LYS B 350 -23.27 -16.82 0.66
CA LYS B 350 -23.31 -18.01 -0.19
C LYS B 350 -22.18 -18.97 0.17
N THR B 351 -22.49 -20.26 0.12
CA THR B 351 -21.54 -21.29 0.54
C THR B 351 -21.37 -22.36 -0.52
N ALA B 352 -20.12 -22.76 -0.73
CA ALA B 352 -19.77 -23.86 -1.62
C ALA B 352 -19.04 -24.92 -0.84
N VAL B 353 -19.03 -26.15 -1.36
CA VAL B 353 -18.31 -27.24 -0.73
C VAL B 353 -17.55 -28.04 -1.78
N CYS B 354 -16.32 -28.44 -1.44
CA CYS B 354 -15.46 -29.18 -2.36
C CYS B 354 -14.84 -30.36 -1.64
N ASP B 355 -14.95 -31.54 -2.25
CA ASP B 355 -14.53 -32.78 -1.60
C ASP B 355 -13.02 -32.82 -1.36
N ILE B 356 -12.24 -32.25 -2.27
CA ILE B 356 -10.79 -32.27 -2.15
C ILE B 356 -10.30 -31.26 -1.13
N PRO B 357 -9.69 -31.72 -0.03
CA PRO B 357 -9.09 -30.75 0.89
C PRO B 357 -7.71 -30.31 0.40
N PRO B 358 -7.17 -29.23 0.98
CA PRO B 358 -5.79 -28.87 0.65
C PRO B 358 -4.81 -29.88 1.24
N ARG B 359 -3.53 -29.73 0.91
CA ARG B 359 -2.50 -30.62 1.43
C ARG B 359 -2.28 -30.39 2.93
N GLY B 360 -2.19 -31.47 3.69
CA GLY B 360 -1.82 -31.41 5.09
C GLY B 360 -2.99 -31.21 6.05
N LEU B 361 -4.15 -30.88 5.49
CA LEU B 361 -5.37 -30.69 6.29
C LEU B 361 -6.48 -31.57 5.77
N LYS B 362 -7.22 -32.19 6.67
CA LYS B 362 -8.34 -33.05 6.29
C LYS B 362 -9.56 -32.23 5.94
N MET B 363 -9.61 -31.01 6.47
CA MET B 363 -10.65 -30.06 6.07
C MET B 363 -10.28 -28.63 6.41
N SER B 364 -10.84 -27.71 5.64
CA SER B 364 -10.55 -26.29 5.79
C SER B 364 -11.71 -25.44 5.28
N ALA B 365 -11.68 -24.17 5.64
CA ALA B 365 -12.69 -23.21 5.19
C ALA B 365 -12.02 -21.92 4.78
N THR B 366 -12.35 -21.43 3.60
CA THR B 366 -11.83 -20.15 3.13
C THR B 366 -12.97 -19.14 3.07
N PHE B 367 -12.68 -17.95 3.60
CA PHE B 367 -13.66 -16.88 3.73
C PHE B 367 -13.34 -15.76 2.75
N ILE B 368 -14.37 -15.25 2.09
CA ILE B 368 -14.23 -14.06 1.24
C ILE B 368 -15.35 -13.08 1.57
N GLY B 369 -14.99 -12.03 2.30
CA GLY B 369 -15.95 -11.05 2.75
C GLY B 369 -15.78 -9.69 2.09
N ASN B 370 -16.90 -9.11 1.66
CA ASN B 370 -16.95 -7.70 1.27
C ASN B 370 -17.57 -6.90 2.40
N SER B 371 -16.74 -6.45 3.32
CA SER B 371 -17.18 -5.71 4.50
C SER B 371 -16.86 -4.23 4.37
N THR B 372 -17.70 -3.39 4.94
CA THR B 372 -17.44 -1.96 4.98
C THR B 372 -16.29 -1.65 5.94
N ALA B 373 -15.96 -2.62 6.78
CA ALA B 373 -14.87 -2.47 7.74
C ALA B 373 -13.52 -2.35 7.04
N ILE B 374 -13.47 -2.71 5.76
CA ILE B 374 -12.23 -2.64 4.98
C ILE B 374 -11.71 -1.21 4.92
N GLN B 375 -12.59 -0.24 5.17
CA GLN B 375 -12.21 1.17 5.15
C GLN B 375 -11.07 1.44 6.13
N GLU B 376 -11.00 0.64 7.19
CA GLU B 376 -9.96 0.79 8.19
C GLU B 376 -8.58 0.54 7.59
N LEU B 377 -8.54 -0.30 6.56
CA LEU B 377 -7.30 -0.56 5.84
C LEU B 377 -6.86 0.68 5.08
N PHE B 378 -7.80 1.28 4.35
CA PHE B 378 -7.50 2.44 3.52
C PHE B 378 -7.28 3.70 4.35
N LYS B 379 -7.99 3.80 5.48
CA LYS B 379 -7.80 4.92 6.39
C LYS B 379 -6.38 4.89 6.96
N ARG B 380 -5.92 3.69 7.28
CA ARG B 380 -4.58 3.50 7.84
C ARG B 380 -3.51 3.94 6.84
N ILE B 381 -3.68 3.55 5.59
CA ILE B 381 -2.75 3.96 4.52
C ILE B 381 -2.81 5.46 4.34
N SER B 382 -4.01 6.03 4.40
CA SER B 382 -4.21 7.45 4.18
C SER B 382 -3.53 8.30 5.25
N GLU B 383 -3.52 7.79 6.48
CA GLU B 383 -2.90 8.51 7.60
C GLU B 383 -1.38 8.53 7.47
N GLN B 384 -0.81 7.41 7.05
CA GLN B 384 0.64 7.30 6.83
C GLN B 384 1.06 8.16 5.65
N PHE B 385 0.19 8.19 4.65
CA PHE B 385 0.39 9.00 3.45
C PHE B 385 0.45 10.49 3.80
N THR B 386 -0.54 10.94 4.56
CA THR B 386 -0.68 12.36 4.90
C THR B 386 0.46 12.85 5.80
N ALA B 387 0.92 12.00 6.70
CA ALA B 387 1.98 12.36 7.64
C ALA B 387 3.23 12.84 6.90
N MET B 388 3.54 12.17 5.80
CA MET B 388 4.69 12.54 4.96
C MET B 388 4.33 13.63 3.96
N PHE B 389 3.14 13.52 3.37
CA PHE B 389 2.78 14.38 2.25
C PHE B 389 2.57 15.83 2.68
N ARG B 390 2.12 16.04 3.92
CA ARG B 390 1.89 17.38 4.43
C ARG B 390 3.20 18.17 4.49
N ARG B 391 4.32 17.46 4.51
CA ARG B 391 5.65 18.07 4.46
C ARG B 391 6.32 17.78 3.11
N LYS B 392 5.57 17.19 2.19
CA LYS B 392 6.09 16.85 0.86
C LYS B 392 7.38 16.05 0.97
N ALA B 393 7.46 15.19 1.98
CA ALA B 393 8.67 14.43 2.25
C ALA B 393 8.86 13.28 1.27
N PHE B 394 10.09 13.06 0.84
CA PHE B 394 10.46 11.96 -0.05
C PHE B 394 9.79 12.06 -1.42
N LEU B 395 9.27 13.23 -1.74
CA LEU B 395 8.56 13.43 -3.00
C LEU B 395 9.50 13.60 -4.18
N HIS B 396 10.74 14.00 -3.92
CA HIS B 396 11.70 14.24 -4.98
C HIS B 396 12.01 12.96 -5.77
N TRP B 397 11.82 11.80 -5.14
CA TRP B 397 11.97 10.53 -5.83
C TRP B 397 10.95 10.41 -6.96
N TYR B 398 9.83 11.10 -6.81
CA TYR B 398 8.72 10.97 -7.75
C TYR B 398 8.70 12.11 -8.76
N THR B 399 8.96 13.33 -8.32
CA THR B 399 9.01 14.47 -9.22
C THR B 399 10.18 14.31 -10.20
N GLY B 400 11.19 13.56 -9.79
CA GLY B 400 12.34 13.30 -10.63
C GLY B 400 12.03 12.42 -11.82
N GLU B 401 10.91 11.69 -11.76
CA GLU B 401 10.47 10.85 -12.87
C GLU B 401 9.36 11.51 -13.67
N GLY B 402 9.09 12.78 -13.37
CA GLY B 402 8.14 13.58 -14.15
C GLY B 402 6.79 13.80 -13.48
N MET B 403 6.60 13.22 -12.30
CA MET B 403 5.32 13.34 -11.61
C MET B 403 5.15 14.70 -10.97
N ASP B 404 3.90 15.15 -10.89
CA ASP B 404 3.54 16.41 -10.26
C ASP B 404 2.84 16.14 -8.93
N GLU B 405 2.92 17.11 -8.01
CA GLU B 405 2.30 16.95 -6.69
C GLU B 405 0.79 16.78 -6.79
N MET B 406 0.19 17.35 -7.84
CA MET B 406 -1.25 17.31 -8.00
C MET B 406 -1.76 15.88 -8.09
N GLU B 407 -0.96 15.02 -8.72
CA GLU B 407 -1.35 13.63 -8.92
C GLU B 407 -1.42 12.88 -7.58
N PHE B 408 -0.59 13.29 -6.63
CA PHE B 408 -0.66 12.74 -5.27
C PHE B 408 -1.94 13.19 -4.58
N THR B 409 -2.27 14.47 -4.75
CA THR B 409 -3.46 15.05 -4.14
C THR B 409 -4.73 14.36 -4.62
N GLU B 410 -4.79 14.08 -5.92
CA GLU B 410 -5.93 13.40 -6.52
C GLU B 410 -6.07 11.98 -5.97
N ALA B 411 -4.95 11.26 -5.92
CA ALA B 411 -4.93 9.90 -5.40
C ALA B 411 -5.41 9.88 -3.95
N GLU B 412 -4.89 10.81 -3.16
CA GLU B 412 -5.30 10.97 -1.77
C GLU B 412 -6.81 11.19 -1.67
N SER B 413 -7.32 12.10 -2.50
CA SER B 413 -8.74 12.45 -2.48
C SER B 413 -9.63 11.28 -2.87
N ASN B 414 -9.19 10.50 -3.85
CA ASN B 414 -10.00 9.38 -4.33
C ASN B 414 -10.07 8.25 -3.32
N MET B 415 -8.99 8.05 -2.56
CA MET B 415 -8.99 7.00 -1.54
C MET B 415 -9.85 7.42 -0.36
N ASN B 416 -9.85 8.71 -0.05
CA ASN B 416 -10.69 9.24 1.01
C ASN B 416 -12.17 9.19 0.61
N ASP B 417 -12.43 9.32 -0.69
CA ASP B 417 -13.79 9.16 -1.20
C ASP B 417 -14.23 7.71 -1.04
N LEU B 418 -13.36 6.79 -1.40
CA LEU B 418 -13.62 5.36 -1.25
C LEU B 418 -13.99 5.03 0.20
N VAL B 419 -13.22 5.58 1.14
CA VAL B 419 -13.49 5.41 2.55
C VAL B 419 -14.90 5.86 2.91
N SER B 420 -15.27 7.05 2.47
CA SER B 420 -16.57 7.63 2.82
C SER B 420 -17.71 6.84 2.18
N GLU B 421 -17.47 6.29 0.99
CA GLU B 421 -18.46 5.44 0.33
C GLU B 421 -18.74 4.19 1.17
N TYR B 422 -17.68 3.58 1.71
CA TYR B 422 -17.83 2.38 2.57
C TYR B 422 -18.59 2.80 3.83
N GLN B 423 -18.35 4.01 4.32
CA GLN B 423 -19.01 4.49 5.53
C GLN B 423 -20.50 4.74 5.28
N GLN B 424 -20.83 5.13 4.05
CA GLN B 424 -22.21 5.42 3.66
C GLN B 424 -23.14 4.23 3.86
N TYR B 425 -22.62 3.03 3.57
CA TYR B 425 -23.44 1.82 3.62
C TYR B 425 -23.38 1.12 4.97
N GLN B 426 -22.42 1.55 5.80
CA GLN B 426 -22.30 1.01 7.15
C GLN B 426 -23.42 1.55 8.05
N ASP B 427 -23.97 2.69 7.66
CA ASP B 427 -25.04 3.34 8.42
C ASP B 427 -26.36 3.38 7.64
N ALA B 428 -26.51 2.46 6.70
CA ALA B 428 -27.75 2.37 5.91
C ALA B 428 -28.80 1.56 6.66
N MET C 1 25.38 -7.02 -13.47
CA MET C 1 25.91 -5.66 -13.82
C MET C 1 25.91 -4.76 -12.58
N ARG C 2 25.28 -3.58 -12.66
CA ARG C 2 25.24 -2.64 -11.54
C ARG C 2 26.64 -2.22 -11.11
N GLU C 3 27.50 -1.90 -12.07
CA GLU C 3 28.87 -1.53 -11.76
C GLU C 3 28.93 -0.17 -11.07
N CYS C 4 29.86 -0.04 -10.14
CA CYS C 4 30.14 1.23 -9.48
C CYS C 4 31.58 1.64 -9.78
N ILE C 5 31.76 2.91 -10.14
CA ILE C 5 33.08 3.44 -10.45
C ILE C 5 33.55 4.36 -9.33
N SER C 6 34.70 4.04 -8.75
CA SER C 6 35.26 4.85 -7.66
C SER C 6 36.24 5.85 -8.23
N ILE C 7 36.19 7.08 -7.72
CA ILE C 7 37.11 8.13 -8.16
C ILE C 7 37.77 8.75 -6.94
N HIS C 8 39.09 8.61 -6.87
CA HIS C 8 39.86 9.04 -5.72
C HIS C 8 40.67 10.28 -6.07
N VAL C 9 40.34 11.38 -5.40
CA VAL C 9 40.85 12.70 -5.75
C VAL C 9 41.70 13.29 -4.63
N GLY C 10 42.93 13.64 -4.96
CA GLY C 10 43.83 14.28 -4.01
C GLY C 10 44.45 13.26 -3.06
N GLN C 11 45.35 13.73 -2.21
CA GLN C 11 46.09 12.85 -1.30
C GLN C 11 45.14 12.03 -0.42
N ALA C 12 44.20 12.70 0.23
CA ALA C 12 43.27 12.03 1.14
C ALA C 12 42.46 10.98 0.41
N GLY C 13 41.91 11.35 -0.75
CA GLY C 13 41.11 10.44 -1.55
C GLY C 13 41.91 9.23 -1.99
N VAL C 14 43.13 9.48 -2.47
CA VAL C 14 44.00 8.41 -2.97
C VAL C 14 44.41 7.45 -1.85
N GLN C 15 44.88 7.99 -0.74
CA GLN C 15 45.42 7.15 0.34
C GLN C 15 44.32 6.36 1.03
N ILE C 16 43.11 6.92 1.06
CA ILE C 16 41.96 6.19 1.56
C ILE C 16 41.57 5.14 0.53
N GLY C 17 41.77 5.45 -0.74
CA GLY C 17 41.56 4.49 -1.81
C GLY C 17 42.46 3.28 -1.65
N ASN C 18 43.72 3.52 -1.29
CA ASN C 18 44.68 2.44 -1.05
C ASN C 18 44.18 1.50 0.04
N ALA C 19 43.66 2.06 1.12
CA ALA C 19 43.17 1.28 2.25
C ALA C 19 41.94 0.47 1.86
N CYS C 20 41.02 1.12 1.15
CA CYS C 20 39.77 0.49 0.76
C CYS C 20 39.99 -0.67 -0.20
N TRP C 21 40.78 -0.44 -1.24
CA TRP C 21 40.99 -1.45 -2.27
C TRP C 21 41.88 -2.59 -1.77
N GLU C 22 42.79 -2.30 -0.85
CA GLU C 22 43.54 -3.37 -0.20
C GLU C 22 42.57 -4.24 0.59
N LEU C 23 41.67 -3.58 1.30
CA LEU C 23 40.70 -4.27 2.15
C LEU C 23 39.71 -5.09 1.32
N TYR C 24 39.26 -4.54 0.19
CA TYR C 24 38.35 -5.26 -0.70
C TYR C 24 38.98 -6.55 -1.19
N CYS C 25 40.24 -6.46 -1.58
CA CYS C 25 40.97 -7.60 -2.13
C CYS C 25 41.02 -8.75 -1.13
N LEU C 26 41.26 -8.42 0.14
CA LEU C 26 41.31 -9.42 1.19
C LEU C 26 39.93 -10.00 1.48
N GLU C 27 38.90 -9.17 1.33
CA GLU C 27 37.53 -9.62 1.56
C GLU C 27 37.07 -10.58 0.47
N HIS C 28 37.54 -10.36 -0.76
CA HIS C 28 37.12 -11.16 -1.90
C HIS C 28 38.16 -12.22 -2.28
N GLY C 29 39.25 -12.30 -1.52
CA GLY C 29 40.28 -13.28 -1.80
C GLY C 29 41.03 -12.99 -3.09
N ILE C 30 41.20 -11.70 -3.39
CA ILE C 30 41.94 -11.27 -4.57
C ILE C 30 43.38 -10.98 -4.19
N GLN C 31 44.31 -11.51 -4.98
CA GLN C 31 45.74 -11.39 -4.70
C GLN C 31 46.27 -10.06 -5.21
N PRO C 32 47.46 -9.65 -4.74
CA PRO C 32 48.04 -8.37 -5.17
C PRO C 32 48.28 -8.26 -6.67
N ASP C 33 48.39 -9.41 -7.35
CA ASP C 33 48.59 -9.41 -8.80
C ASP C 33 47.26 -9.42 -9.54
N GLY C 34 46.17 -9.53 -8.78
CA GLY C 34 44.83 -9.42 -9.33
C GLY C 34 44.14 -10.75 -9.56
N GLN C 35 44.86 -11.85 -9.36
CA GLN C 35 44.30 -13.18 -9.55
C GLN C 35 43.37 -13.54 -8.40
N MET C 36 42.32 -14.30 -8.72
CA MET C 36 41.31 -14.70 -7.76
C MET C 36 40.94 -16.16 -7.98
N PRO C 37 41.65 -17.09 -7.32
CA PRO C 37 41.49 -18.53 -7.51
C PRO C 37 40.05 -19.02 -7.42
N SER C 38 39.29 -18.49 -6.48
CA SER C 38 37.92 -18.95 -6.24
C SER C 38 36.99 -18.59 -7.40
N ASP C 39 37.42 -17.66 -8.25
CA ASP C 39 36.61 -17.21 -9.37
C ASP C 39 36.85 -18.09 -10.60
N LYS C 40 35.87 -18.92 -10.93
CA LYS C 40 36.02 -19.91 -11.99
C LYS C 40 35.62 -19.39 -13.36
N THR C 41 34.86 -18.30 -13.39
CA THR C 41 34.52 -17.65 -14.66
C THR C 41 35.63 -16.68 -15.06
N ILE C 42 36.46 -17.13 -15.99
CA ILE C 42 37.66 -16.38 -16.38
C ILE C 42 37.36 -15.36 -17.47
N GLY C 43 37.74 -14.11 -17.22
CA GLY C 43 37.61 -13.05 -18.20
C GLY C 43 36.35 -12.23 -18.07
N GLY C 44 35.47 -12.65 -17.16
CA GLY C 44 34.22 -11.94 -16.94
C GLY C 44 33.34 -12.64 -15.93
N GLY C 45 32.15 -12.09 -15.71
CA GLY C 45 31.20 -12.67 -14.78
C GLY C 45 30.13 -11.68 -14.37
N ASP C 46 29.09 -12.20 -13.71
CA ASP C 46 27.97 -11.38 -13.24
C ASP C 46 27.87 -11.42 -11.71
N ASP C 47 28.95 -11.85 -11.08
CA ASP C 47 28.97 -12.02 -9.60
C ASP C 47 28.89 -10.66 -8.92
N SER C 48 28.63 -10.64 -7.62
CA SER C 48 28.44 -9.40 -6.87
C SER C 48 29.71 -8.56 -6.78
N PHE C 49 30.87 -9.21 -6.69
CA PHE C 49 32.13 -8.48 -6.59
C PHE C 49 32.52 -7.85 -7.92
N ASN C 50 31.82 -8.20 -9.00
CA ASN C 50 32.08 -7.60 -10.30
C ASN C 50 31.54 -6.18 -10.40
N THR C 51 30.77 -5.76 -9.41
CA THR C 51 30.29 -4.39 -9.35
C THR C 51 31.46 -3.43 -9.14
N PHE C 52 32.53 -3.94 -8.51
CA PHE C 52 33.71 -3.14 -8.19
C PHE C 52 34.97 -3.58 -8.94
N PHE C 53 34.95 -4.81 -9.46
CA PHE C 53 36.09 -5.33 -10.22
C PHE C 53 35.70 -5.76 -11.63
N SER C 54 36.48 -5.35 -12.62
CA SER C 54 36.38 -5.90 -13.96
C SER C 54 37.36 -7.05 -14.08
N GLU C 55 37.25 -7.84 -15.15
CA GLU C 55 38.11 -9.00 -15.35
C GLU C 55 38.76 -9.01 -16.72
N THR C 56 40.06 -9.30 -16.75
CA THR C 56 40.79 -9.48 -18.00
C THR C 56 40.83 -10.96 -18.35
N GLY C 57 41.11 -11.26 -19.62
CA GLY C 57 41.20 -12.63 -20.08
C GLY C 57 42.24 -13.43 -19.32
N ALA C 58 43.29 -12.73 -18.87
CA ALA C 58 44.37 -13.38 -18.14
C ALA C 58 44.01 -13.65 -16.68
N GLY C 59 42.75 -13.38 -16.31
CA GLY C 59 42.25 -13.71 -14.99
C GLY C 59 42.47 -12.62 -13.95
N LYS C 60 42.96 -11.46 -14.38
CA LYS C 60 43.22 -10.36 -13.45
C LYS C 60 41.94 -9.60 -13.12
N HIS C 61 41.70 -9.40 -11.83
CA HIS C 61 40.56 -8.62 -11.37
C HIS C 61 41.00 -7.19 -11.08
N VAL C 62 40.45 -6.26 -11.88
CA VAL C 62 40.92 -4.89 -11.91
C VAL C 62 39.89 -3.93 -11.31
N PRO C 63 40.30 -3.12 -10.32
CA PRO C 63 39.38 -2.14 -9.72
C PRO C 63 38.73 -1.21 -10.73
N ARG C 64 37.41 -1.05 -10.64
CA ARG C 64 36.71 -0.02 -11.40
C ARG C 64 36.96 1.31 -10.72
N ALA C 65 38.19 1.80 -10.86
CA ALA C 65 38.64 2.96 -10.09
C ALA C 65 39.56 3.85 -10.91
N VAL C 66 39.48 5.15 -10.62
CA VAL C 66 40.42 6.12 -11.15
C VAL C 66 41.06 6.88 -9.99
N PHE C 67 42.38 7.03 -10.04
CA PHE C 67 43.11 7.81 -9.06
C PHE C 67 43.61 9.08 -9.73
N VAL C 68 43.31 10.22 -9.12
CA VAL C 68 43.69 11.52 -9.68
C VAL C 68 44.27 12.43 -8.61
N ASP C 69 45.41 13.03 -8.93
CA ASP C 69 46.02 14.02 -8.06
C ASP C 69 46.87 14.95 -8.92
N LEU C 70 46.91 16.23 -8.57
CA LEU C 70 47.59 17.22 -9.40
C LEU C 70 49.09 17.24 -9.16
N GLU C 71 49.54 16.36 -8.27
CA GLU C 71 50.97 16.21 -7.96
C GLU C 71 51.26 14.71 -7.88
N PRO C 72 52.47 14.29 -8.32
CA PRO C 72 52.63 12.85 -8.54
C PRO C 72 53.08 11.99 -7.36
N THR C 73 53.56 12.56 -6.27
CA THR C 73 54.32 11.77 -5.27
C THR C 73 53.44 10.79 -4.48
N VAL C 74 52.15 11.08 -4.35
CA VAL C 74 51.26 10.17 -3.62
C VAL C 74 50.87 8.98 -4.49
N ILE C 75 50.55 9.24 -5.76
CA ILE C 75 50.13 8.18 -6.67
C ILE C 75 51.34 7.36 -7.14
N ASP C 76 52.52 7.98 -7.14
CA ASP C 76 53.75 7.26 -7.44
C ASP C 76 53.94 6.07 -6.49
N GLU C 77 53.55 6.26 -5.23
CA GLU C 77 53.68 5.21 -4.22
C GLU C 77 52.73 4.05 -4.54
N VAL C 78 51.63 4.35 -5.20
CA VAL C 78 50.71 3.32 -5.68
C VAL C 78 51.34 2.60 -6.87
N ARG C 79 51.95 3.37 -7.75
CA ARG C 79 52.57 2.83 -8.96
C ARG C 79 53.73 1.88 -8.65
N THR C 80 54.32 2.04 -7.46
CA THR C 80 55.47 1.23 -7.05
C THR C 80 55.18 0.42 -5.79
N GLY C 81 53.92 0.39 -5.37
CA GLY C 81 53.53 -0.25 -4.14
C GLY C 81 53.16 -1.72 -4.28
N THR C 82 52.63 -2.28 -3.19
CA THR C 82 52.28 -3.70 -3.13
C THR C 82 51.24 -4.10 -4.17
N TYR C 83 50.33 -3.18 -4.48
CA TYR C 83 49.20 -3.46 -5.36
C TYR C 83 49.31 -2.74 -6.70
N ARG C 84 50.55 -2.51 -7.15
CA ARG C 84 50.80 -1.81 -8.40
C ARG C 84 50.31 -2.61 -9.62
N GLN C 85 50.33 -3.94 -9.50
CA GLN C 85 49.88 -4.80 -10.60
C GLN C 85 48.37 -4.77 -10.72
N LEU C 86 47.70 -4.28 -9.68
CA LEU C 86 46.25 -4.29 -9.62
C LEU C 86 45.64 -3.28 -10.59
N PHE C 87 46.34 -2.16 -10.79
CA PHE C 87 45.82 -1.07 -11.60
C PHE C 87 46.51 -0.96 -12.95
N HIS C 88 45.72 -0.72 -13.99
CA HIS C 88 46.26 -0.35 -15.30
C HIS C 88 46.84 1.06 -15.18
N PRO C 89 48.01 1.31 -15.79
CA PRO C 89 48.68 2.62 -15.66
C PRO C 89 47.77 3.81 -15.98
N GLU C 90 46.77 3.60 -16.83
CA GLU C 90 45.87 4.67 -17.25
C GLU C 90 44.86 5.04 -16.16
N GLN C 91 44.69 4.16 -15.18
CA GLN C 91 43.78 4.44 -14.06
C GLN C 91 44.43 5.40 -13.08
N LEU C 92 45.74 5.57 -13.18
CA LEU C 92 46.50 6.41 -12.25
C LEU C 92 47.00 7.65 -12.97
N ILE C 93 46.35 8.78 -12.68
CA ILE C 93 46.57 10.03 -13.40
C ILE C 93 47.18 11.09 -12.50
N THR C 94 48.27 11.71 -12.95
CA THR C 94 48.94 12.76 -12.19
C THR C 94 49.37 13.96 -13.02
N GLY C 95 49.25 15.14 -12.44
CA GLY C 95 49.85 16.35 -12.99
C GLY C 95 51.22 16.52 -12.37
N LYS C 96 51.79 17.72 -12.49
CA LYS C 96 53.13 18.00 -11.99
C LYS C 96 53.13 19.02 -10.84
N GLU C 97 52.02 19.73 -10.69
CA GLU C 97 51.93 20.84 -9.75
C GLU C 97 50.59 20.82 -9.02
N ASP C 98 50.60 20.72 -7.70
CA ASP C 98 49.35 20.59 -6.95
C ASP C 98 48.63 21.94 -6.83
N ALA C 99 47.53 21.95 -6.10
CA ALA C 99 46.67 23.13 -5.99
C ALA C 99 47.07 24.04 -4.84
N ALA C 100 48.07 23.63 -4.06
CA ALA C 100 48.60 24.43 -2.97
C ALA C 100 47.51 24.87 -1.99
N ASN C 101 46.65 23.94 -1.55
CA ASN C 101 45.58 24.21 -0.55
C ASN C 101 44.71 25.36 -1.05
N ASN C 102 44.52 25.46 -2.36
CA ASN C 102 43.74 26.55 -2.94
C ASN C 102 42.67 26.01 -3.87
N TYR C 103 41.41 26.21 -3.47
CA TYR C 103 40.26 25.76 -4.24
C TYR C 103 40.31 26.28 -5.68
N ALA C 104 40.69 27.55 -5.82
CA ALA C 104 40.74 28.20 -7.13
C ALA C 104 41.69 27.47 -8.09
N ARG C 105 42.84 27.07 -7.60
CA ARG C 105 43.83 26.38 -8.42
C ARG C 105 43.34 24.98 -8.79
N GLY C 106 42.64 24.35 -7.88
CA GLY C 106 42.12 23.01 -8.11
C GLY C 106 40.96 22.99 -9.08
N HIS C 107 40.10 24.00 -8.99
CA HIS C 107 38.92 24.09 -9.85
C HIS C 107 39.25 24.73 -11.19
N TYR C 108 40.13 25.74 -11.18
CA TYR C 108 40.43 26.51 -12.38
C TYR C 108 41.85 26.33 -12.90
N THR C 109 42.79 27.06 -12.30
CA THR C 109 44.13 27.24 -12.86
C THR C 109 44.82 25.93 -13.26
N ILE C 110 44.97 25.02 -12.31
CA ILE C 110 45.66 23.77 -12.56
C ILE C 110 44.70 22.67 -13.03
N GLY C 111 43.51 22.65 -12.45
CA GLY C 111 42.56 21.58 -12.70
C GLY C 111 42.06 21.50 -14.14
N LYS C 112 41.85 22.66 -14.75
CA LYS C 112 41.32 22.72 -16.11
C LYS C 112 42.27 22.10 -17.12
N GLU C 113 43.54 21.99 -16.75
CA GLU C 113 44.55 21.44 -17.64
C GLU C 113 44.46 19.92 -17.76
N ILE C 114 43.84 19.28 -16.78
CA ILE C 114 43.82 17.81 -16.71
C ILE C 114 42.41 17.23 -16.70
N ILE C 115 41.39 18.08 -16.55
CA ILE C 115 40.01 17.62 -16.43
C ILE C 115 39.55 16.77 -17.61
N ASP C 116 39.94 17.16 -18.83
CA ASP C 116 39.50 16.44 -20.02
C ASP C 116 40.11 15.04 -20.06
N LEU C 117 41.38 14.94 -19.70
CA LEU C 117 42.08 13.66 -19.66
C LEU C 117 41.43 12.74 -18.64
N VAL C 118 41.01 13.30 -17.51
CA VAL C 118 40.38 12.52 -16.45
C VAL C 118 39.04 11.97 -16.92
N LEU C 119 38.23 12.82 -17.55
CA LEU C 119 36.92 12.41 -18.06
C LEU C 119 37.05 11.33 -19.14
N ASP C 120 38.14 11.37 -19.91
CA ASP C 120 38.37 10.37 -20.96
C ASP C 120 38.65 9.01 -20.33
N ARG C 121 39.43 9.00 -19.27
CA ARG C 121 39.80 7.76 -18.59
C ARG C 121 38.61 7.19 -17.84
N ILE C 122 37.76 8.08 -17.32
CA ILE C 122 36.53 7.65 -16.64
C ILE C 122 35.58 7.06 -17.67
N ARG C 123 35.52 7.68 -18.84
CA ARG C 123 34.69 7.21 -19.94
C ARG C 123 35.09 5.80 -20.37
N LYS C 124 36.39 5.51 -20.30
CA LYS C 124 36.89 4.21 -20.72
C LYS C 124 36.43 3.11 -19.78
N LEU C 125 36.30 3.43 -18.50
CA LEU C 125 35.79 2.47 -17.53
C LEU C 125 34.29 2.28 -17.74
N ALA C 126 33.58 3.38 -17.97
CA ALA C 126 32.12 3.36 -18.07
C ALA C 126 31.62 2.53 -19.25
N ASP C 127 32.34 2.61 -20.37
CA ASP C 127 31.97 1.89 -21.61
C ASP C 127 32.20 0.39 -21.42
N GLN C 128 32.98 -0.03 -20.43
CA GLN C 128 33.16 -1.43 -20.10
C GLN C 128 32.00 -1.93 -19.23
N CYS C 129 31.15 -1.01 -18.78
CA CYS C 129 30.01 -1.36 -17.94
C CYS C 129 28.79 -1.71 -18.79
N THR C 130 28.09 -2.75 -18.38
CA THR C 130 26.86 -3.16 -19.06
C THR C 130 25.64 -2.51 -18.40
N GLY C 131 25.80 -2.02 -17.18
CA GLY C 131 24.73 -1.35 -16.47
C GLY C 131 25.22 -0.46 -15.34
N LEU C 132 25.96 0.59 -15.70
CA LEU C 132 26.55 1.50 -14.73
C LEU C 132 25.51 2.10 -13.78
N GLN C 133 25.71 1.89 -12.48
CA GLN C 133 24.81 2.40 -11.46
C GLN C 133 25.16 3.85 -11.10
N GLY C 134 26.43 4.09 -10.82
CA GLY C 134 26.88 5.43 -10.50
C GLY C 134 28.34 5.52 -10.07
N PHE C 135 28.69 6.66 -9.47
CA PHE C 135 30.06 6.96 -9.06
C PHE C 135 30.20 7.10 -7.55
N LEU C 136 31.36 6.72 -7.03
CA LEU C 136 31.72 6.97 -5.64
C LEU C 136 32.96 7.85 -5.63
N VAL C 137 32.85 9.04 -5.04
CA VAL C 137 33.92 10.02 -5.09
C VAL C 137 34.55 10.27 -3.72
N PHE C 138 35.85 10.00 -3.63
CA PHE C 138 36.62 10.15 -2.40
C PHE C 138 37.51 11.37 -2.46
N HIS C 139 37.40 12.24 -1.46
CA HIS C 139 38.16 13.49 -1.46
C HIS C 139 38.11 14.19 -0.10
N SER C 140 39.08 15.05 0.14
CA SER C 140 39.09 15.89 1.33
C SER C 140 38.34 17.19 1.06
N PHE C 141 37.89 17.83 2.13
CA PHE C 141 37.29 19.15 2.04
C PHE C 141 38.37 20.23 2.03
N GLY C 142 39.52 19.93 2.62
CA GLY C 142 40.52 20.93 2.93
C GLY C 142 41.53 21.19 1.84
N GLY C 143 41.94 20.15 1.13
CA GLY C 143 42.93 20.28 0.08
C GLY C 143 42.45 21.09 -1.09
N GLY C 144 43.37 21.60 -1.89
CA GLY C 144 43.01 22.38 -3.06
C GLY C 144 42.48 21.48 -4.17
N THR C 145 43.02 20.27 -4.25
CA THR C 145 42.57 19.30 -5.24
C THR C 145 41.28 18.63 -4.77
N GLY C 146 41.29 18.16 -3.52
CA GLY C 146 40.14 17.53 -2.92
C GLY C 146 38.89 18.39 -2.98
N SER C 147 39.05 19.69 -2.79
CA SER C 147 37.94 20.63 -2.86
C SER C 147 37.70 21.12 -4.28
N GLY C 148 38.70 21.79 -4.84
CA GLY C 148 38.57 22.44 -6.13
C GLY C 148 38.34 21.49 -7.30
N PHE C 149 39.22 20.51 -7.47
CA PHE C 149 39.14 19.62 -8.62
C PHE C 149 37.93 18.70 -8.55
N THR C 150 37.57 18.29 -7.33
CA THR C 150 36.42 17.43 -7.12
C THR C 150 35.16 18.13 -7.61
N SER C 151 34.97 19.37 -7.19
CA SER C 151 33.76 20.12 -7.56
C SER C 151 33.70 20.36 -9.06
N LEU C 152 34.85 20.56 -9.68
CA LEU C 152 34.92 20.68 -11.14
C LEU C 152 34.50 19.37 -11.79
N LEU C 153 35.02 18.26 -11.26
CA LEU C 153 34.71 16.94 -11.79
C LEU C 153 33.24 16.60 -11.64
N MET C 154 32.68 16.90 -10.46
CA MET C 154 31.28 16.59 -10.18
C MET C 154 30.36 17.37 -11.12
N GLU C 155 30.72 18.62 -11.39
CA GLU C 155 29.98 19.43 -12.35
C GLU C 155 30.02 18.78 -13.73
N ARG C 156 31.22 18.39 -14.16
CA ARG C 156 31.42 17.79 -15.48
C ARG C 156 30.75 16.43 -15.59
N LEU C 157 30.72 15.67 -14.49
CA LEU C 157 30.11 14.35 -14.49
C LEU C 157 28.59 14.44 -14.65
N SER C 158 28.01 15.50 -14.09
CA SER C 158 26.57 15.71 -14.21
C SER C 158 26.19 16.01 -15.66
N VAL C 159 27.10 16.66 -16.38
CA VAL C 159 26.89 16.97 -17.80
C VAL C 159 27.04 15.71 -18.66
N ASP C 160 28.10 14.95 -18.40
CA ASP C 160 28.43 13.80 -19.24
C ASP C 160 27.60 12.55 -18.90
N TYR C 161 27.04 12.48 -17.69
CA TYR C 161 26.33 11.30 -17.24
C TYR C 161 24.94 11.60 -16.67
N GLY C 162 24.42 12.78 -16.97
CA GLY C 162 23.07 13.15 -16.58
C GLY C 162 22.80 13.00 -15.10
N LYS C 163 21.76 12.24 -14.77
CA LYS C 163 21.32 12.06 -13.39
C LYS C 163 21.85 10.77 -12.77
N LYS C 164 22.81 10.13 -13.45
CA LYS C 164 23.49 8.96 -12.90
C LYS C 164 23.99 9.28 -11.51
N SER C 165 23.80 8.34 -10.58
CA SER C 165 24.00 8.64 -9.16
C SER C 165 25.46 8.91 -8.83
N LYS C 166 25.68 9.89 -7.97
CA LYS C 166 27.02 10.26 -7.53
C LYS C 166 27.08 10.36 -6.01
N LEU C 167 27.87 9.47 -5.40
CA LEU C 167 28.02 9.43 -3.95
C LEU C 167 29.38 9.98 -3.54
N GLU C 168 29.44 10.60 -2.37
CA GLU C 168 30.67 11.17 -1.86
C GLU C 168 31.11 10.54 -0.55
N PHE C 169 32.43 10.36 -0.40
CA PHE C 169 33.04 10.18 0.90
C PHE C 169 33.97 11.36 1.14
N SER C 170 33.51 12.29 1.97
CA SER C 170 34.18 13.58 2.14
C SER C 170 34.90 13.66 3.47
N ILE C 171 36.19 14.01 3.43
CA ILE C 171 36.99 14.11 4.64
C ILE C 171 36.91 15.53 5.20
N TYR C 172 36.26 15.63 6.35
CA TYR C 172 35.99 16.88 7.03
C TYR C 172 37.19 17.26 7.91
N PRO C 173 37.68 18.51 7.80
CA PRO C 173 38.97 18.84 8.41
C PRO C 173 39.00 18.83 9.94
N ALA C 174 40.16 18.44 10.48
CA ALA C 174 40.41 18.48 11.91
C ALA C 174 41.76 19.13 12.17
N PRO C 175 41.87 19.96 13.23
CA PRO C 175 43.11 20.69 13.49
C PRO C 175 44.29 19.79 13.88
N GLN C 176 44.02 18.58 14.37
CA GLN C 176 45.10 17.68 14.78
C GLN C 176 45.95 17.22 13.60
N VAL C 177 45.36 17.21 12.41
CA VAL C 177 46.06 16.76 11.21
C VAL C 177 45.86 17.73 10.04
N SER C 178 45.40 18.95 10.35
CA SER C 178 45.20 19.97 9.32
C SER C 178 46.50 20.35 8.64
N THR C 179 46.39 20.80 7.39
CA THR C 179 47.56 21.15 6.58
C THR C 179 47.52 22.59 6.11
N ALA C 180 46.38 23.25 6.29
CA ALA C 180 46.21 24.60 5.80
C ALA C 180 45.21 25.39 6.64
N VAL C 181 45.53 26.67 6.84
CA VAL C 181 44.66 27.57 7.59
C VAL C 181 43.37 27.88 6.82
N VAL C 182 43.41 27.71 5.50
CA VAL C 182 42.29 28.09 4.63
C VAL C 182 41.32 26.93 4.36
N GLU C 183 41.46 25.82 5.07
CA GLU C 183 40.59 24.66 4.82
C GLU C 183 39.11 24.97 5.05
N PRO C 184 38.78 25.92 5.95
CA PRO C 184 37.38 26.33 6.03
C PRO C 184 36.87 26.96 4.74
N TYR C 185 37.69 27.78 4.08
CA TYR C 185 37.31 28.37 2.80
C TYR C 185 37.06 27.29 1.76
N ASN C 186 38.02 26.38 1.61
CA ASN C 186 37.91 25.30 0.63
C ASN C 186 36.70 24.42 0.91
N SER C 187 36.42 24.21 2.20
CA SER C 187 35.30 23.39 2.61
C SER C 187 33.96 23.98 2.17
N ILE C 188 33.78 25.27 2.43
CA ILE C 188 32.52 25.94 2.10
C ILE C 188 32.34 26.06 0.59
N LEU C 189 33.43 26.31 -0.13
CA LEU C 189 33.35 26.48 -1.58
C LEU C 189 32.97 25.18 -2.29
N THR C 190 33.57 24.06 -1.89
CA THR C 190 33.31 22.79 -2.55
C THR C 190 31.95 22.22 -2.16
N THR C 191 31.53 22.49 -0.92
CA THR C 191 30.23 22.02 -0.45
C THR C 191 29.13 22.72 -1.24
N HIS C 192 29.29 24.03 -1.41
CA HIS C 192 28.34 24.84 -2.18
C HIS C 192 28.24 24.40 -3.63
N THR C 193 29.39 24.11 -4.23
CA THR C 193 29.47 23.81 -5.66
C THR C 193 29.01 22.39 -5.98
N THR C 194 29.23 21.47 -5.05
CA THR C 194 28.94 20.05 -5.27
C THR C 194 27.51 19.68 -4.84
N LEU C 195 26.89 20.53 -4.04
CA LEU C 195 25.60 20.24 -3.41
C LEU C 195 24.53 19.79 -4.42
N GLU C 196 24.39 20.50 -5.53
CA GLU C 196 23.41 20.16 -6.54
C GLU C 196 23.75 18.88 -7.32
N HIS C 197 25.02 18.48 -7.26
CA HIS C 197 25.52 17.43 -8.14
C HIS C 197 25.76 16.10 -7.40
N SER C 198 25.58 16.11 -6.09
CA SER C 198 25.73 14.91 -5.27
C SER C 198 24.37 14.42 -4.79
N ASP C 199 24.17 13.11 -4.81
CA ASP C 199 22.92 12.50 -4.39
C ASP C 199 22.96 12.07 -2.93
N CYS C 200 24.17 11.83 -2.44
CA CYS C 200 24.38 11.32 -1.09
C CYS C 200 25.86 11.45 -0.73
N ALA C 201 26.15 12.04 0.42
CA ALA C 201 27.52 12.29 0.83
C ALA C 201 27.77 11.84 2.27
N PHE C 202 28.75 10.98 2.45
CA PHE C 202 29.13 10.49 3.77
C PHE C 202 30.33 11.26 4.29
N MET C 203 30.10 12.16 5.24
CA MET C 203 31.18 12.95 5.82
C MET C 203 31.94 12.15 6.86
N VAL C 204 33.27 12.29 6.82
CA VAL C 204 34.14 11.66 7.81
C VAL C 204 34.97 12.73 8.52
N ASP C 205 34.59 13.02 9.75
CA ASP C 205 35.31 13.99 10.58
C ASP C 205 36.63 13.39 11.04
N ASN C 206 37.73 13.96 10.59
CA ASN C 206 39.05 13.46 10.94
C ASN C 206 39.27 13.45 12.45
N GLU C 207 38.67 14.42 13.15
CA GLU C 207 38.83 14.51 14.60
C GLU C 207 38.06 13.38 15.27
N ALA C 208 36.92 13.01 14.70
CA ALA C 208 36.13 11.89 15.21
C ALA C 208 36.92 10.60 15.09
N ILE C 209 37.55 10.41 13.94
CA ILE C 209 38.37 9.23 13.68
C ILE C 209 39.63 9.26 14.54
N TYR C 210 40.20 10.46 14.68
CA TYR C 210 41.39 10.67 15.49
C TYR C 210 41.14 10.27 16.95
N ASP C 211 39.99 10.71 17.49
CA ASP C 211 39.63 10.40 18.87
C ASP C 211 39.39 8.91 19.09
N ILE C 212 38.77 8.26 18.10
CA ILE C 212 38.45 6.85 18.22
C ILE C 212 39.74 6.02 18.23
N CYS C 213 40.70 6.41 17.40
CA CYS C 213 41.99 5.74 17.37
C CYS C 213 42.73 5.91 18.70
N ARG C 214 42.60 7.08 19.30
CA ARG C 214 43.24 7.36 20.58
C ARG C 214 42.55 6.63 21.73
N ARG C 215 41.23 6.69 21.75
CA ARG C 215 40.46 6.18 22.89
C ARG C 215 40.23 4.67 22.83
N ASN C 216 39.93 4.16 21.64
CA ASN C 216 39.50 2.77 21.50
C ASN C 216 40.61 1.81 21.07
N LEU C 217 41.67 2.34 20.47
CA LEU C 217 42.78 1.52 19.97
C LEU C 217 44.09 1.85 20.69
N ASP C 218 44.04 2.84 21.58
CA ASP C 218 45.20 3.27 22.36
C ASP C 218 46.39 3.62 21.46
N ILE C 219 46.13 4.44 20.44
CA ILE C 219 47.18 4.97 19.58
C ILE C 219 47.48 6.39 20.02
N GLU C 220 48.66 6.59 20.60
CA GLU C 220 49.03 7.87 21.21
C GLU C 220 48.92 9.05 20.25
N ARG C 221 49.39 8.84 19.02
CA ARG C 221 49.41 9.88 18.00
C ARG C 221 49.07 9.23 16.66
N PRO C 222 47.77 9.11 16.35
CA PRO C 222 47.34 8.47 15.11
C PRO C 222 47.92 9.10 13.86
N THR C 223 48.30 8.25 12.90
CA THR C 223 48.77 8.69 11.59
C THR C 223 47.63 8.57 10.59
N TYR C 224 47.87 9.04 9.37
CA TYR C 224 46.90 8.84 8.29
C TYR C 224 46.67 7.35 8.08
N THR C 225 47.70 6.55 8.30
CA THR C 225 47.60 5.10 8.15
C THR C 225 46.63 4.53 9.17
N ASN C 226 46.68 5.05 10.40
CA ASN C 226 45.75 4.62 11.44
C ASN C 226 44.32 5.03 11.09
N LEU C 227 44.15 6.27 10.65
CA LEU C 227 42.84 6.80 10.31
C LEU C 227 42.23 6.05 9.13
N ASN C 228 43.01 5.87 8.09
CA ASN C 228 42.50 5.32 6.83
C ASN C 228 42.06 3.86 6.96
N ARG C 229 42.76 3.09 7.79
CA ARG C 229 42.41 1.70 8.02
C ARG C 229 41.08 1.59 8.76
N LEU C 230 40.80 2.58 9.60
CA LEU C 230 39.52 2.64 10.29
C LEU C 230 38.43 3.11 9.31
N ILE C 231 38.75 4.15 8.54
CA ILE C 231 37.80 4.69 7.56
C ILE C 231 37.39 3.63 6.54
N SER C 232 38.35 2.83 6.07
CA SER C 232 38.10 1.83 5.05
C SER C 232 37.12 0.78 5.53
N GLN C 233 37.05 0.56 6.83
CA GLN C 233 36.12 -0.39 7.42
C GLN C 233 34.69 0.13 7.33
N ILE C 234 34.51 1.43 7.57
CA ILE C 234 33.19 2.05 7.45
C ILE C 234 32.76 2.06 5.99
N VAL C 235 33.69 2.40 5.10
CA VAL C 235 33.42 2.39 3.66
C VAL C 235 33.07 0.98 3.21
N SER C 236 33.82 0.00 3.70
CA SER C 236 33.58 -1.40 3.35
C SER C 236 32.18 -1.82 3.79
N SER C 237 31.80 -1.43 4.99
CA SER C 237 30.48 -1.77 5.54
C SER C 237 29.36 -1.18 4.67
N ILE C 238 29.60 0.01 4.14
CA ILE C 238 28.59 0.71 3.35
C ILE C 238 28.48 0.12 1.94
N THR C 239 29.61 -0.30 1.38
CA THR C 239 29.63 -0.86 0.03
C THR C 239 29.44 -2.37 0.01
N ALA C 240 29.41 -2.99 1.19
CA ALA C 240 29.31 -4.44 1.30
C ALA C 240 28.06 -5.00 0.62
N SER C 241 26.98 -4.24 0.67
CA SER C 241 25.71 -4.67 0.08
C SER C 241 25.78 -4.67 -1.45
N LEU C 242 26.76 -3.98 -2.00
CA LEU C 242 26.96 -3.92 -3.44
C LEU C 242 27.91 -5.00 -3.92
N ARG C 243 28.82 -5.40 -3.02
CA ARG C 243 29.90 -6.31 -3.38
C ARG C 243 29.61 -7.76 -3.01
N PHE C 244 28.64 -7.96 -2.13
CA PHE C 244 28.24 -9.30 -1.71
C PHE C 244 26.75 -9.52 -1.92
N ASP C 245 26.35 -10.79 -1.97
CA ASP C 245 24.94 -11.15 -2.05
C ASP C 245 24.52 -11.87 -0.78
N GLY C 246 23.21 -12.00 -0.59
CA GLY C 246 22.66 -12.68 0.58
C GLY C 246 21.16 -12.47 0.65
N ALA C 247 20.48 -13.38 1.35
CA ALA C 247 19.04 -13.30 1.51
C ALA C 247 18.64 -12.02 2.24
N LEU C 248 19.24 -11.79 3.39
CA LEU C 248 18.92 -10.64 4.22
C LEU C 248 19.69 -9.40 3.78
N ASN C 249 20.36 -9.48 2.65
CA ASN C 249 21.14 -8.36 2.14
C ASN C 249 20.25 -7.27 1.56
N VAL C 250 20.47 -6.04 1.99
CA VAL C 250 19.70 -4.88 1.49
C VAL C 250 20.62 -3.94 0.74
N ASP C 251 20.24 -3.62 -0.50
CA ASP C 251 21.06 -2.79 -1.36
C ASP C 251 21.14 -1.36 -0.82
N LEU C 252 22.29 -0.72 -1.05
CA LEU C 252 22.54 0.63 -0.56
C LEU C 252 21.52 1.62 -1.10
N THR C 253 21.00 1.37 -2.29
CA THR C 253 20.03 2.26 -2.92
C THR C 253 18.70 2.23 -2.16
N GLU C 254 18.38 1.09 -1.55
CA GLU C 254 17.14 0.99 -0.76
C GLU C 254 17.26 1.83 0.51
N PHE C 255 18.42 1.79 1.15
CA PHE C 255 18.67 2.63 2.31
C PHE C 255 18.59 4.10 1.92
N GLN C 256 19.10 4.39 0.73
CA GLN C 256 19.17 5.74 0.21
C GLN C 256 17.78 6.36 0.08
N THR C 257 16.81 5.54 -0.32
CA THR C 257 15.41 5.96 -0.40
C THR C 257 14.95 6.55 0.93
N ASN C 258 15.35 5.90 2.02
CA ASN C 258 14.96 6.32 3.36
C ASN C 258 15.79 7.48 3.90
N LEU C 259 17.05 7.55 3.49
CA LEU C 259 17.99 8.49 4.07
C LEU C 259 17.87 9.92 3.53
N VAL C 260 17.29 10.07 2.34
CA VAL C 260 17.23 11.38 1.68
C VAL C 260 15.77 11.82 1.49
N PRO C 261 15.22 12.58 2.45
CA PRO C 261 13.84 13.05 2.36
C PRO C 261 13.68 14.24 1.42
N TYR C 262 14.74 15.03 1.31
CA TYR C 262 14.80 16.11 0.33
C TYR C 262 16.20 16.10 -0.29
N PRO C 263 16.32 16.60 -1.54
CA PRO C 263 17.60 16.52 -2.26
C PRO C 263 18.79 17.07 -1.50
N ARG C 264 18.64 18.23 -0.86
CA ARG C 264 19.73 18.87 -0.15
C ARG C 264 20.05 18.18 1.18
N ILE C 265 19.08 17.44 1.71
CA ILE C 265 19.26 16.73 2.97
C ILE C 265 19.79 15.32 2.68
N HIS C 266 21.04 15.23 2.25
CA HIS C 266 21.62 13.96 1.82
C HIS C 266 22.95 13.64 2.49
N PHE C 267 23.08 14.02 3.76
CA PHE C 267 24.29 13.80 4.54
C PHE C 267 24.05 12.87 5.73
N PRO C 268 24.16 11.55 5.51
CA PRO C 268 23.92 10.64 6.63
C PRO C 268 25.05 10.62 7.65
N LEU C 269 24.71 10.41 8.92
CA LEU C 269 25.69 10.22 9.96
C LEU C 269 26.04 8.75 10.09
N ALA C 270 27.33 8.45 10.05
CA ALA C 270 27.79 7.07 10.18
C ALA C 270 28.32 6.80 11.58
N THR C 271 27.96 5.63 12.11
CA THR C 271 28.44 5.18 13.41
C THR C 271 28.80 3.71 13.32
N TYR C 272 30.03 3.38 13.70
CA TYR C 272 30.56 2.04 13.50
C TYR C 272 30.96 1.37 14.81
N ALA C 273 30.70 0.08 14.90
CA ALA C 273 31.09 -0.72 16.06
C ALA C 273 31.24 -2.18 15.67
N PRO C 274 32.12 -2.92 16.35
CA PRO C 274 33.00 -2.46 17.44
C PRO C 274 34.37 -2.04 16.95
N VAL C 275 34.90 -0.94 17.50
CA VAL C 275 36.30 -0.57 17.30
C VAL C 275 37.04 -0.92 18.56
N ILE C 276 37.85 -1.96 18.52
CA ILE C 276 38.49 -2.50 19.71
C ILE C 276 39.82 -3.15 19.36
N SER C 277 40.77 -3.07 20.29
CA SER C 277 42.10 -3.63 20.09
C SER C 277 42.08 -5.14 20.29
N ALA C 278 43.08 -5.81 19.74
CA ALA C 278 43.25 -7.25 19.94
C ALA C 278 43.36 -7.56 21.43
N GLU C 279 44.10 -6.72 22.14
CA GLU C 279 44.34 -6.92 23.57
C GLU C 279 43.02 -6.99 24.37
N LYS C 280 42.07 -6.15 24.00
CA LYS C 280 40.80 -6.05 24.72
C LYS C 280 39.76 -7.03 24.20
N ALA C 281 39.85 -7.37 22.91
CA ALA C 281 38.88 -8.25 22.28
C ALA C 281 39.11 -9.71 22.69
N TYR C 282 40.28 -10.00 23.24
CA TYR C 282 40.63 -11.35 23.64
C TYR C 282 39.76 -11.84 24.79
N HIS C 283 39.20 -13.03 24.63
CA HIS C 283 38.28 -13.62 25.61
C HIS C 283 37.13 -12.67 25.93
N GLU C 284 36.72 -11.88 24.94
CA GLU C 284 35.58 -10.99 25.11
C GLU C 284 34.81 -10.86 23.79
N GLN C 285 33.62 -11.46 23.77
CA GLN C 285 32.76 -11.43 22.60
C GLN C 285 31.73 -10.32 22.71
N LEU C 286 31.69 -9.44 21.71
CA LEU C 286 30.69 -8.38 21.66
C LEU C 286 29.47 -8.88 20.91
N SER C 287 28.35 -8.98 21.62
CA SER C 287 27.12 -9.52 21.07
C SER C 287 26.45 -8.52 20.13
N VAL C 288 25.40 -8.96 19.46
CA VAL C 288 24.62 -8.11 18.59
C VAL C 288 24.05 -6.92 19.36
N ALA C 289 23.59 -7.17 20.58
CA ALA C 289 23.00 -6.13 21.41
C ALA C 289 24.04 -5.08 21.81
N GLU C 290 25.25 -5.54 22.08
CA GLU C 290 26.32 -4.66 22.54
C GLU C 290 26.80 -3.73 21.43
N ILE C 291 27.04 -4.28 20.25
CA ILE C 291 27.53 -3.47 19.13
C ILE C 291 26.42 -2.54 18.62
N THR C 292 25.17 -2.97 18.75
CA THR C 292 24.04 -2.15 18.33
C THR C 292 23.86 -0.97 19.28
N ASN C 293 24.01 -1.21 20.57
CA ASN C 293 23.91 -0.14 21.56
C ASN C 293 25.06 0.85 21.41
N ALA C 294 26.20 0.35 20.95
CA ALA C 294 27.37 1.18 20.71
C ALA C 294 27.12 2.18 19.58
N CYS C 295 26.15 1.88 18.70
CA CYS C 295 25.83 2.78 17.60
C CYS C 295 25.17 4.06 18.09
N PHE C 296 24.75 4.09 19.35
CA PHE C 296 24.08 5.25 19.92
C PHE C 296 24.93 5.89 21.01
N GLU C 297 26.21 5.51 21.06
CA GLU C 297 27.22 6.23 21.81
C GLU C 297 27.88 7.23 20.86
N PRO C 298 27.69 8.54 21.09
CA PRO C 298 28.25 9.54 20.16
C PRO C 298 29.76 9.44 19.96
N ALA C 299 30.45 8.79 20.88
CA ALA C 299 31.89 8.61 20.79
C ALA C 299 32.29 7.73 19.60
N ASN C 300 31.32 7.04 19.03
CA ASN C 300 31.57 6.08 17.95
C ASN C 300 31.17 6.60 16.57
N GLN C 301 30.81 7.88 16.50
CA GLN C 301 30.34 8.48 15.25
C GLN C 301 31.50 8.95 14.36
N MET C 302 31.28 8.95 13.05
CA MET C 302 32.28 9.43 12.10
C MET C 302 32.31 10.96 12.07
N VAL C 303 31.30 11.58 12.66
CA VAL C 303 31.20 13.04 12.73
C VAL C 303 30.84 13.48 14.13
N LYS C 304 31.59 14.45 14.64
CA LYS C 304 31.32 14.98 15.97
C LYS C 304 30.05 15.83 15.95
N CYS C 305 29.05 15.34 16.66
CA CYS C 305 27.78 16.05 16.84
C CYS C 305 27.00 15.29 17.91
N ASP C 306 25.89 15.87 18.38
CA ASP C 306 25.10 15.22 19.41
C ASP C 306 23.68 14.95 18.91
N PRO C 307 23.44 13.74 18.39
CA PRO C 307 22.09 13.37 17.92
C PRO C 307 21.05 13.39 19.02
N ARG C 308 21.47 13.32 20.28
CA ARG C 308 20.56 13.33 21.41
C ARG C 308 19.89 14.71 21.55
N HIS C 309 20.52 15.73 20.96
CA HIS C 309 19.97 17.08 20.94
C HIS C 309 19.45 17.44 19.55
N GLY C 310 19.14 16.42 18.76
CA GLY C 310 18.58 16.61 17.43
C GLY C 310 17.40 15.68 17.20
N LYS C 311 16.94 15.61 15.96
CA LYS C 311 15.84 14.73 15.60
C LYS C 311 16.20 13.82 14.44
N TYR C 312 15.70 12.58 14.50
CA TYR C 312 15.97 11.60 13.47
C TYR C 312 14.97 11.68 12.33
N MET C 313 15.46 11.49 11.11
CA MET C 313 14.62 11.40 9.92
C MET C 313 14.79 10.04 9.25
N ALA C 314 15.69 9.23 9.80
CA ALA C 314 15.94 7.89 9.31
C ALA C 314 16.96 7.20 10.20
N CYS C 315 16.86 5.88 10.28
CA CYS C 315 17.82 5.07 11.04
C CYS C 315 18.00 3.74 10.34
N CYS C 316 19.19 3.52 9.81
CA CYS C 316 19.52 2.29 9.10
C CYS C 316 20.64 1.54 9.82
N LEU C 317 20.49 0.22 9.92
CA LEU C 317 21.52 -0.62 10.52
C LEU C 317 22.06 -1.62 9.51
N LEU C 318 23.36 -1.53 9.24
CA LEU C 318 24.03 -2.38 8.27
C LEU C 318 24.96 -3.35 9.00
N TYR C 319 24.47 -4.56 9.24
CA TYR C 319 25.24 -5.58 9.95
C TYR C 319 26.11 -6.39 9.00
N ARG C 320 27.19 -6.94 9.52
CA ARG C 320 27.93 -7.95 8.80
C ARG C 320 28.55 -8.99 9.75
N GLY C 321 28.52 -10.25 9.32
CA GLY C 321 29.04 -11.35 10.10
C GLY C 321 27.96 -12.21 10.73
N ASP C 322 28.26 -12.77 11.91
CA ASP C 322 27.35 -13.68 12.60
C ASP C 322 26.21 -12.90 13.25
N VAL C 323 25.15 -12.67 12.49
CA VAL C 323 24.00 -11.89 12.94
C VAL C 323 22.71 -12.48 12.36
N VAL C 324 21.70 -12.63 13.20
CA VAL C 324 20.37 -13.04 12.75
C VAL C 324 19.33 -12.01 13.16
N PRO C 325 18.25 -11.87 12.37
CA PRO C 325 17.21 -10.85 12.62
C PRO C 325 16.63 -10.86 14.04
N LYS C 326 16.47 -12.04 14.63
CA LYS C 326 15.90 -12.15 15.98
C LYS C 326 16.68 -11.32 16.99
N ASP C 327 18.00 -11.45 16.97
CA ASP C 327 18.85 -10.75 17.92
C ASP C 327 18.83 -9.25 17.65
N VAL C 328 18.80 -8.88 16.38
CA VAL C 328 18.70 -7.48 15.98
C VAL C 328 17.42 -6.87 16.54
N ASN C 329 16.30 -7.54 16.33
CA ASN C 329 15.00 -7.04 16.79
C ASN C 329 14.94 -6.89 18.30
N ALA C 330 15.54 -7.83 19.02
CA ALA C 330 15.59 -7.78 20.48
C ALA C 330 16.42 -6.59 20.93
N ALA C 331 17.58 -6.41 20.29
CA ALA C 331 18.49 -5.32 20.63
C ALA C 331 17.85 -3.96 20.38
N ILE C 332 17.10 -3.85 19.28
CA ILE C 332 16.45 -2.59 18.93
C ILE C 332 15.35 -2.25 19.93
N ALA C 333 14.56 -3.26 20.31
CA ALA C 333 13.46 -3.05 21.25
C ALA C 333 13.99 -2.54 22.59
N THR C 334 15.13 -3.06 23.02
CA THR C 334 15.77 -2.63 24.25
C THR C 334 16.21 -1.17 24.14
N ILE C 335 16.85 -0.86 23.03
CA ILE C 335 17.45 0.46 22.81
C ILE C 335 16.39 1.57 22.80
N LYS C 336 15.26 1.30 22.15
CA LYS C 336 14.21 2.31 22.00
C LYS C 336 13.61 2.73 23.34
N THR C 337 13.72 1.86 24.33
CA THR C 337 13.16 2.14 25.66
C THR C 337 14.24 2.57 26.65
N LYS C 338 15.39 3.01 26.13
CA LYS C 338 16.49 3.42 26.99
C LYS C 338 17.33 4.57 26.41
N ARG C 339 17.27 4.83 25.11
CA ARG C 339 18.09 5.87 24.48
C ARG C 339 17.27 7.12 24.26
N SER C 340 17.93 8.20 23.95
CA SER C 340 17.31 9.46 23.52
C SER C 340 17.13 9.45 22.01
N ILE C 341 16.15 8.67 21.54
CA ILE C 341 15.87 8.56 20.12
C ILE C 341 14.50 9.16 19.82
N GLN C 342 14.52 10.29 19.11
CA GLN C 342 13.30 11.00 18.78
C GLN C 342 13.28 11.35 17.30
N PHE C 343 12.21 10.96 16.63
CA PHE C 343 12.03 11.23 15.20
C PHE C 343 11.21 12.49 14.99
N VAL C 344 11.41 13.12 13.84
CA VAL C 344 10.51 14.18 13.38
C VAL C 344 9.12 13.58 13.23
N ASP C 345 8.09 14.43 13.20
CA ASP C 345 6.72 13.93 13.27
C ASP C 345 6.17 13.48 11.90
N TRP C 346 6.90 13.79 10.83
CA TRP C 346 6.45 13.48 9.47
C TRP C 346 7.12 12.22 8.91
N CYS C 347 7.80 11.47 9.77
CA CYS C 347 8.54 10.28 9.34
C CYS C 347 8.31 9.08 10.28
N PRO C 348 8.20 7.87 9.71
CA PRO C 348 8.02 6.67 10.54
C PRO C 348 9.29 6.30 11.32
N THR C 349 9.11 5.62 12.45
CA THR C 349 10.19 5.42 13.41
C THR C 349 10.91 4.09 13.27
N GLY C 350 10.47 3.25 12.33
CA GLY C 350 11.06 1.93 12.16
C GLY C 350 12.50 1.97 11.68
N PHE C 351 13.34 1.11 12.26
CA PHE C 351 14.73 0.99 11.84
C PHE C 351 14.83 0.03 10.65
N LYS C 352 15.49 0.46 9.59
CA LYS C 352 15.70 -0.38 8.42
C LYS C 352 17.00 -1.17 8.58
N VAL C 353 16.92 -2.47 8.34
CA VAL C 353 18.00 -3.40 8.66
C VAL C 353 18.52 -4.16 7.46
N GLY C 354 19.84 -4.29 7.38
CA GLY C 354 20.49 -5.11 6.39
C GLY C 354 21.55 -6.00 7.03
N ILE C 355 21.68 -7.22 6.52
CA ILE C 355 22.66 -8.18 7.05
C ILE C 355 23.44 -8.85 5.92
N ASN C 356 24.76 -8.72 5.98
CA ASN C 356 25.66 -9.47 5.10
C ASN C 356 26.44 -10.50 5.91
N TYR C 357 26.24 -11.77 5.61
CA TYR C 357 26.79 -12.84 6.45
C TYR C 357 28.30 -12.92 6.37
N GLN C 358 28.89 -12.28 5.37
CA GLN C 358 30.34 -12.28 5.21
C GLN C 358 30.97 -11.52 6.39
N PRO C 359 31.78 -12.21 7.21
CA PRO C 359 32.28 -11.56 8.42
C PRO C 359 33.31 -10.45 8.15
N PRO C 360 33.51 -9.55 9.13
CA PRO C 360 34.49 -8.48 8.99
C PRO C 360 35.90 -9.00 8.76
N THR C 361 36.70 -8.21 8.06
CA THR C 361 38.08 -8.55 7.74
C THR C 361 39.00 -7.45 8.22
N VAL C 362 40.23 -7.81 8.55
CA VAL C 362 41.23 -6.82 8.95
C VAL C 362 42.51 -6.99 8.14
N VAL C 363 43.18 -5.87 7.90
CA VAL C 363 44.44 -5.86 7.18
C VAL C 363 45.58 -6.29 8.12
N PRO C 364 46.55 -7.07 7.60
CA PRO C 364 47.69 -7.49 8.42
C PRO C 364 48.43 -6.34 9.10
N GLY C 365 48.79 -6.54 10.37
CA GLY C 365 49.53 -5.54 11.11
C GLY C 365 48.72 -4.31 11.42
N GLY C 366 47.39 -4.46 11.41
CA GLY C 366 46.48 -3.37 11.69
C GLY C 366 46.07 -3.35 13.15
N ASP C 367 45.50 -2.25 13.59
CA ASP C 367 45.23 -2.02 15.01
C ASP C 367 43.90 -2.62 15.45
N LEU C 368 42.99 -2.81 14.49
CA LEU C 368 41.66 -3.33 14.79
C LEU C 368 41.67 -4.83 15.07
N ALA C 369 40.98 -5.23 16.13
CA ALA C 369 40.77 -6.64 16.41
C ALA C 369 39.84 -7.23 15.36
N LYS C 370 40.12 -8.47 14.97
CA LYS C 370 39.21 -9.20 14.09
C LYS C 370 38.05 -9.74 14.90
N VAL C 371 36.84 -9.32 14.55
CA VAL C 371 35.64 -9.69 15.28
C VAL C 371 34.69 -10.51 14.41
N GLN C 372 33.77 -11.22 15.05
CA GLN C 372 32.84 -12.08 14.33
C GLN C 372 31.67 -11.30 13.74
N ARG C 373 31.36 -10.15 14.32
CA ARG C 373 30.25 -9.33 13.85
C ARG C 373 30.50 -7.85 14.07
N ALA C 374 30.11 -7.05 13.08
CA ALA C 374 30.23 -5.61 13.13
C ALA C 374 28.93 -4.98 12.66
N VAL C 375 28.77 -3.69 12.91
CA VAL C 375 27.61 -2.95 12.46
C VAL C 375 27.96 -1.51 12.15
N CYS C 376 27.41 -1.00 11.05
CA CYS C 376 27.49 0.42 10.72
C CYS C 376 26.08 0.98 10.66
N MET C 377 25.79 1.94 11.54
CA MET C 377 24.52 2.63 11.50
C MET C 377 24.62 3.84 10.58
N LEU C 378 23.66 3.96 9.66
CA LEU C 378 23.51 5.16 8.86
C LEU C 378 22.22 5.85 9.28
N SER C 379 22.37 7.02 9.90
CA SER C 379 21.22 7.78 10.36
C SER C 379 21.16 9.15 9.71
N ASN C 380 19.94 9.67 9.56
CA ASN C 380 19.74 11.03 9.10
C ASN C 380 19.26 11.87 10.27
N THR C 381 20.19 12.66 10.83
CA THR C 381 19.94 13.46 12.01
C THR C 381 20.16 14.93 11.69
N THR C 382 19.34 15.79 12.29
CA THR C 382 19.51 17.24 12.14
C THR C 382 20.85 17.69 12.75
N ALA C 383 21.27 16.95 13.78
CA ALA C 383 22.52 17.22 14.50
C ALA C 383 23.77 17.30 13.62
N ILE C 384 23.76 16.65 12.46
CA ILE C 384 24.93 16.67 11.59
C ILE C 384 25.20 18.08 11.10
N ALA C 385 24.17 18.92 11.18
CA ALA C 385 24.28 20.33 10.80
C ALA C 385 25.27 21.05 11.70
N GLU C 386 25.54 20.50 12.88
CA GLU C 386 26.51 21.07 13.80
C GLU C 386 27.89 21.14 13.14
N ALA C 387 28.18 20.16 12.30
CA ALA C 387 29.45 20.14 11.56
C ALA C 387 29.53 21.31 10.59
N TRP C 388 28.40 21.65 9.98
CA TRP C 388 28.36 22.82 9.10
C TRP C 388 28.56 24.10 9.91
N ALA C 389 27.92 24.14 11.08
CA ALA C 389 27.94 25.33 11.94
C ALA C 389 29.37 25.66 12.38
N ARG C 390 30.13 24.65 12.75
CA ARG C 390 31.51 24.85 13.19
C ARG C 390 32.38 25.36 12.04
N LEU C 391 32.22 24.77 10.86
CA LEU C 391 32.98 25.17 9.68
C LEU C 391 32.63 26.59 9.26
N ASP C 392 31.34 26.88 9.24
CA ASP C 392 30.85 28.18 8.80
C ASP C 392 31.33 29.30 9.71
N HIS C 393 31.42 29.01 11.02
CA HIS C 393 31.88 30.00 11.98
C HIS C 393 33.34 30.36 11.72
N LYS C 394 34.16 29.35 11.48
CA LYS C 394 35.58 29.56 11.20
C LYS C 394 35.76 30.32 9.90
N PHE C 395 34.92 30.01 8.92
CA PHE C 395 34.86 30.74 7.66
C PHE C 395 34.59 32.23 7.92
N ASP C 396 33.58 32.50 8.74
CA ASP C 396 33.15 33.87 9.01
C ASP C 396 34.24 34.70 9.68
N LEU C 397 34.98 34.08 10.60
CA LEU C 397 36.03 34.78 11.34
C LEU C 397 37.08 35.35 10.41
N MET C 398 37.49 34.56 9.43
CA MET C 398 38.52 34.97 8.48
C MET C 398 37.97 35.88 7.38
N TYR C 399 36.77 35.56 6.89
CA TYR C 399 36.24 36.29 5.74
C TYR C 399 35.82 37.71 6.11
N ALA C 400 35.51 37.93 7.39
CA ALA C 400 35.17 39.27 7.87
C ALA C 400 36.34 40.22 7.65
N LYS C 401 37.56 39.68 7.74
CA LYS C 401 38.77 40.46 7.53
C LYS C 401 39.35 40.21 6.14
N ARG C 402 38.69 39.35 5.37
CA ARG C 402 39.16 38.97 4.03
C ARG C 402 40.55 38.37 4.06
N ALA C 403 40.88 37.70 5.17
CA ALA C 403 42.17 37.04 5.31
C ALA C 403 42.34 35.95 4.25
N PHE C 404 43.50 35.95 3.60
CA PHE C 404 43.88 34.92 2.60
C PHE C 404 43.05 34.95 1.32
N VAL C 405 42.06 35.83 1.25
CA VAL C 405 41.17 35.89 0.10
C VAL C 405 41.93 36.26 -1.17
N HIS C 406 43.05 36.98 -1.02
CA HIS C 406 43.81 37.45 -2.17
C HIS C 406 44.46 36.30 -2.94
N TRP C 407 44.69 35.18 -2.26
CA TRP C 407 45.22 33.99 -2.91
C TRP C 407 44.21 33.41 -3.88
N TYR C 408 42.92 33.61 -3.59
CA TYR C 408 41.85 33.09 -4.42
C TYR C 408 41.55 34.06 -5.56
N VAL C 409 41.52 35.34 -5.23
CA VAL C 409 41.26 36.39 -6.22
C VAL C 409 42.37 36.40 -7.26
N GLY C 410 43.60 36.17 -6.80
CA GLY C 410 44.75 36.12 -7.69
C GLY C 410 44.66 35.04 -8.74
N GLU C 411 43.85 34.01 -8.46
CA GLU C 411 43.67 32.88 -9.38
C GLU C 411 42.39 33.01 -10.19
N GLY C 412 41.73 34.16 -10.10
CA GLY C 412 40.62 34.48 -10.97
C GLY C 412 39.25 34.47 -10.30
N MET C 413 39.20 34.10 -9.03
CA MET C 413 37.93 34.06 -8.31
C MET C 413 37.49 35.45 -7.86
N GLU C 414 36.20 35.57 -7.55
CA GLU C 414 35.63 36.84 -7.08
C GLU C 414 35.04 36.65 -5.69
N GLU C 415 35.01 37.73 -4.92
CA GLU C 415 34.46 37.69 -3.57
C GLU C 415 33.00 37.27 -3.57
N GLY C 416 32.32 37.49 -4.70
CA GLY C 416 30.94 37.11 -4.85
C GLY C 416 30.74 35.61 -4.77
N GLU C 417 31.76 34.85 -5.12
CA GLU C 417 31.71 33.39 -5.05
C GLU C 417 31.78 32.93 -3.59
N PHE C 418 32.52 33.68 -2.77
CA PHE C 418 32.62 33.40 -1.35
C PHE C 418 31.29 33.66 -0.65
N SER C 419 30.68 34.80 -0.96
CA SER C 419 29.43 35.20 -0.31
C SER C 419 28.28 34.31 -0.78
N GLU C 420 28.28 33.98 -2.07
CA GLU C 420 27.28 33.08 -2.63
C GLU C 420 27.38 31.71 -1.95
N ALA C 421 28.60 31.24 -1.77
CA ALA C 421 28.83 29.93 -1.17
C ALA C 421 28.39 29.91 0.29
N ARG C 422 28.66 31.01 0.99
CA ARG C 422 28.34 31.10 2.41
C ARG C 422 26.84 31.24 2.63
N GLU C 423 26.16 31.94 1.72
CA GLU C 423 24.71 32.11 1.79
C GLU C 423 24.02 30.76 1.62
N ASP C 424 24.58 29.93 0.74
CA ASP C 424 24.04 28.59 0.47
C ASP C 424 24.18 27.72 1.71
N MET C 425 25.30 27.85 2.41
CA MET C 425 25.53 27.11 3.64
C MET C 425 24.58 27.57 4.74
N ALA C 426 24.27 28.86 4.77
CA ALA C 426 23.35 29.41 5.76
C ALA C 426 21.95 28.88 5.49
N ALA C 427 21.59 28.76 4.22
CA ALA C 427 20.31 28.22 3.82
C ALA C 427 20.23 26.74 4.17
N LEU C 428 21.37 26.06 4.06
CA LEU C 428 21.45 24.64 4.36
C LEU C 428 21.28 24.39 5.87
N GLU C 429 21.88 25.25 6.68
CA GLU C 429 21.72 25.15 8.13
C GLU C 429 20.27 25.40 8.51
N LYS C 430 19.65 26.37 7.84
CA LYS C 430 18.25 26.69 8.07
C LYS C 430 17.35 25.55 7.60
N ASP C 431 17.73 24.89 6.51
CA ASP C 431 16.99 23.74 6.01
C ASP C 431 16.93 22.64 7.07
N TYR C 432 18.07 22.33 7.67
CA TYR C 432 18.16 21.28 8.68
C TYR C 432 17.39 21.67 9.93
N GLU C 433 17.23 22.96 10.14
CA GLU C 433 16.44 23.48 11.24
C GLU C 433 14.95 23.34 10.94
N GLU C 434 14.58 23.66 9.71
CA GLU C 434 13.18 23.60 9.29
C GLU C 434 12.59 22.20 9.32
N VAL C 435 13.36 21.20 8.90
CA VAL C 435 12.87 19.83 8.84
C VAL C 435 12.62 19.24 10.22
N GLY C 436 13.21 19.85 11.24
CA GLY C 436 13.08 19.38 12.61
C GLY C 436 11.87 19.94 13.33
N VAL C 437 11.29 21.01 12.78
CA VAL C 437 10.12 21.64 13.38
C VAL C 437 8.88 20.76 13.18
N ASP C 438 8.03 20.70 14.20
CA ASP C 438 6.78 19.89 14.17
C ASP C 438 5.80 20.46 13.14
N SER C 439 5.07 19.58 12.45
CA SER C 439 4.08 19.99 11.45
C SER C 439 2.94 20.76 12.12
N VAL C 440 2.20 21.52 11.32
CA VAL C 440 1.09 22.33 11.82
C VAL C 440 -0.24 21.66 11.52
N MET D 1 59.87 16.75 -10.50
CA MET D 1 60.14 17.32 -9.14
C MET D 1 59.82 18.81 -9.11
N ARG D 2 60.07 19.44 -7.96
CA ARG D 2 59.72 20.84 -7.74
C ARG D 2 60.95 21.63 -7.36
N GLU D 3 61.59 22.24 -8.36
CA GLU D 3 62.89 22.88 -8.19
C GLU D 3 62.82 24.30 -7.65
N ILE D 4 63.77 24.62 -6.78
CA ILE D 4 64.00 26.00 -6.33
C ILE D 4 65.31 26.50 -6.92
N VAL D 5 65.28 27.71 -7.45
CA VAL D 5 66.49 28.35 -7.99
C VAL D 5 67.03 29.34 -6.97
N HIS D 6 68.22 29.04 -6.46
CA HIS D 6 68.84 29.87 -5.43
C HIS D 6 69.69 30.96 -6.04
N ILE D 7 69.63 32.15 -5.46
CA ILE D 7 70.42 33.29 -5.89
C ILE D 7 71.03 33.95 -4.67
N GLN D 8 72.33 34.26 -4.74
CA GLN D 8 73.01 35.00 -3.69
C GLN D 8 73.75 36.20 -4.28
N ALA D 9 73.45 37.37 -3.73
CA ALA D 9 73.97 38.64 -4.25
C ALA D 9 74.70 39.44 -3.18
N GLY D 10 75.76 40.12 -3.58
CA GLY D 10 76.54 40.93 -2.66
C GLY D 10 77.41 40.08 -1.76
N GLN D 11 78.10 40.72 -0.83
CA GLN D 11 78.99 40.00 0.08
C GLN D 11 78.18 39.19 1.08
N CYS D 12 77.28 39.84 1.79
CA CYS D 12 76.48 39.17 2.82
C CYS D 12 75.72 38.00 2.22
N GLY D 13 75.11 38.21 1.06
CA GLY D 13 74.35 37.19 0.38
C GLY D 13 75.17 35.95 0.05
N ASN D 14 76.40 36.16 -0.38
CA ASN D 14 77.29 35.05 -0.74
C ASN D 14 77.86 34.36 0.49
N GLN D 15 78.07 35.12 1.55
CA GLN D 15 78.60 34.56 2.79
C GLN D 15 77.61 33.56 3.39
N ILE D 16 76.40 34.04 3.69
CA ILE D 16 75.37 33.18 4.28
C ILE D 16 74.90 32.15 3.26
N GLY D 17 74.96 32.53 1.99
CA GLY D 17 74.61 31.63 0.91
C GLY D 17 75.51 30.41 0.88
N ALA D 18 76.80 30.64 1.00
CA ALA D 18 77.77 29.55 0.98
C ALA D 18 77.60 28.64 2.21
N LYS D 19 77.40 29.24 3.38
CA LYS D 19 77.22 28.48 4.60
C LYS D 19 75.92 27.67 4.54
N PHE D 20 74.89 28.25 3.94
CA PHE D 20 73.64 27.53 3.74
C PHE D 20 73.89 26.24 2.96
N TRP D 21 74.63 26.34 1.88
CA TRP D 21 74.93 25.18 1.04
C TRP D 21 75.84 24.18 1.75
N GLU D 22 76.72 24.67 2.62
CA GLU D 22 77.59 23.79 3.38
C GLU D 22 76.78 22.94 4.36
N VAL D 23 75.83 23.56 5.03
CA VAL D 23 75.06 22.89 6.07
C VAL D 23 74.12 21.83 5.48
N ILE D 24 73.41 22.17 4.40
CA ILE D 24 72.40 21.26 3.86
C ILE D 24 73.06 20.16 3.01
N SER D 25 74.20 20.47 2.41
CA SER D 25 74.95 19.46 1.67
C SER D 25 75.38 18.36 2.64
N ASP D 26 75.67 18.77 3.87
CA ASP D 26 76.04 17.84 4.93
C ASP D 26 74.84 17.02 5.39
N GLU D 27 73.69 17.68 5.52
CA GLU D 27 72.47 17.00 5.94
C GLU D 27 72.02 15.99 4.89
N HIS D 28 72.16 16.36 3.62
CA HIS D 28 71.78 15.49 2.52
C HIS D 28 72.92 14.53 2.15
N GLY D 29 74.02 14.64 2.87
CA GLY D 29 75.12 13.69 2.75
C GLY D 29 75.81 13.71 1.40
N ILE D 30 76.22 14.89 0.95
CA ILE D 30 77.03 15.01 -0.26
C ILE D 30 78.28 15.82 0.04
N ASP D 31 79.40 15.41 -0.56
CA ASP D 31 80.70 16.05 -0.32
C ASP D 31 80.93 17.19 -1.31
N PRO D 32 81.96 18.03 -1.07
CA PRO D 32 82.25 19.15 -1.97
C PRO D 32 82.54 18.76 -3.42
N THR D 33 82.64 17.48 -3.73
CA THR D 33 82.78 17.04 -5.12
C THR D 33 81.41 16.94 -5.78
N GLY D 34 80.41 16.60 -4.98
CA GLY D 34 79.04 16.47 -5.46
C GLY D 34 78.54 15.03 -5.43
N SER D 35 79.36 14.13 -4.89
CA SER D 35 79.00 12.73 -4.78
C SER D 35 78.24 12.47 -3.49
N TYR D 36 77.37 11.46 -3.51
CA TYR D 36 76.59 11.10 -2.33
C TYR D 36 77.29 10.03 -1.50
N HIS D 37 77.41 10.28 -0.20
CA HIS D 37 78.00 9.31 0.73
C HIS D 37 77.19 9.26 2.01
N GLY D 38 75.88 9.10 1.87
CA GLY D 38 74.98 9.05 3.00
C GLY D 38 74.59 7.63 3.35
N ASP D 39 73.58 7.49 4.21
CA ASP D 39 73.14 6.20 4.71
C ASP D 39 71.62 6.03 4.64
N SER D 40 70.90 7.15 4.52
CA SER D 40 69.45 7.15 4.52
C SER D 40 68.90 7.64 3.19
N ASP D 41 67.94 6.90 2.65
CA ASP D 41 67.30 7.26 1.38
C ASP D 41 66.51 8.55 1.49
N LEU D 42 66.16 8.93 2.72
CA LEU D 42 65.40 10.16 2.95
C LEU D 42 66.21 11.40 2.57
N GLN D 43 67.53 11.24 2.52
CA GLN D 43 68.41 12.34 2.17
C GLN D 43 68.30 12.72 0.69
N LEU D 44 67.84 11.78 -0.12
CA LEU D 44 67.83 11.95 -1.57
C LEU D 44 66.44 11.99 -2.20
N GLU D 45 65.39 11.77 -1.41
CA GLU D 45 64.05 11.67 -1.96
C GLU D 45 63.61 13.00 -2.58
N ARG D 46 63.98 14.11 -1.97
CA ARG D 46 63.60 15.46 -2.43
C ARG D 46 64.89 16.26 -2.63
N ILE D 47 65.95 15.61 -3.11
CA ILE D 47 67.23 16.26 -3.31
C ILE D 47 67.16 17.22 -4.51
N ASN D 48 66.31 16.91 -5.48
CA ASN D 48 66.23 17.68 -6.71
C ASN D 48 65.64 19.08 -6.48
N VAL D 49 65.12 19.32 -5.29
CA VAL D 49 64.56 20.62 -4.94
C VAL D 49 65.63 21.70 -5.00
N TYR D 50 66.85 21.36 -4.58
CA TYR D 50 67.95 22.32 -4.52
C TYR D 50 69.16 21.94 -5.37
N TYR D 51 69.18 20.70 -5.87
CA TYR D 51 70.34 20.19 -6.60
C TYR D 51 70.00 19.65 -7.99
N ASN D 52 70.90 19.91 -8.93
CA ASN D 52 70.87 19.27 -10.24
C ASN D 52 71.77 18.04 -10.23
N GLU D 53 71.23 16.92 -10.70
CA GLU D 53 72.01 15.68 -10.80
C GLU D 53 72.70 15.60 -12.15
N ALA D 54 74.03 15.55 -12.12
CA ALA D 54 74.83 15.49 -13.34
C ALA D 54 75.30 14.07 -13.60
N THR D 55 76.13 13.91 -14.62
CA THR D 55 76.66 12.60 -14.99
C THR D 55 77.57 12.06 -13.90
N GLY D 56 77.51 10.75 -13.67
CA GLY D 56 78.30 10.10 -12.65
C GLY D 56 77.78 10.38 -11.25
N ASN D 57 76.47 10.52 -11.16
CA ASN D 57 75.81 10.77 -9.87
C ASN D 57 76.40 11.94 -9.11
N LYS D 58 76.63 13.06 -9.82
CA LYS D 58 77.18 14.27 -9.22
C LYS D 58 76.08 15.31 -9.02
N TYR D 59 75.88 15.71 -7.77
CA TYR D 59 74.83 16.67 -7.43
C TYR D 59 75.39 18.09 -7.38
N VAL D 60 74.82 18.96 -8.21
CA VAL D 60 75.29 20.33 -8.35
C VAL D 60 74.22 21.31 -7.85
N PRO D 61 74.58 22.19 -6.89
CA PRO D 61 73.62 23.18 -6.41
C PRO D 61 73.01 24.04 -7.51
N ARG D 62 71.68 24.17 -7.50
CA ARG D 62 71.00 25.07 -8.40
C ARG D 62 71.13 26.49 -7.88
N ALA D 63 72.36 26.99 -7.87
CA ALA D 63 72.68 28.27 -7.24
C ALA D 63 73.36 29.22 -8.21
N ILE D 64 73.03 30.50 -8.07
CA ILE D 64 73.58 31.56 -8.92
C ILE D 64 74.28 32.60 -8.05
N LEU D 65 75.58 32.73 -8.23
CA LEU D 65 76.39 33.58 -7.38
C LEU D 65 76.66 34.92 -8.08
N VAL D 66 76.29 36.00 -7.41
CA VAL D 66 76.33 37.33 -8.01
C VAL D 66 76.99 38.36 -7.08
N ASP D 67 77.74 39.28 -7.69
CA ASP D 67 78.32 40.41 -6.96
C ASP D 67 78.93 41.38 -7.96
N LEU D 68 78.91 42.67 -7.63
CA LEU D 68 79.47 43.69 -8.51
C LEU D 68 80.99 43.79 -8.36
N GLU D 69 81.56 42.97 -7.49
CA GLU D 69 83.01 42.91 -7.33
C GLU D 69 83.49 41.45 -7.30
N PRO D 70 84.59 41.15 -7.99
CA PRO D 70 85.05 39.76 -8.17
C PRO D 70 85.76 39.19 -6.93
N GLY D 71 85.90 39.98 -5.88
CA GLY D 71 86.58 39.53 -4.68
C GLY D 71 85.94 38.33 -4.04
N THR D 72 84.69 38.51 -3.59
CA THR D 72 83.95 37.45 -2.91
C THR D 72 83.82 36.17 -3.75
N MET D 73 83.85 36.34 -5.07
CA MET D 73 83.68 35.21 -5.98
C MET D 73 84.83 34.22 -5.78
N ASP D 74 86.03 34.74 -5.56
CA ASP D 74 87.19 33.91 -5.29
C ASP D 74 87.11 33.28 -3.90
N SER D 75 86.50 34.00 -2.97
CA SER D 75 86.33 33.51 -1.60
C SER D 75 85.51 32.22 -1.59
N VAL D 76 84.39 32.24 -2.29
CA VAL D 76 83.50 31.09 -2.36
C VAL D 76 84.19 29.91 -3.03
N ARG D 77 84.82 30.18 -4.17
CA ARG D 77 85.46 29.15 -4.97
C ARG D 77 86.63 28.52 -4.21
N SER D 78 87.22 29.29 -3.30
CA SER D 78 88.34 28.81 -2.48
C SER D 78 87.85 28.24 -1.16
N GLY D 79 86.68 28.70 -0.72
CA GLY D 79 86.09 28.20 0.51
C GLY D 79 85.65 26.76 0.33
N PRO D 80 85.26 26.10 1.44
CA PRO D 80 84.77 24.72 1.34
C PRO D 80 83.52 24.63 0.48
N PHE D 81 83.35 23.51 -0.21
CA PHE D 81 82.23 23.34 -1.16
C PHE D 81 82.27 24.42 -2.23
N GLY D 82 83.46 24.91 -2.54
CA GLY D 82 83.63 25.90 -3.59
C GLY D 82 83.68 25.25 -4.96
N GLN D 83 84.11 23.99 -4.99
CA GLN D 83 84.24 23.24 -6.23
C GLN D 83 82.96 22.49 -6.61
N ILE D 84 81.91 22.67 -5.82
CA ILE D 84 80.63 22.02 -6.08
C ILE D 84 79.75 22.92 -6.94
N PHE D 85 79.94 24.23 -6.79
CA PHE D 85 79.16 25.21 -7.55
C PHE D 85 79.46 25.13 -9.04
N ARG D 86 78.48 25.47 -9.85
CA ARG D 86 78.66 25.48 -11.30
C ARG D 86 79.48 26.71 -11.70
N PRO D 87 80.61 26.50 -12.40
CA PRO D 87 81.47 27.62 -12.80
C PRO D 87 80.76 28.70 -13.60
N ASP D 88 79.94 28.30 -14.57
CA ASP D 88 79.24 29.25 -15.43
C ASP D 88 78.22 30.09 -14.66
N ASN D 89 77.83 29.60 -13.48
CA ASN D 89 76.83 30.30 -12.67
C ASN D 89 77.44 31.40 -11.81
N PHE D 90 78.76 31.57 -11.93
CA PHE D 90 79.45 32.72 -11.33
C PHE D 90 79.29 33.92 -12.25
N VAL D 91 78.72 35.00 -11.72
CA VAL D 91 78.48 36.21 -12.50
C VAL D 91 78.97 37.42 -11.72
N PHE D 92 80.11 37.97 -12.14
CA PHE D 92 80.76 39.05 -11.42
C PHE D 92 81.04 40.27 -12.29
N GLY D 93 80.78 41.45 -11.73
CA GLY D 93 81.23 42.70 -12.31
C GLY D 93 82.61 42.99 -11.77
N GLN D 94 83.16 44.16 -12.09
CA GLN D 94 84.47 44.56 -11.60
C GLN D 94 84.42 45.85 -10.81
N SER D 95 83.33 46.60 -10.97
CA SER D 95 83.25 47.96 -10.47
C SER D 95 83.11 48.06 -8.94
N GLY D 96 82.12 47.38 -8.38
CA GLY D 96 81.85 47.45 -6.95
C GLY D 96 80.90 48.59 -6.60
N ALA D 97 79.95 48.31 -5.71
CA ALA D 97 78.86 49.25 -5.45
C ALA D 97 79.24 50.35 -4.48
N GLY D 98 80.04 50.01 -3.47
CA GLY D 98 80.42 50.97 -2.44
C GLY D 98 79.24 51.43 -1.61
N ASN D 99 78.31 50.52 -1.34
CA ASN D 99 77.13 50.80 -0.52
C ASN D 99 76.23 51.89 -1.12
N ASN D 100 76.19 51.98 -2.44
CA ASN D 100 75.29 52.90 -3.12
C ASN D 100 74.13 52.14 -3.76
N TRP D 101 72.94 52.27 -3.17
CA TRP D 101 71.76 51.57 -3.63
C TRP D 101 71.43 51.89 -5.08
N ALA D 102 71.63 53.15 -5.47
CA ALA D 102 71.35 53.61 -6.82
C ALA D 102 72.24 52.91 -7.85
N LYS D 103 73.51 52.71 -7.48
CA LYS D 103 74.44 52.03 -8.36
C LYS D 103 74.04 50.58 -8.59
N GLY D 104 73.61 49.92 -7.52
CA GLY D 104 73.21 48.53 -7.60
C GLY D 104 71.90 48.35 -8.35
N HIS D 105 71.00 49.32 -8.22
CA HIS D 105 69.64 49.18 -8.73
C HIS D 105 69.45 49.79 -10.12
N TYR D 106 70.10 50.93 -10.38
CA TYR D 106 69.85 51.68 -11.61
C TYR D 106 71.05 51.72 -12.56
N THR D 107 72.26 51.77 -12.02
CA THR D 107 73.46 51.97 -12.84
C THR D 107 74.25 50.68 -13.02
N GLU D 108 75.22 50.44 -12.13
CA GLU D 108 76.19 49.35 -12.28
C GLU D 108 75.51 48.00 -12.42
N GLY D 109 74.51 47.75 -11.58
CA GLY D 109 73.82 46.48 -11.56
C GLY D 109 72.94 46.27 -12.78
N ALA D 110 72.33 47.35 -13.26
CA ALA D 110 71.45 47.29 -14.43
C ALA D 110 72.20 46.86 -15.67
N GLU D 111 73.53 46.97 -15.67
CA GLU D 111 74.40 46.59 -16.80
C GLU D 111 74.91 45.17 -16.62
N LEU D 112 74.83 44.59 -15.42
CA LEU D 112 75.19 43.20 -15.16
C LEU D 112 73.97 42.29 -15.04
N VAL D 113 72.81 42.89 -14.83
CA VAL D 113 71.60 42.13 -14.50
C VAL D 113 71.21 41.14 -15.60
N ASP D 114 71.44 41.50 -16.86
CA ASP D 114 71.03 40.65 -17.98
C ASP D 114 71.83 39.35 -18.02
N SER D 115 73.12 39.43 -17.75
CA SER D 115 73.97 38.24 -17.76
C SER D 115 73.66 37.35 -16.56
N VAL D 116 73.03 37.91 -15.55
CA VAL D 116 72.52 37.12 -14.43
C VAL D 116 71.26 36.40 -14.90
N LEU D 117 70.38 37.14 -15.56
CA LEU D 117 69.12 36.59 -16.05
C LEU D 117 69.35 35.44 -17.01
N ASP D 118 70.40 35.53 -17.81
CA ASP D 118 70.75 34.46 -18.74
C ASP D 118 71.01 33.16 -17.99
N VAL D 119 71.63 33.28 -16.82
CA VAL D 119 71.93 32.11 -15.99
C VAL D 119 70.67 31.63 -15.28
N VAL D 120 69.83 32.57 -14.85
CA VAL D 120 68.55 32.24 -14.23
C VAL D 120 67.71 31.45 -15.23
N ARG D 121 67.67 31.95 -16.45
CA ARG D 121 66.87 31.37 -17.52
C ARG D 121 67.34 29.97 -17.89
N LYS D 122 68.66 29.77 -17.92
CA LYS D 122 69.23 28.48 -18.27
C LYS D 122 68.90 27.43 -17.21
N GLU D 123 69.00 27.83 -15.95
CA GLU D 123 68.66 26.94 -14.85
C GLU D 123 67.16 26.64 -14.87
N SER D 124 66.35 27.67 -15.01
CA SER D 124 64.90 27.55 -15.00
C SER D 124 64.36 26.60 -16.06
N GLU D 125 64.83 26.77 -17.30
CA GLU D 125 64.28 26.03 -18.43
C GLU D 125 64.53 24.52 -18.31
N SER D 126 65.48 24.15 -17.46
CA SER D 126 65.81 22.73 -17.25
C SER D 126 65.06 22.15 -16.06
N CYS D 127 64.15 22.94 -15.47
CA CYS D 127 63.36 22.47 -14.35
C CYS D 127 62.14 21.69 -14.82
N ASP D 128 61.90 20.54 -14.20
CA ASP D 128 60.69 19.76 -14.48
C ASP D 128 59.47 20.60 -14.16
N CYS D 129 59.50 21.28 -13.02
CA CYS D 129 58.44 22.17 -12.62
C CYS D 129 58.95 23.17 -11.56
N LEU D 130 59.47 24.30 -12.05
CA LEU D 130 59.97 25.36 -11.18
C LEU D 130 58.88 25.87 -10.24
N GLN D 131 59.18 25.91 -8.94
CA GLN D 131 58.25 26.47 -7.97
C GLN D 131 58.59 27.92 -7.63
N GLY D 132 59.87 28.27 -7.70
CA GLY D 132 60.27 29.65 -7.52
C GLY D 132 61.72 29.91 -7.20
N PHE D 133 61.98 31.08 -6.62
CA PHE D 133 63.33 31.55 -6.36
C PHE D 133 63.50 31.94 -4.89
N GLN D 134 64.71 31.75 -4.36
CA GLN D 134 65.05 32.27 -3.05
C GLN D 134 66.36 33.07 -3.12
N LEU D 135 66.32 34.28 -2.57
CA LEU D 135 67.46 35.20 -2.63
C LEU D 135 68.05 35.45 -1.24
N THR D 136 69.37 35.37 -1.16
CA THR D 136 70.08 35.74 0.06
C THR D 136 70.86 37.03 -0.17
N HIS D 137 70.69 38.00 0.73
CA HIS D 137 71.33 39.29 0.59
C HIS D 137 71.12 40.14 1.83
N SER D 138 71.84 41.26 1.89
CA SER D 138 71.64 42.28 2.92
C SER D 138 70.91 43.46 2.29
N LEU D 139 70.33 44.31 3.13
CA LEU D 139 69.62 45.50 2.65
C LEU D 139 70.42 46.77 2.95
N GLY D 140 71.55 46.62 3.63
CA GLY D 140 72.36 47.75 4.04
C GLY D 140 73.45 48.13 3.05
N GLY D 141 73.84 47.19 2.20
CA GLY D 141 74.89 47.44 1.22
C GLY D 141 74.36 48.13 -0.03
N GLY D 142 74.97 47.82 -1.17
CA GLY D 142 74.59 48.42 -2.44
C GLY D 142 74.24 47.39 -3.49
N THR D 143 75.05 46.32 -3.57
CA THR D 143 74.82 45.27 -4.57
C THR D 143 73.68 44.36 -4.15
N GLY D 144 73.89 43.60 -3.08
CA GLY D 144 72.89 42.68 -2.57
C GLY D 144 71.57 43.39 -2.33
N SER D 145 71.64 44.64 -1.92
CA SER D 145 70.45 45.43 -1.62
C SER D 145 69.81 46.00 -2.88
N GLY D 146 70.56 46.80 -3.63
CA GLY D 146 70.02 47.50 -4.78
C GLY D 146 69.84 46.62 -6.00
N MET D 147 70.85 45.82 -6.32
CA MET D 147 70.78 44.94 -7.49
C MET D 147 69.92 43.72 -7.18
N GLY D 148 69.98 43.27 -5.93
CA GLY D 148 69.14 42.17 -5.49
C GLY D 148 67.67 42.45 -5.69
N THR D 149 67.25 43.69 -5.43
CA THR D 149 65.86 44.09 -5.61
C THR D 149 65.56 44.38 -7.08
N LEU D 150 66.60 44.64 -7.87
CA LEU D 150 66.43 44.79 -9.31
C LEU D 150 66.17 43.43 -9.94
N LEU D 151 67.01 42.45 -9.57
CA LEU D 151 66.86 41.08 -10.06
C LEU D 151 65.47 40.54 -9.78
N ILE D 152 64.95 40.84 -8.58
CA ILE D 152 63.64 40.38 -8.17
C ILE D 152 62.55 40.89 -9.12
N SER D 153 62.59 42.19 -9.42
CA SER D 153 61.64 42.79 -10.35
C SER D 153 61.78 42.19 -11.74
N LYS D 154 63.02 41.99 -12.17
CA LYS D 154 63.29 41.43 -13.49
C LYS D 154 62.84 39.98 -13.61
N ILE D 155 63.11 39.20 -12.57
CA ILE D 155 62.71 37.79 -12.55
C ILE D 155 61.19 37.68 -12.52
N ARG D 156 60.54 38.59 -11.80
CA ARG D 156 59.09 38.55 -11.67
C ARG D 156 58.39 38.93 -12.96
N GLU D 157 59.13 39.55 -13.88
CA GLU D 157 58.60 39.91 -15.19
C GLU D 157 58.51 38.68 -16.09
N GLU D 158 59.47 37.77 -15.93
CA GLU D 158 59.55 36.57 -16.76
C GLU D 158 58.93 35.35 -16.06
N TYR D 159 58.79 35.44 -14.74
CA TYR D 159 58.20 34.36 -13.95
C TYR D 159 57.20 34.90 -12.93
N PRO D 160 56.15 35.59 -13.42
CA PRO D 160 55.18 36.23 -12.53
C PRO D 160 54.30 35.24 -11.77
N ASP D 161 54.22 33.99 -12.24
CA ASP D 161 53.39 32.98 -11.59
C ASP D 161 54.23 32.03 -10.73
N ARG D 162 55.43 32.50 -10.35
CA ARG D 162 56.30 31.75 -9.46
C ARG D 162 56.43 32.48 -8.12
N ILE D 163 56.87 31.75 -7.10
CA ILE D 163 57.01 32.33 -5.77
C ILE D 163 58.38 32.96 -5.61
N MET D 164 58.41 34.17 -5.07
CA MET D 164 59.65 34.90 -4.81
C MET D 164 59.89 35.01 -3.32
N ASN D 165 60.88 34.27 -2.84
CA ASN D 165 61.22 34.24 -1.42
C ASN D 165 62.58 34.91 -1.22
N THR D 166 62.78 35.56 -0.08
CA THR D 166 64.07 36.19 0.21
C THR D 166 64.50 36.02 1.67
N PHE D 167 65.80 35.86 1.85
CA PHE D 167 66.43 35.94 3.16
C PHE D 167 67.16 37.27 3.27
N SER D 168 66.47 38.28 3.79
CA SER D 168 66.99 39.64 3.82
C SER D 168 67.67 39.93 5.16
N VAL D 169 68.93 40.33 5.09
CA VAL D 169 69.69 40.66 6.31
C VAL D 169 69.56 42.14 6.60
N MET D 170 69.00 42.46 7.77
CA MET D 170 68.70 43.84 8.13
C MET D 170 69.88 44.51 8.82
N PRO D 171 70.15 45.79 8.50
CA PRO D 171 71.32 46.50 9.04
C PRO D 171 71.18 46.91 10.51
N SER D 172 72.31 46.99 11.20
CA SER D 172 72.34 47.39 12.61
C SER D 172 73.66 48.09 12.94
N PRO D 173 73.60 49.28 13.57
CA PRO D 173 74.83 49.97 13.98
C PRO D 173 75.74 49.15 14.90
N LYS D 174 75.19 48.11 15.52
CA LYS D 174 75.96 47.25 16.42
C LYS D 174 76.95 46.36 15.67
N VAL D 175 76.81 46.31 14.34
CA VAL D 175 77.60 45.41 13.52
C VAL D 175 78.35 46.17 12.42
N SER D 176 77.67 47.14 11.82
CA SER D 176 78.24 47.92 10.72
C SER D 176 78.25 49.40 11.06
N ASP D 177 79.40 50.03 10.87
CA ASP D 177 79.56 51.46 11.18
C ASP D 177 79.10 52.33 10.01
N THR D 178 78.77 51.70 8.89
CA THR D 178 78.28 52.44 7.72
C THR D 178 77.01 53.19 8.09
N VAL D 179 76.95 54.45 7.69
CA VAL D 179 75.93 55.37 8.19
C VAL D 179 74.73 55.49 7.25
N VAL D 180 74.94 55.15 5.98
CA VAL D 180 73.91 55.33 4.96
C VAL D 180 73.00 54.10 4.85
N GLU D 181 73.28 53.09 5.64
CA GLU D 181 72.54 51.82 5.57
C GLU D 181 71.01 51.97 5.74
N PRO D 182 70.56 52.90 6.61
CA PRO D 182 69.09 53.06 6.69
C PRO D 182 68.45 53.59 5.41
N TYR D 183 69.22 54.22 4.52
CA TYR D 183 68.71 54.60 3.21
C TYR D 183 68.49 53.35 2.37
N ASN D 184 69.50 52.49 2.34
CA ASN D 184 69.49 51.30 1.51
C ASN D 184 68.42 50.31 1.95
N ALA D 185 68.20 50.23 3.26
CA ALA D 185 67.21 49.32 3.82
C ALA D 185 65.80 49.76 3.45
N THR D 186 65.52 51.04 3.64
CA THR D 186 64.21 51.59 3.33
C THR D 186 63.89 51.46 1.85
N LEU D 187 64.87 51.77 1.01
CA LEU D 187 64.71 51.68 -0.44
C LEU D 187 64.45 50.24 -0.87
N SER D 188 65.10 49.30 -0.19
CA SER D 188 64.90 47.88 -0.47
C SER D 188 63.51 47.43 -0.03
N VAL D 189 63.15 47.74 1.21
CA VAL D 189 61.83 47.40 1.76
C VAL D 189 60.72 47.93 0.86
N HIS D 190 60.95 49.10 0.27
CA HIS D 190 60.02 49.68 -0.69
C HIS D 190 59.78 48.72 -1.86
N GLN D 191 60.79 47.92 -2.18
CA GLN D 191 60.73 46.97 -3.28
C GLN D 191 60.22 45.60 -2.84
N LEU D 192 60.63 45.17 -1.64
CA LEU D 192 60.31 43.84 -1.15
C LEU D 192 58.82 43.70 -0.82
N VAL D 193 58.21 44.79 -0.36
CA VAL D 193 56.81 44.77 0.05
C VAL D 193 55.90 44.63 -1.18
N GLU D 194 56.43 44.96 -2.35
CA GLU D 194 55.66 44.94 -3.59
C GLU D 194 55.90 43.69 -4.43
N ASN D 195 57.11 43.14 -4.36
CA ASN D 195 57.54 42.15 -5.35
C ASN D 195 58.00 40.79 -4.82
N THR D 196 57.97 40.62 -3.50
CA THR D 196 58.26 39.30 -2.91
C THR D 196 57.00 38.74 -2.26
N ASP D 197 56.96 37.41 -2.15
CA ASP D 197 55.83 36.72 -1.56
C ASP D 197 56.11 36.37 -0.10
N GLU D 198 57.38 36.09 0.19
CA GLU D 198 57.81 35.73 1.53
C GLU D 198 59.21 36.26 1.81
N THR D 199 59.37 36.98 2.91
CA THR D 199 60.67 37.53 3.29
C THR D 199 61.02 37.16 4.74
N TYR D 200 62.11 36.41 4.88
CA TYR D 200 62.65 36.11 6.21
C TYR D 200 63.53 37.26 6.69
N CYS D 201 63.07 37.94 7.73
CA CYS D 201 63.79 39.09 8.26
C CYS D 201 64.92 38.65 9.19
N ILE D 202 66.12 38.53 8.62
CA ILE D 202 67.32 38.22 9.40
C ILE D 202 67.91 39.53 9.90
N ASP D 203 67.81 39.79 11.21
CA ASP D 203 68.20 41.08 11.76
C ASP D 203 69.54 41.01 12.49
N ASN D 204 70.53 41.73 11.99
CA ASN D 204 71.86 41.76 12.59
C ASN D 204 71.84 42.26 14.04
N GLU D 205 70.88 43.13 14.35
CA GLU D 205 70.69 43.60 15.71
C GLU D 205 70.39 42.42 16.62
N ALA D 206 69.49 41.55 16.16
CA ALA D 206 69.11 40.36 16.93
C ALA D 206 70.26 39.35 16.96
N LEU D 207 70.91 39.16 15.82
CA LEU D 207 72.02 38.22 15.73
C LEU D 207 73.16 38.64 16.66
N TYR D 208 73.41 39.94 16.73
CA TYR D 208 74.43 40.48 17.62
C TYR D 208 74.08 40.23 19.07
N ASP D 209 72.87 40.63 19.46
CA ASP D 209 72.42 40.52 20.85
C ASP D 209 72.43 39.07 21.34
N ILE D 210 72.10 38.14 20.45
CA ILE D 210 72.12 36.72 20.81
C ILE D 210 73.54 36.27 21.11
N CYS D 211 74.46 36.53 20.17
CA CYS D 211 75.87 36.17 20.35
C CYS D 211 76.44 36.79 21.62
N PHE D 212 76.15 38.06 21.82
CA PHE D 212 76.75 38.83 22.92
C PHE D 212 76.15 38.47 24.28
N ARG D 213 74.83 38.39 24.37
CA ARG D 213 74.17 38.31 25.66
C ARG D 213 73.85 36.88 26.11
N THR D 214 73.56 35.99 25.16
CA THR D 214 73.21 34.61 25.48
C THR D 214 74.40 33.67 25.26
N LEU D 215 75.01 33.75 24.09
CA LEU D 215 76.19 32.95 23.79
C LEU D 215 77.43 33.57 24.46
N LYS D 216 77.26 34.75 25.03
CA LYS D 216 78.31 35.42 25.80
C LYS D 216 79.57 35.61 24.96
N LEU D 217 79.39 36.11 23.75
CA LEU D 217 80.50 36.34 22.82
C LEU D 217 80.71 37.83 22.54
N THR D 218 81.45 38.48 23.43
CA THR D 218 81.89 39.86 23.15
C THR D 218 82.76 39.82 21.91
N THR D 219 82.70 40.87 21.10
CA THR D 219 83.41 40.91 19.83
C THR D 219 82.98 39.74 18.97
N PRO D 220 81.70 39.73 18.53
CA PRO D 220 81.21 38.66 17.66
C PRO D 220 81.62 38.86 16.20
N THR D 221 82.15 37.81 15.59
CA THR D 221 82.55 37.85 14.19
C THR D 221 81.35 37.55 13.30
N TYR D 222 81.48 37.83 12.01
CA TYR D 222 80.43 37.49 11.05
C TYR D 222 80.22 35.98 11.02
N GLY D 223 81.28 35.24 11.34
CA GLY D 223 81.19 33.80 11.44
C GLY D 223 80.25 33.38 12.56
N ASP D 224 80.24 34.14 13.64
CA ASP D 224 79.37 33.87 14.77
C ASP D 224 77.92 34.19 14.41
N LEU D 225 77.71 35.32 13.74
CA LEU D 225 76.38 35.71 13.32
C LEU D 225 75.82 34.73 12.30
N ASN D 226 76.67 34.28 11.39
CA ASN D 226 76.25 33.39 10.31
C ASN D 226 76.00 31.96 10.79
N HIS D 227 76.57 31.59 11.93
CA HIS D 227 76.31 30.28 12.51
C HIS D 227 74.84 30.21 12.91
N LEU D 228 74.31 31.35 13.36
CA LEU D 228 72.89 31.47 13.69
C LEU D 228 72.05 31.47 12.42
N VAL D 229 72.50 32.23 11.42
CA VAL D 229 71.78 32.34 10.14
C VAL D 229 71.68 30.97 9.47
N SER D 230 72.78 30.23 9.44
CA SER D 230 72.83 28.94 8.76
C SER D 230 71.89 27.94 9.43
N ALA D 231 71.91 27.91 10.76
CA ALA D 231 71.05 27.01 11.51
C ALA D 231 69.58 27.36 11.28
N THR D 232 69.29 28.66 11.19
CA THR D 232 67.95 29.15 10.93
C THR D 232 67.50 28.76 9.52
N MET D 233 68.32 29.11 8.53
CA MET D 233 68.00 28.82 7.14
C MET D 233 67.82 27.33 6.90
N SER D 234 68.57 26.52 7.64
CA SER D 234 68.44 25.07 7.58
C SER D 234 67.06 24.66 8.09
N GLY D 235 66.63 25.34 9.16
CA GLY D 235 65.37 25.02 9.80
C GLY D 235 64.15 25.36 8.97
N VAL D 236 64.15 26.56 8.37
CA VAL D 236 62.98 27.04 7.65
C VAL D 236 62.87 26.45 6.25
N THR D 237 63.81 25.58 5.89
CA THR D 237 63.78 24.90 4.59
C THR D 237 63.65 23.39 4.74
N THR D 238 63.72 22.91 5.98
CA THR D 238 63.59 21.48 6.27
C THR D 238 62.35 20.89 5.61
N CYS D 239 61.23 21.61 5.70
CA CYS D 239 59.97 21.14 5.14
C CYS D 239 60.03 21.07 3.61
N LEU D 240 60.92 21.86 3.02
CA LEU D 240 61.10 21.86 1.56
C LEU D 240 62.03 20.73 1.13
N ARG D 241 62.94 20.34 2.02
CA ARG D 241 64.05 19.47 1.65
C ARG D 241 63.82 17.99 1.98
N PHE D 242 62.93 17.71 2.92
CA PHE D 242 62.68 16.33 3.35
C PHE D 242 61.21 15.98 3.20
N PRO D 243 60.90 14.67 3.10
CA PRO D 243 59.51 14.26 2.88
C PRO D 243 58.61 14.73 4.02
N GLY D 244 57.55 15.46 3.69
CA GLY D 244 56.71 16.05 4.70
C GLY D 244 55.32 16.41 4.21
N GLN D 245 54.45 16.73 5.16
CA GLN D 245 53.05 17.02 4.89
C GLN D 245 52.78 18.52 4.87
N LEU D 246 53.62 19.26 5.59
CA LEU D 246 53.30 20.61 6.00
C LEU D 246 54.26 21.63 5.42
N ASN D 247 53.73 22.60 4.69
CA ASN D 247 54.53 23.63 4.04
C ASN D 247 55.64 22.99 3.21
N ALA D 248 55.28 21.94 2.49
CA ALA D 248 56.25 21.15 1.75
C ALA D 248 56.82 21.90 0.55
N ASP D 249 56.18 23.00 0.17
CA ASP D 249 56.68 23.83 -0.92
C ASP D 249 56.48 25.31 -0.63
N LEU D 250 57.07 26.16 -1.46
CA LEU D 250 57.06 27.60 -1.25
C LEU D 250 55.67 28.21 -1.33
N ARG D 251 54.82 27.66 -2.20
CA ARG D 251 53.49 28.23 -2.38
C ARG D 251 52.57 27.89 -1.21
N LYS D 252 52.62 26.63 -0.77
CA LYS D 252 51.80 26.20 0.36
C LYS D 252 52.22 26.89 1.65
N LEU D 253 53.50 27.23 1.74
CA LEU D 253 54.00 28.01 2.86
C LEU D 253 53.40 29.40 2.84
N ALA D 254 53.43 30.03 1.67
CA ALA D 254 52.91 31.38 1.50
C ALA D 254 51.41 31.46 1.81
N VAL D 255 50.67 30.45 1.35
CA VAL D 255 49.22 30.40 1.56
C VAL D 255 48.90 30.28 3.05
N ASN D 256 49.75 29.58 3.80
CA ASN D 256 49.53 29.40 5.24
C ASN D 256 50.06 30.56 6.08
N MET D 257 51.00 31.33 5.54
CA MET D 257 51.69 32.36 6.33
C MET D 257 51.25 33.79 6.01
N VAL D 258 50.71 34.03 4.83
CA VAL D 258 50.42 35.38 4.35
C VAL D 258 48.92 35.62 4.17
N PRO D 259 48.25 36.19 5.19
CA PRO D 259 46.82 36.50 5.08
C PRO D 259 46.54 37.75 4.25
N PHE D 260 47.53 38.63 4.15
CA PHE D 260 47.43 39.80 3.29
C PHE D 260 48.76 39.99 2.56
N PRO D 261 48.71 40.29 1.26
CA PRO D 261 49.90 40.20 0.39
C PRO D 261 51.09 41.03 0.87
N ARG D 262 50.84 42.24 1.34
CA ARG D 262 51.93 43.12 1.78
C ARG D 262 52.55 42.64 3.09
N LEU D 263 51.75 41.99 3.93
CA LEU D 263 52.22 41.53 5.23
C LEU D 263 52.86 40.15 5.10
N HIS D 264 54.07 40.11 4.54
CA HIS D 264 54.77 38.86 4.28
C HIS D 264 56.20 38.88 4.83
N PHE D 265 56.40 39.62 5.93
CA PHE D 265 57.71 39.70 6.57
C PHE D 265 57.72 38.91 7.86
N PHE D 266 58.46 37.80 7.84
CA PHE D 266 58.48 36.85 8.95
C PHE D 266 59.66 37.11 9.87
N MET D 267 59.44 36.94 11.17
CA MET D 267 60.54 36.92 12.12
C MET D 267 60.83 35.46 12.50
N PRO D 268 62.00 34.95 12.07
CA PRO D 268 62.33 33.56 12.42
C PRO D 268 62.89 33.43 13.84
N GLY D 269 62.95 32.20 14.33
CA GLY D 269 63.44 31.91 15.66
C GLY D 269 64.08 30.54 15.69
N PHE D 270 64.92 30.30 16.69
CA PHE D 270 65.66 29.04 16.77
C PHE D 270 65.92 28.65 18.22
N ALA D 271 65.87 27.35 18.48
CA ALA D 271 66.12 26.83 19.82
C ALA D 271 66.78 25.45 19.75
N PRO D 272 67.75 25.18 20.64
CA PRO D 272 68.34 26.08 21.63
C PRO D 272 69.47 26.91 21.05
N LEU D 273 70.04 27.80 21.86
CA LEU D 273 71.15 28.66 21.43
C LEU D 273 72.40 28.37 22.25
N LEU D 284 67.68 18.09 25.48
CA LEU D 284 66.74 18.96 26.16
C LEU D 284 65.35 18.31 26.27
N THR D 285 64.44 19.01 26.93
CA THR D 285 63.06 18.54 27.08
C THR D 285 62.19 19.19 26.02
N VAL D 286 61.17 18.48 25.56
CA VAL D 286 60.23 19.03 24.59
C VAL D 286 59.54 20.29 25.14
N PRO D 287 59.17 20.29 26.43
CA PRO D 287 58.53 21.50 26.99
C PRO D 287 59.32 22.79 26.87
N GLU D 288 60.59 22.81 27.27
CA GLU D 288 61.34 24.06 27.29
C GLU D 288 61.94 24.41 25.94
N LEU D 289 61.99 23.42 25.04
CA LEU D 289 62.29 23.71 23.64
C LEU D 289 61.22 24.63 23.09
N THR D 290 59.98 24.31 23.43
CA THR D 290 58.82 25.05 22.97
C THR D 290 58.74 26.44 23.60
N GLN D 291 59.06 26.51 24.90
CA GLN D 291 58.99 27.78 25.62
C GLN D 291 60.08 28.73 25.12
N GLN D 292 61.23 28.18 24.79
CA GLN D 292 62.35 28.96 24.27
C GLN D 292 62.05 29.55 22.89
N MET D 293 61.50 28.73 21.99
CA MET D 293 61.29 29.14 20.62
C MET D 293 60.25 30.26 20.51
N PHE D 294 59.42 30.39 21.54
CA PHE D 294 58.43 31.46 21.61
C PHE D 294 58.94 32.62 22.46
N ASP D 295 60.18 32.51 22.93
CA ASP D 295 60.79 33.56 23.75
C ASP D 295 61.44 34.60 22.86
N SER D 296 61.32 35.87 23.26
CA SER D 296 61.85 36.99 22.49
C SER D 296 63.36 36.88 22.29
N LYS D 297 64.05 36.26 23.24
CA LYS D 297 65.50 36.13 23.20
C LYS D 297 65.98 35.21 22.07
N ASN D 298 65.07 34.40 21.53
CA ASN D 298 65.42 33.42 20.52
C ASN D 298 64.96 33.81 19.11
N MET D 299 64.43 35.02 18.98
CA MET D 299 64.02 35.53 17.68
C MET D 299 65.20 36.11 16.93
N MET D 300 65.26 35.86 15.62
CA MET D 300 66.33 36.40 14.78
C MET D 300 65.94 37.78 14.25
N ALA D 301 64.80 38.29 14.71
CA ALA D 301 64.40 39.67 14.47
C ALA D 301 64.28 40.38 15.82
N ALA D 302 64.85 41.56 15.91
CA ALA D 302 64.86 42.29 17.17
C ALA D 302 63.48 42.86 17.48
N CYS D 303 62.54 41.95 17.74
CA CYS D 303 61.18 42.35 18.10
C CYS D 303 60.68 41.48 19.26
N ASP D 304 59.82 42.05 20.08
CA ASP D 304 59.17 41.32 21.16
C ASP D 304 57.80 40.86 20.67
N PRO D 305 57.60 39.53 20.54
CA PRO D 305 56.30 39.07 20.02
C PRO D 305 55.14 39.42 20.95
N ARG D 306 55.45 39.70 22.22
CA ARG D 306 54.44 40.09 23.19
C ARG D 306 54.13 41.59 23.12
N HIS D 307 54.71 42.26 22.14
CA HIS D 307 54.36 43.65 21.84
C HIS D 307 53.39 43.71 20.65
N GLY D 308 53.01 42.54 20.16
CA GLY D 308 52.05 42.44 19.07
C GLY D 308 51.31 41.12 19.11
N ARG D 309 50.61 40.79 18.02
CA ARG D 309 49.88 39.53 17.91
C ARG D 309 50.37 38.73 16.71
N TYR D 310 50.37 37.40 16.85
CA TYR D 310 50.70 36.51 15.75
C TYR D 310 49.54 36.39 14.77
N LEU D 311 49.79 36.68 13.50
CA LEU D 311 48.82 36.40 12.45
C LEU D 311 48.88 34.92 12.11
N THR D 312 50.09 34.42 11.91
CA THR D 312 50.33 33.02 11.60
C THR D 312 51.65 32.57 12.19
N VAL D 313 51.80 31.26 12.37
CA VAL D 313 53.02 30.69 12.92
C VAL D 313 53.28 29.30 12.33
N ALA D 314 54.54 29.09 11.93
CA ALA D 314 55.01 27.76 11.54
C ALA D 314 56.16 27.37 12.44
N ALA D 315 56.10 26.14 12.94
CA ALA D 315 57.12 25.63 13.86
C ALA D 315 57.49 24.21 13.47
N ILE D 316 58.79 23.97 13.26
CA ILE D 316 59.26 22.61 13.03
C ILE D 316 60.20 22.17 14.16
N PHE D 317 59.94 20.98 14.68
CA PHE D 317 60.81 20.33 15.63
C PHE D 317 61.62 19.29 14.90
N ARG D 318 62.89 19.14 15.29
CA ARG D 318 63.78 18.21 14.62
C ARG D 318 64.45 17.29 15.63
N GLY D 319 64.57 16.02 15.25
CA GLY D 319 65.17 15.01 16.11
C GLY D 319 64.16 13.96 16.50
N ARG D 320 64.62 12.92 17.19
CA ARG D 320 63.74 11.89 17.72
C ARG D 320 63.14 12.33 19.05
N MET D 321 61.81 12.39 19.11
CA MET D 321 61.11 12.87 20.28
C MET D 321 59.67 12.38 20.26
N SER D 322 58.98 12.49 21.40
CA SER D 322 57.58 12.09 21.50
C SER D 322 56.71 13.12 20.80
N MET D 323 56.03 12.70 19.73
CA MET D 323 55.20 13.62 18.96
C MET D 323 53.90 13.93 19.72
N LYS D 324 53.52 13.04 20.63
CA LYS D 324 52.39 13.29 21.51
C LYS D 324 52.72 14.48 22.41
N GLU D 325 53.96 14.52 22.88
CA GLU D 325 54.41 15.57 23.79
C GLU D 325 54.46 16.91 23.08
N VAL D 326 54.91 16.90 21.82
CA VAL D 326 55.00 18.12 21.02
C VAL D 326 53.62 18.71 20.77
N ASP D 327 52.65 17.86 20.42
CA ASP D 327 51.29 18.31 20.18
C ASP D 327 50.68 18.93 21.44
N GLU D 328 50.89 18.27 22.58
CA GLU D 328 50.34 18.73 23.84
C GLU D 328 50.90 20.09 24.23
N GLN D 329 52.20 20.28 24.02
CA GLN D 329 52.87 21.49 24.47
C GLN D 329 52.65 22.67 23.52
N MET D 330 52.43 22.37 22.24
CA MET D 330 52.08 23.42 21.29
C MET D 330 50.67 23.91 21.56
N LEU D 331 49.81 23.00 22.01
CA LEU D 331 48.47 23.38 22.46
C LEU D 331 48.57 24.21 23.73
N ASN D 332 49.49 23.82 24.60
CA ASN D 332 49.69 24.48 25.88
C ASN D 332 50.10 25.93 25.71
N VAL D 333 51.05 26.17 24.83
CA VAL D 333 51.56 27.52 24.58
C VAL D 333 50.48 28.44 24.01
N GLN D 334 49.63 27.91 23.14
CA GLN D 334 48.58 28.71 22.50
C GLN D 334 47.51 29.10 23.52
N ASN D 335 47.27 28.23 24.49
CA ASN D 335 46.25 28.49 25.51
C ASN D 335 46.74 29.50 26.55
N LYS D 336 48.00 29.36 26.97
CA LYS D 336 48.58 30.26 27.96
C LYS D 336 48.94 31.62 27.37
N ASN D 337 49.09 31.68 26.06
CA ASN D 337 49.42 32.92 25.35
C ASN D 337 48.37 33.26 24.30
N SER D 338 47.12 32.94 24.61
CA SER D 338 46.02 33.10 23.66
C SER D 338 45.84 34.54 23.18
N SER D 339 46.19 35.50 24.04
CA SER D 339 46.02 36.92 23.71
C SER D 339 46.95 37.34 22.57
N TYR D 340 48.02 36.57 22.35
CA TYR D 340 49.05 36.93 21.38
C TYR D 340 48.86 36.24 20.03
N PHE D 341 47.73 35.58 19.86
CA PHE D 341 47.32 35.03 18.57
C PHE D 341 45.98 35.62 18.18
N VAL D 342 45.90 36.21 16.99
CA VAL D 342 44.67 36.81 16.52
C VAL D 342 43.56 35.75 16.48
N GLU D 343 42.38 36.11 16.97
CA GLU D 343 41.30 35.16 17.09
C GLU D 343 40.49 35.04 15.80
N TRP D 344 40.64 36.03 14.92
CA TRP D 344 39.91 36.03 13.66
C TRP D 344 40.63 35.20 12.60
N ILE D 345 41.66 34.47 13.00
CA ILE D 345 42.26 33.42 12.16
C ILE D 345 42.34 32.14 12.97
N PRO D 346 41.33 31.26 12.88
CA PRO D 346 41.32 30.03 13.63
C PRO D 346 42.50 29.12 13.26
N ASN D 347 43.09 28.44 14.23
CA ASN D 347 44.11 27.43 13.97
C ASN D 347 45.24 27.96 13.10
N ASN D 348 45.82 29.08 13.50
CA ASN D 348 46.85 29.74 12.70
C ASN D 348 48.26 29.23 12.97
N VAL D 349 48.39 28.34 13.95
CA VAL D 349 49.70 27.77 14.30
C VAL D 349 49.82 26.34 13.77
N LYS D 350 50.85 26.11 12.96
CA LYS D 350 51.09 24.80 12.35
C LYS D 350 52.41 24.20 12.84
N THR D 351 52.38 22.90 13.14
CA THR D 351 53.55 22.20 13.68
C THR D 351 54.00 21.06 12.78
N ALA D 352 55.29 21.07 12.43
CA ALA D 352 55.89 20.01 11.63
C ALA D 352 56.93 19.27 12.45
N VAL D 353 57.22 18.02 12.06
CA VAL D 353 58.21 17.21 12.75
C VAL D 353 59.04 16.38 11.78
N CYS D 354 60.33 16.68 11.72
CA CYS D 354 61.30 15.89 10.96
C CYS D 354 62.21 15.16 11.94
N ASP D 355 62.31 13.83 11.81
CA ASP D 355 63.00 13.03 12.81
C ASP D 355 64.52 12.92 12.56
N ILE D 356 65.02 13.59 11.52
CA ILE D 356 66.45 13.70 11.32
C ILE D 356 66.94 15.03 11.88
N PRO D 357 67.71 15.00 12.97
CA PRO D 357 68.14 16.25 13.59
C PRO D 357 69.24 16.97 12.83
N PRO D 358 69.52 18.23 13.17
CA PRO D 358 70.66 18.94 12.57
C PRO D 358 71.98 18.37 13.07
N ARG D 359 73.09 18.96 12.62
CA ARG D 359 74.41 18.51 13.04
C ARG D 359 74.75 19.07 14.42
N GLY D 360 75.15 18.19 15.34
CA GLY D 360 75.58 18.60 16.66
C GLY D 360 74.49 18.51 17.70
N LEU D 361 73.26 18.80 17.30
CA LEU D 361 72.12 18.79 18.22
C LEU D 361 71.34 17.50 18.12
N LYS D 362 70.91 16.98 19.28
CA LYS D 362 70.08 15.79 19.32
C LYS D 362 68.64 16.16 19.02
N MET D 363 68.28 17.40 19.32
CA MET D 363 66.97 17.93 18.95
C MET D 363 66.95 19.45 18.98
N SER D 364 66.20 20.03 18.04
CA SER D 364 66.09 21.48 17.92
C SER D 364 64.69 21.87 17.47
N ALA D 365 64.43 23.17 17.46
CA ALA D 365 63.15 23.71 17.05
C ALA D 365 63.33 25.02 16.31
N THR D 366 62.74 25.13 15.13
CA THR D 366 62.81 26.35 14.34
C THR D 366 61.44 27.00 14.27
N PHE D 367 61.43 28.33 14.31
CA PHE D 367 60.21 29.11 14.43
C PHE D 367 60.09 30.08 13.26
N ILE D 368 58.88 30.17 12.71
CA ILE D 368 58.57 31.17 11.69
C ILE D 368 57.25 31.85 12.05
N GLY D 369 57.35 33.10 12.50
CA GLY D 369 56.19 33.84 12.92
C GLY D 369 55.89 35.02 12.01
N ASN D 370 54.62 35.19 11.69
CA ASN D 370 54.14 36.42 11.06
C ASN D 370 53.47 37.27 12.13
N SER D 371 54.27 38.07 12.82
CA SER D 371 53.80 38.86 13.95
C SER D 371 53.70 40.33 13.59
N THR D 372 52.67 40.99 14.10
CA THR D 372 52.52 42.43 13.91
C THR D 372 53.61 43.18 14.67
N ALA D 373 54.29 42.48 15.55
CA ALA D 373 55.39 43.06 16.31
C ALA D 373 56.63 43.28 15.45
N ILE D 374 56.57 42.85 14.19
CA ILE D 374 57.68 43.06 13.27
C ILE D 374 57.85 44.55 13.00
N GLN D 375 56.79 45.31 13.23
CA GLN D 375 56.82 46.76 13.02
C GLN D 375 57.91 47.44 13.85
N GLU D 376 58.27 46.82 14.97
CA GLU D 376 59.33 47.34 15.83
C GLU D 376 60.64 47.42 15.06
N LEU D 377 60.84 46.47 14.15
CA LEU D 377 62.04 46.44 13.33
C LEU D 377 62.01 47.54 12.27
N PHE D 378 60.85 47.70 11.62
CA PHE D 378 60.70 48.73 10.59
C PHE D 378 60.71 50.13 11.18
N LYS D 379 60.28 50.26 12.43
CA LYS D 379 60.27 51.56 13.11
C LYS D 379 61.68 51.99 13.44
N ARG D 380 62.53 51.02 13.76
CA ARG D 380 63.94 51.27 14.04
C ARG D 380 64.62 51.85 12.80
N ILE D 381 64.46 51.17 11.67
CA ILE D 381 65.02 51.64 10.41
C ILE D 381 64.45 53.01 10.05
N SER D 382 63.13 53.16 10.21
CA SER D 382 62.46 54.40 9.86
C SER D 382 62.95 55.57 10.71
N GLU D 383 63.32 55.26 11.95
CA GLU D 383 63.80 56.29 12.88
C GLU D 383 65.11 56.87 12.40
N GLN D 384 65.99 56.00 11.94
CA GLN D 384 67.26 56.42 11.37
C GLN D 384 67.02 57.16 10.07
N PHE D 385 66.24 56.54 9.18
CA PHE D 385 65.96 57.11 7.86
C PHE D 385 65.39 58.52 7.94
N THR D 386 64.38 58.71 8.79
CA THR D 386 63.67 59.99 8.86
C THR D 386 64.61 61.10 9.35
N ALA D 387 65.51 60.73 10.26
CA ALA D 387 66.47 61.68 10.79
C ALA D 387 67.50 62.03 9.73
N MET D 388 67.88 61.03 8.93
CA MET D 388 68.83 61.21 7.85
C MET D 388 68.22 62.07 6.74
N PHE D 389 66.94 61.90 6.50
CA PHE D 389 66.24 62.62 5.43
C PHE D 389 66.20 64.12 5.74
N ARG D 390 65.94 64.46 7.00
CA ARG D 390 65.96 65.85 7.44
C ARG D 390 67.38 66.41 7.36
N ARG D 391 68.35 65.60 7.76
CA ARG D 391 69.74 65.99 7.70
C ARG D 391 70.21 66.17 6.26
N LYS D 392 69.65 65.36 5.37
CA LYS D 392 70.11 65.29 3.99
C LYS D 392 71.61 65.03 3.96
N ALA D 393 72.05 63.99 4.67
CA ALA D 393 73.46 63.58 4.69
C ALA D 393 73.73 62.45 3.70
N PHE D 394 74.53 62.75 2.68
CA PHE D 394 74.88 61.82 1.58
C PHE D 394 73.76 61.61 0.57
N LEU D 395 73.07 62.66 0.12
CA LEU D 395 71.91 62.52 -0.79
C LEU D 395 72.50 62.67 -2.16
N HIS D 396 73.66 63.32 -2.26
CA HIS D 396 74.22 63.58 -3.58
C HIS D 396 74.71 62.31 -4.27
N TRP D 397 75.12 61.32 -3.49
CA TRP D 397 75.59 60.06 -4.04
C TRP D 397 74.47 59.31 -4.76
N TYR D 398 73.23 59.55 -4.33
CA TYR D 398 72.08 58.89 -4.93
C TYR D 398 71.54 59.69 -6.12
N THR D 399 71.36 61.00 -5.91
CA THR D 399 70.93 61.89 -6.99
C THR D 399 72.01 61.97 -8.06
N GLY D 400 73.25 61.64 -7.69
CA GLY D 400 74.34 61.62 -8.63
C GLY D 400 74.16 60.56 -9.70
N GLU D 401 73.41 59.52 -9.37
CA GLU D 401 73.12 58.43 -10.31
C GLU D 401 71.82 58.66 -11.06
N GLY D 402 71.13 59.75 -10.74
CA GLY D 402 69.94 60.16 -11.46
C GLY D 402 68.65 60.02 -10.65
N MET D 403 68.79 59.60 -9.39
CA MET D 403 67.62 59.42 -8.54
C MET D 403 66.98 60.76 -8.19
N ASP D 404 65.70 60.72 -7.81
CA ASP D 404 64.97 61.90 -7.38
C ASP D 404 64.78 61.84 -5.87
N GLU D 405 64.43 62.98 -5.27
CA GLU D 405 64.21 63.05 -3.83
C GLU D 405 62.88 62.43 -3.43
N MET D 406 61.95 62.36 -4.38
CA MET D 406 60.63 61.78 -4.10
C MET D 406 60.73 60.27 -3.90
N GLU D 407 61.56 59.61 -4.69
CA GLU D 407 61.75 58.17 -4.57
C GLU D 407 62.20 57.79 -3.16
N PHE D 408 62.85 58.73 -2.48
CA PHE D 408 63.18 58.57 -1.07
C PHE D 408 61.93 58.76 -0.21
N THR D 409 61.13 59.77 -0.55
CA THR D 409 59.91 60.08 0.18
C THR D 409 58.89 58.96 0.03
N GLU D 410 58.72 58.49 -1.20
CA GLU D 410 57.76 57.42 -1.49
C GLU D 410 58.11 56.14 -0.74
N ALA D 411 59.39 55.77 -0.75
CA ALA D 411 59.85 54.59 -0.05
C ALA D 411 59.62 54.71 1.46
N GLU D 412 59.75 55.93 1.96
CA GLU D 412 59.56 56.20 3.39
C GLU D 412 58.10 55.99 3.78
N SER D 413 57.20 56.62 3.02
CA SER D 413 55.77 56.57 3.34
C SER D 413 55.19 55.19 3.11
N ASN D 414 55.76 54.45 2.17
CA ASN D 414 55.29 53.10 1.90
C ASN D 414 55.62 52.18 3.06
N MET D 415 56.80 52.36 3.66
CA MET D 415 57.19 51.59 4.83
C MET D 415 56.39 52.04 6.05
N ASN D 416 56.02 53.32 6.06
CA ASN D 416 55.13 53.83 7.10
C ASN D 416 53.77 53.18 7.01
N ASP D 417 53.29 52.99 5.79
CA ASP D 417 52.01 52.33 5.55
C ASP D 417 52.05 50.89 6.02
N LEU D 418 53.14 50.20 5.71
CA LEU D 418 53.33 48.81 6.12
C LEU D 418 53.21 48.67 7.64
N VAL D 419 53.84 49.59 8.36
CA VAL D 419 53.80 49.59 9.82
C VAL D 419 52.39 49.79 10.34
N SER D 420 51.67 50.76 9.77
CA SER D 420 50.32 51.07 10.22
C SER D 420 49.34 49.95 9.85
N GLU D 421 49.65 49.23 8.77
CA GLU D 421 48.82 48.11 8.35
C GLU D 421 48.99 46.92 9.30
N TYR D 422 50.22 46.70 9.75
CA TYR D 422 50.47 45.68 10.76
C TYR D 422 49.79 46.07 12.07
N GLN D 423 49.69 47.37 12.32
CA GLN D 423 49.05 47.88 13.53
C GLN D 423 47.53 47.71 13.43
N GLN D 424 46.98 47.90 12.24
CA GLN D 424 45.54 47.78 12.01
C GLN D 424 45.03 46.40 12.41
N TYR D 425 45.71 45.35 11.96
CA TYR D 425 45.26 43.99 12.18
C TYR D 425 45.63 43.48 13.57
N GLN D 426 46.56 44.17 14.22
CA GLN D 426 46.88 43.89 15.61
C GLN D 426 45.74 44.37 16.51
N ASP D 427 45.09 45.46 16.10
CA ASP D 427 44.01 46.06 16.89
C ASP D 427 42.64 45.48 16.54
N ALA D 428 42.57 44.71 15.46
CA ALA D 428 41.30 44.15 15.02
C ALA D 428 40.77 43.12 16.01
N THR D 429 39.44 43.00 16.07
CA THR D 429 38.78 42.02 16.92
C THR D 429 37.82 41.18 16.10
N ALA D 430 37.40 40.05 16.66
CA ALA D 430 36.45 39.16 15.99
C ALA D 430 35.11 39.84 15.79
N ASP D 431 34.66 40.57 16.82
CA ASP D 431 33.39 41.28 16.77
C ASP D 431 33.62 42.79 16.73
N MET E 1 -72.01 -33.20 -5.75
CA MET E 1 -73.26 -33.93 -5.87
C MET E 1 -73.57 -34.26 -7.32
N GLU E 2 -73.72 -33.23 -8.15
CA GLU E 2 -74.06 -33.40 -9.55
C GLU E 2 -72.82 -33.73 -10.38
N VAL E 3 -72.80 -34.94 -10.94
CA VAL E 3 -71.71 -35.39 -11.80
C VAL E 3 -72.13 -35.26 -13.26
N ILE E 4 -71.30 -34.60 -14.07
CA ILE E 4 -71.64 -34.32 -15.46
C ILE E 4 -70.47 -34.53 -16.42
N GLU E 5 -70.81 -34.60 -17.72
CA GLU E 5 -69.83 -34.74 -18.79
C GLU E 5 -68.89 -35.93 -18.56
N LEU E 6 -69.44 -37.00 -17.99
CA LEU E 6 -68.68 -38.23 -17.82
C LEU E 6 -68.29 -38.80 -19.17
N ASN E 7 -66.98 -38.92 -19.39
CA ASN E 7 -66.44 -39.57 -20.57
C ASN E 7 -65.55 -40.73 -20.16
N LYS E 8 -65.75 -41.89 -20.78
CA LYS E 8 -64.99 -43.07 -20.44
C LYS E 8 -64.23 -43.63 -21.64
N CYS E 9 -63.08 -44.22 -21.37
CA CYS E 9 -62.30 -44.91 -22.39
C CYS E 9 -61.44 -45.96 -21.70
N THR E 10 -60.65 -46.69 -22.49
CA THR E 10 -59.85 -47.78 -21.97
C THR E 10 -58.76 -47.28 -21.04
N SER E 11 -58.25 -46.08 -21.32
CA SER E 11 -57.14 -45.52 -20.56
C SER E 11 -57.60 -44.95 -19.23
N GLY E 12 -58.86 -44.54 -19.16
CA GLY E 12 -59.41 -43.96 -17.95
C GLY E 12 -60.74 -43.29 -18.19
N GLN E 13 -61.07 -42.30 -17.36
CA GLN E 13 -62.29 -41.54 -17.53
C GLN E 13 -62.17 -40.16 -16.88
N SER E 14 -63.00 -39.23 -17.34
CA SER E 14 -63.01 -37.87 -16.83
C SER E 14 -64.44 -37.37 -16.67
N PHE E 15 -64.63 -36.45 -15.74
CA PHE E 15 -65.94 -35.90 -15.45
C PHE E 15 -65.80 -34.61 -14.66
N GLU E 16 -66.92 -33.92 -14.50
CA GLU E 16 -66.95 -32.68 -13.74
C GLU E 16 -68.03 -32.76 -12.67
N VAL E 17 -67.66 -32.44 -11.43
CA VAL E 17 -68.60 -32.47 -10.32
C VAL E 17 -68.75 -31.06 -9.75
N ILE E 18 -70.00 -30.61 -9.67
CA ILE E 18 -70.31 -29.27 -9.17
C ILE E 18 -71.00 -29.36 -7.81
N LEU E 19 -70.50 -28.59 -6.86
CA LEU E 19 -71.06 -28.57 -5.50
C LEU E 19 -72.05 -27.42 -5.34
N LYS E 20 -71.84 -26.34 -6.09
CA LYS E 20 -72.66 -25.15 -5.97
C LYS E 20 -72.48 -24.22 -7.18
N PRO E 21 -73.59 -23.68 -7.71
CA PRO E 21 -73.46 -22.73 -8.81
C PRO E 21 -72.89 -21.37 -8.36
N PRO E 22 -72.51 -20.50 -9.31
CA PRO E 22 -71.97 -19.19 -8.99
C PRO E 22 -72.99 -18.25 -8.36
N SER E 23 -72.61 -16.99 -8.15
CA SER E 23 -73.48 -16.00 -7.53
C SER E 23 -73.49 -14.72 -8.34
N ASP E 39 -49.73 -7.03 -28.64
CA ASP E 39 -48.38 -7.55 -28.48
C ASP E 39 -47.40 -6.77 -29.36
N PRO E 40 -46.17 -6.53 -28.84
CA PRO E 40 -45.18 -5.80 -29.64
C PRO E 40 -44.84 -6.51 -30.95
N SER E 41 -44.47 -5.72 -31.97
CA SER E 41 -44.14 -6.26 -33.27
C SER E 41 -42.66 -6.63 -33.35
N LEU E 42 -42.29 -7.30 -34.43
CA LEU E 42 -40.90 -7.65 -34.69
C LEU E 42 -40.04 -6.38 -34.75
N GLU E 43 -40.60 -5.34 -35.34
CA GLU E 43 -39.93 -4.04 -35.43
C GLU E 43 -39.55 -3.50 -34.05
N GLU E 44 -40.55 -3.40 -33.18
CA GLU E 44 -40.37 -2.80 -31.86
C GLU E 44 -39.37 -3.59 -31.01
N ILE E 45 -39.30 -4.90 -31.24
CA ILE E 45 -38.40 -5.75 -30.49
C ILE E 45 -36.95 -5.51 -30.87
N GLN E 46 -36.67 -5.51 -32.18
CA GLN E 46 -35.31 -5.28 -32.66
C GLN E 46 -34.82 -3.88 -32.28
N LYS E 47 -35.73 -2.92 -32.27
CA LYS E 47 -35.40 -1.55 -31.92
C LYS E 47 -34.97 -1.44 -30.45
N LYS E 48 -35.63 -2.22 -29.59
CA LYS E 48 -35.31 -2.19 -28.17
C LYS E 48 -33.97 -2.90 -27.92
N LEU E 49 -33.68 -3.93 -28.71
CA LEU E 49 -32.45 -4.69 -28.57
C LEU E 49 -31.25 -3.93 -29.12
N GLU E 50 -31.49 -3.17 -30.19
CA GLU E 50 -30.42 -2.44 -30.86
C GLU E 50 -30.13 -1.12 -30.13
N ALA E 51 -31.18 -0.54 -29.54
CA ALA E 51 -31.03 0.65 -28.71
C ALA E 51 -30.16 0.36 -27.50
N ALA E 52 -30.38 -0.82 -26.91
CA ALA E 52 -29.61 -1.27 -25.76
C ALA E 52 -28.16 -1.56 -26.16
N GLU E 53 -27.97 -1.96 -27.41
CA GLU E 53 -26.63 -2.27 -27.92
C GLU E 53 -25.83 -0.98 -28.11
N GLU E 54 -26.52 0.10 -28.46
CA GLU E 54 -25.87 1.39 -28.63
C GLU E 54 -25.42 1.96 -27.30
N ARG E 55 -26.27 1.79 -26.28
CA ARG E 55 -25.94 2.24 -24.93
C ARG E 55 -24.68 1.55 -24.42
N ARG E 56 -24.47 0.30 -24.86
CA ARG E 56 -23.25 -0.43 -24.54
C ARG E 56 -22.06 0.15 -25.29
N LYS E 57 -22.29 0.51 -26.55
CA LYS E 57 -21.23 1.06 -27.39
C LYS E 57 -20.78 2.43 -26.90
N TYR E 58 -21.75 3.22 -26.42
CA TYR E 58 -21.46 4.54 -25.90
C TYR E 58 -20.63 4.44 -24.62
N GLN E 59 -21.02 3.49 -23.77
CA GLN E 59 -20.32 3.28 -22.50
C GLN E 59 -18.90 2.79 -22.73
N GLU E 60 -18.73 1.88 -23.70
CA GLU E 60 -17.41 1.36 -24.02
C GLU E 60 -16.54 2.43 -24.65
N ALA E 61 -17.16 3.34 -25.39
CA ALA E 61 -16.43 4.42 -26.06
C ALA E 61 -15.92 5.43 -25.04
N GLU E 62 -16.77 5.79 -24.09
CA GLU E 62 -16.41 6.70 -23.02
C GLU E 62 -15.22 6.16 -22.22
N LEU E 63 -15.20 4.85 -22.04
CA LEU E 63 -14.10 4.19 -21.35
C LEU E 63 -12.80 4.32 -22.13
N LEU E 64 -12.83 3.98 -23.41
CA LEU E 64 -11.65 4.03 -24.26
C LEU E 64 -11.18 5.47 -24.43
N LYS E 65 -12.12 6.41 -24.40
CA LYS E 65 -11.78 7.83 -24.42
C LYS E 65 -11.04 8.19 -23.14
N HIS E 66 -11.62 7.78 -22.02
CA HIS E 66 -11.02 8.02 -20.71
C HIS E 66 -9.62 7.41 -20.63
N LEU E 67 -9.47 6.19 -21.12
CA LEU E 67 -8.19 5.52 -21.12
C LEU E 67 -7.22 6.22 -22.06
N ALA E 68 -7.74 6.78 -23.15
CA ALA E 68 -6.91 7.50 -24.11
C ALA E 68 -6.31 8.75 -23.47
N GLU E 69 -7.08 9.40 -22.60
CA GLU E 69 -6.61 10.56 -21.88
C GLU E 69 -5.46 10.19 -20.94
N LYS E 70 -5.53 9.00 -20.38
CA LYS E 70 -4.48 8.50 -19.49
C LYS E 70 -3.21 8.21 -20.28
N ARG E 71 -3.36 7.66 -21.47
CA ARG E 71 -2.21 7.37 -22.33
C ARG E 71 -1.47 8.67 -22.65
N GLU E 72 -2.22 9.74 -22.86
CA GLU E 72 -1.62 11.03 -23.21
C GLU E 72 -0.92 11.62 -21.99
N HIS E 73 -1.51 11.42 -20.81
CA HIS E 73 -0.89 11.88 -19.57
C HIS E 73 0.41 11.14 -19.34
N GLU E 74 0.41 9.84 -19.62
CA GLU E 74 1.61 9.01 -19.44
C GLU E 74 2.76 9.54 -20.30
N ARG E 75 2.45 9.95 -21.52
CA ARG E 75 3.44 10.50 -22.42
C ARG E 75 3.98 11.83 -21.90
N GLU E 76 3.09 12.65 -21.34
CA GLU E 76 3.47 13.97 -20.85
C GLU E 76 4.40 13.88 -19.64
N VAL E 77 4.20 12.84 -18.82
CA VAL E 77 5.01 12.66 -17.63
C VAL E 77 6.46 12.29 -17.99
N ILE E 78 6.64 11.35 -18.91
CA ILE E 78 7.98 10.92 -19.30
C ILE E 78 8.67 12.00 -20.12
N GLN E 79 7.88 12.79 -20.84
CA GLN E 79 8.42 13.92 -21.60
C GLN E 79 8.90 15.01 -20.67
N LYS E 80 8.21 15.15 -19.54
CA LYS E 80 8.59 16.15 -18.54
C LYS E 80 9.90 15.76 -17.87
N ALA E 81 10.05 14.47 -17.57
CA ALA E 81 11.26 13.96 -16.94
C ALA E 81 12.47 14.14 -17.84
N ILE E 82 12.28 13.88 -19.14
CA ILE E 82 13.34 14.08 -20.12
C ILE E 82 13.70 15.55 -20.21
N GLU E 83 12.68 16.41 -20.26
CA GLU E 83 12.88 17.85 -20.39
C GLU E 83 13.68 18.42 -19.22
N GLU E 84 13.30 18.04 -18.00
CA GLU E 84 13.94 18.58 -16.80
C GLU E 84 15.37 18.05 -16.65
N ASN E 85 15.57 16.79 -17.03
CA ASN E 85 16.90 16.19 -17.01
C ASN E 85 17.84 16.89 -17.99
N ASN E 86 17.32 17.21 -19.18
CA ASN E 86 18.08 17.91 -20.20
C ASN E 86 18.36 19.34 -19.77
N ASN E 87 17.38 19.96 -19.14
CA ASN E 87 17.49 21.34 -18.67
C ASN E 87 18.54 21.47 -17.57
N PHE E 88 18.68 20.43 -16.76
CA PHE E 88 19.67 20.39 -15.70
C PHE E 88 21.08 20.23 -16.28
N ILE E 89 21.20 19.32 -17.25
CA ILE E 89 22.46 19.12 -17.96
C ILE E 89 22.86 20.40 -18.68
N LYS E 90 21.88 21.02 -19.34
CA LYS E 90 22.10 22.24 -20.11
C LYS E 90 22.58 23.39 -19.23
N MET E 91 21.87 23.64 -18.14
CA MET E 91 22.19 24.76 -17.26
C MET E 91 23.51 24.54 -16.53
N ALA E 92 23.86 23.28 -16.28
CA ALA E 92 25.13 22.96 -15.64
C ALA E 92 26.27 23.21 -16.61
N LYS E 93 26.07 22.82 -17.87
CA LYS E 93 27.08 23.02 -18.90
C LYS E 93 27.34 24.50 -19.14
N GLU E 94 26.27 25.29 -19.18
CA GLU E 94 26.37 26.72 -19.43
C GLU E 94 26.92 27.47 -18.22
N LYS E 95 26.46 27.09 -17.03
CA LYS E 95 26.91 27.73 -15.79
C LYS E 95 28.42 27.53 -15.62
N LEU E 96 28.90 26.37 -16.01
CA LEU E 96 30.32 26.04 -15.85
C LEU E 96 31.16 26.80 -16.87
N ALA E 97 30.71 26.82 -18.12
CA ALA E 97 31.44 27.50 -19.19
C ALA E 97 31.60 28.99 -18.88
N GLN E 98 30.58 29.57 -18.27
CA GLN E 98 30.61 30.98 -17.89
C GLN E 98 31.63 31.22 -16.77
N LYS E 99 31.69 30.29 -15.81
CA LYS E 99 32.61 30.42 -14.70
C LYS E 99 34.06 30.37 -15.14
N MET E 100 34.39 29.40 -16.00
CA MET E 100 35.76 29.24 -16.46
C MET E 100 36.19 30.41 -17.32
N GLU E 101 35.22 31.00 -18.03
CA GLU E 101 35.48 32.17 -18.85
C GLU E 101 35.71 33.39 -17.96
N SER E 102 34.85 33.55 -16.97
CA SER E 102 34.97 34.64 -16.00
C SER E 102 36.29 34.57 -15.24
N ASN E 103 36.71 33.34 -14.94
CA ASN E 103 37.94 33.12 -14.18
C ASN E 103 39.17 33.39 -15.05
N LYS E 104 39.08 33.04 -16.33
CA LYS E 104 40.18 33.25 -17.27
C LYS E 104 40.43 34.74 -17.46
N GLU E 105 39.35 35.52 -17.61
CA GLU E 105 39.47 36.95 -17.77
C GLU E 105 40.09 37.61 -16.54
N ASN E 106 39.60 37.23 -15.36
CA ASN E 106 40.05 37.82 -14.11
C ASN E 106 41.52 37.54 -13.84
N ARG E 107 41.93 36.28 -14.00
CA ARG E 107 43.31 35.91 -13.73
C ARG E 107 44.26 36.60 -14.69
N GLU E 108 43.88 36.66 -15.97
CA GLU E 108 44.67 37.35 -16.98
C GLU E 108 44.75 38.84 -16.67
N ALA E 109 43.64 39.42 -16.21
CA ALA E 109 43.59 40.84 -15.91
C ALA E 109 44.46 41.17 -14.69
N HIS E 110 44.61 40.21 -13.79
CA HIS E 110 45.44 40.38 -12.61
C HIS E 110 46.92 40.29 -12.98
N LEU E 111 47.26 39.35 -13.85
CA LEU E 111 48.63 39.19 -14.32
C LEU E 111 49.03 40.36 -15.22
N ALA E 112 48.08 40.85 -16.01
CA ALA E 112 48.35 41.96 -16.91
C ALA E 112 48.64 43.23 -16.13
N ALA E 113 47.87 43.46 -15.07
CA ALA E 113 48.07 44.63 -14.21
C ALA E 113 49.42 44.56 -13.51
N MET E 114 49.87 43.35 -13.23
CA MET E 114 51.15 43.13 -12.57
C MET E 114 52.31 43.51 -13.48
N LEU E 115 52.28 43.00 -14.72
CA LEU E 115 53.33 43.29 -15.68
C LEU E 115 53.40 44.77 -16.02
N GLU E 116 52.23 45.40 -16.13
CA GLU E 116 52.16 46.83 -16.44
C GLU E 116 52.84 47.67 -15.37
N ARG E 117 52.70 47.27 -14.12
CA ARG E 117 53.33 47.98 -13.01
C ARG E 117 54.84 47.75 -13.04
N LEU E 118 55.26 46.56 -13.43
CA LEU E 118 56.68 46.24 -13.56
C LEU E 118 57.29 46.93 -14.78
N GLN E 119 56.46 47.16 -15.80
CA GLN E 119 56.94 47.73 -17.06
C GLN E 119 57.12 49.24 -16.96
N GLU E 120 56.52 49.85 -15.94
CA GLU E 120 56.72 51.28 -15.70
C GLU E 120 57.84 51.48 -14.68
N LYS E 121 58.26 50.40 -14.05
CA LYS E 121 59.49 50.42 -13.24
C LYS E 121 60.68 50.45 -14.19
N ASP E 122 60.52 49.82 -15.36
CA ASP E 122 61.55 49.85 -16.39
C ASP E 122 61.61 51.24 -17.02
N LYS E 123 60.45 51.78 -17.35
CA LYS E 123 60.36 53.13 -17.91
C LYS E 123 60.92 54.15 -16.94
N HIS E 124 60.70 53.91 -15.64
CA HIS E 124 61.23 54.78 -14.60
C HIS E 124 62.75 54.68 -14.55
N ALA E 125 63.27 53.47 -14.72
CA ALA E 125 64.72 53.25 -14.66
C ALA E 125 65.41 53.90 -15.86
N GLU E 126 64.73 53.92 -17.00
CA GLU E 126 65.24 54.62 -18.18
C GLU E 126 65.31 56.11 -17.91
N GLU E 127 64.27 56.63 -17.28
CA GLU E 127 64.18 58.04 -16.95
C GLU E 127 65.24 58.46 -15.94
N VAL E 128 65.64 57.51 -15.08
CA VAL E 128 66.66 57.76 -14.07
C VAL E 128 68.04 57.80 -14.72
N ARG E 129 68.34 56.78 -15.54
CA ARG E 129 69.60 56.75 -16.26
C ARG E 129 69.68 57.92 -17.23
N LYS E 130 68.54 58.26 -17.84
CA LYS E 130 68.43 59.44 -18.69
C LYS E 130 68.82 60.69 -17.91
N ASN E 131 68.28 60.79 -16.69
CA ASN E 131 68.50 61.96 -15.85
C ASN E 131 69.95 62.10 -15.41
N LYS E 132 70.70 61.00 -15.46
CA LYS E 132 72.10 61.03 -15.07
C LYS E 132 72.99 61.52 -16.21
N GLU E 133 72.57 61.26 -17.45
CA GLU E 133 73.31 61.73 -18.61
C GLU E 133 73.11 63.22 -18.81
N LEU E 134 71.92 63.70 -18.45
CA LEU E 134 71.63 65.13 -18.48
C LEU E 134 72.04 65.76 -17.15
N LYS E 135 73.08 65.17 -16.54
CA LYS E 135 73.58 65.60 -15.24
C LYS E 135 75.02 66.09 -15.35
N GLU E 136 75.51 66.15 -16.58
CA GLU E 136 76.95 66.28 -16.84
C GLU E 136 77.22 67.21 -18.01
N MET F 1 -29.81 -18.45 22.05
CA MET F 1 -30.21 -17.01 21.96
C MET F 1 -31.29 -16.83 20.89
N TYR F 2 -32.52 -16.65 21.34
CA TYR F 2 -33.63 -16.43 20.43
C TYR F 2 -33.71 -14.96 20.05
N THR F 3 -34.37 -14.68 18.93
CA THR F 3 -34.49 -13.31 18.43
C THR F 3 -35.96 -12.96 18.20
N PHE F 4 -36.30 -11.68 18.31
CA PHE F 4 -37.65 -11.25 18.00
C PHE F 4 -37.69 -9.82 17.48
N VAL F 5 -38.84 -9.45 16.92
CA VAL F 5 -39.05 -8.11 16.36
C VAL F 5 -40.38 -7.55 16.89
N VAL F 6 -40.44 -6.22 16.95
CA VAL F 6 -41.63 -5.53 17.42
C VAL F 6 -42.14 -4.59 16.34
N ARG F 7 -43.40 -4.79 15.93
CA ARG F 7 -44.00 -4.03 14.85
C ARG F 7 -45.32 -3.38 15.28
N ASP F 8 -45.61 -3.46 16.57
CA ASP F 8 -46.73 -2.72 17.16
C ASP F 8 -46.27 -2.05 18.45
N GLU F 9 -45.98 -0.76 18.35
CA GLU F 9 -45.46 0.00 19.48
C GLU F 9 -46.56 0.35 20.49
N ASN F 10 -47.78 0.52 19.98
CA ASN F 10 -48.91 0.93 20.81
C ASN F 10 -49.49 -0.22 21.65
N SER F 11 -48.91 -1.41 21.53
CA SER F 11 -49.37 -2.57 22.29
C SER F 11 -48.83 -2.56 23.71
N SER F 12 -49.68 -2.24 24.68
CA SER F 12 -49.28 -2.25 26.09
C SER F 12 -49.00 -3.66 26.57
N VAL F 13 -49.74 -4.63 26.04
CA VAL F 13 -49.57 -6.02 26.45
C VAL F 13 -48.20 -6.53 26.05
N TYR F 14 -47.82 -6.34 24.79
CA TYR F 14 -46.60 -6.93 24.25
C TYR F 14 -45.38 -6.04 24.45
N ALA F 15 -45.62 -4.78 24.79
CA ALA F 15 -44.55 -3.92 25.26
C ALA F 15 -43.98 -4.53 26.53
N GLU F 16 -44.86 -5.09 27.35
CA GLU F 16 -44.48 -5.78 28.57
C GLU F 16 -43.85 -7.13 28.27
N VAL F 17 -44.28 -7.76 27.18
CA VAL F 17 -43.76 -9.06 26.79
C VAL F 17 -42.32 -8.92 26.29
N SER F 18 -42.07 -7.93 25.44
CA SER F 18 -40.73 -7.67 24.92
C SER F 18 -39.78 -7.36 26.06
N ARG F 19 -40.28 -6.65 27.07
CA ARG F 19 -39.51 -6.36 28.27
C ARG F 19 -39.09 -7.66 28.96
N LEU F 20 -40.07 -8.51 29.25
CA LEU F 20 -39.81 -9.76 29.96
C LEU F 20 -38.83 -10.65 29.19
N LEU F 21 -39.00 -10.72 27.88
CA LEU F 21 -38.15 -11.55 27.05
C LEU F 21 -36.69 -11.13 27.16
N LEU F 22 -36.44 -9.83 27.00
CA LEU F 22 -35.09 -9.29 27.12
C LEU F 22 -34.49 -9.57 28.49
N ALA F 23 -35.33 -9.52 29.51
CA ALA F 23 -34.87 -9.67 30.89
C ALA F 23 -34.47 -11.11 31.24
N THR F 24 -34.68 -12.04 30.30
CA THR F 24 -34.23 -13.42 30.48
C THR F 24 -32.78 -13.56 30.06
N GLY F 25 -32.30 -12.62 29.26
CA GLY F 25 -30.94 -12.66 28.76
C GLY F 25 -30.74 -13.79 27.76
N GLN F 26 -31.84 -14.27 27.19
CA GLN F 26 -31.80 -15.31 26.17
C GLN F 26 -32.65 -14.92 24.96
N TRP F 27 -33.12 -13.68 24.97
CA TRP F 27 -33.85 -13.11 23.83
C TRP F 27 -33.23 -11.78 23.42
N LYS F 28 -32.98 -11.63 22.13
CA LYS F 28 -32.40 -10.42 21.57
C LYS F 28 -33.37 -9.77 20.60
N ARG F 29 -33.65 -8.49 20.80
CA ARG F 29 -34.55 -7.76 19.91
C ARG F 29 -33.80 -7.25 18.69
N LEU F 30 -34.41 -7.41 17.51
CA LEU F 30 -33.84 -6.94 16.26
C LEU F 30 -34.60 -5.72 15.76
N ARG F 31 -34.14 -5.16 14.65
CA ARG F 31 -34.83 -4.04 14.03
C ARG F 31 -36.11 -4.57 13.38
N LYS F 32 -37.09 -3.69 13.13
CA LYS F 32 -38.40 -4.13 12.69
C LYS F 32 -38.37 -4.81 11.32
N ASP F 33 -37.42 -4.41 10.48
CA ASP F 33 -37.33 -4.95 9.13
C ASP F 33 -36.28 -6.07 8.99
N ASN F 34 -35.83 -6.61 10.12
CA ASN F 34 -34.89 -7.73 10.10
C ASN F 34 -35.65 -9.05 9.95
N PRO F 35 -35.38 -9.81 8.87
CA PRO F 35 -36.17 -11.02 8.60
C PRO F 35 -35.73 -12.25 9.38
N ARG F 36 -34.55 -12.20 10.01
CA ARG F 36 -33.96 -13.37 10.65
C ARG F 36 -34.40 -13.46 12.11
N PHE F 37 -35.70 -13.47 12.34
CA PHE F 37 -36.28 -13.50 13.69
C PHE F 37 -36.93 -14.85 14.00
N ASN F 38 -36.98 -15.19 15.29
CA ASN F 38 -37.75 -16.34 15.77
C ASN F 38 -39.20 -15.94 16.04
N LEU F 39 -39.37 -14.79 16.67
CA LEU F 39 -40.68 -14.34 17.12
C LEU F 39 -41.03 -12.98 16.52
N MET F 40 -42.27 -12.87 16.03
CA MET F 40 -42.78 -11.60 15.53
C MET F 40 -43.98 -11.12 16.34
N LEU F 41 -43.80 -9.98 17.00
CA LEU F 41 -44.92 -9.28 17.63
C LEU F 41 -45.45 -8.27 16.62
N GLY F 42 -46.39 -8.72 15.80
CA GLY F 42 -46.75 -8.02 14.58
C GLY F 42 -47.67 -6.84 14.73
N GLU F 43 -47.86 -6.13 13.62
CA GLU F 43 -48.77 -4.98 13.58
C GLU F 43 -50.22 -5.46 13.53
N ARG F 44 -51.15 -4.53 13.68
CA ARG F 44 -52.57 -4.88 13.73
C ARG F 44 -53.21 -4.90 12.33
N ASN F 45 -52.63 -4.16 11.39
CA ASN F 45 -53.17 -4.06 10.04
C ASN F 45 -52.17 -4.50 8.98
N ARG F 46 -52.64 -5.33 8.05
CA ARG F 46 -51.83 -5.82 6.94
C ARG F 46 -50.55 -6.49 7.42
N LEU F 47 -50.68 -7.33 8.45
CA LEU F 47 -49.56 -8.12 8.92
C LEU F 47 -49.14 -9.06 7.78
N PRO F 48 -47.86 -9.00 7.37
CA PRO F 48 -47.42 -9.81 6.22
C PRO F 48 -47.24 -11.28 6.57
N PHE F 49 -48.34 -12.01 6.69
CA PHE F 49 -48.29 -13.44 7.01
C PHE F 49 -47.59 -14.23 5.92
N GLY F 50 -47.67 -13.74 4.69
CA GLY F 50 -47.10 -14.43 3.55
C GLY F 50 -45.59 -14.47 3.53
N ARG F 51 -44.94 -13.60 4.29
CA ARG F 51 -43.48 -13.55 4.34
C ARG F 51 -42.93 -14.35 5.52
N LEU F 52 -43.81 -15.01 6.25
CA LEU F 52 -43.42 -15.82 7.41
C LEU F 52 -43.18 -17.27 7.04
N GLY F 53 -42.23 -17.90 7.72
CA GLY F 53 -41.98 -19.32 7.56
C GLY F 53 -41.21 -19.67 6.29
N HIS F 54 -40.45 -18.70 5.78
CA HIS F 54 -39.63 -18.93 4.59
C HIS F 54 -38.16 -18.60 4.87
N GLU F 55 -37.78 -18.67 6.14
CA GLU F 55 -36.39 -18.45 6.54
C GLU F 55 -35.73 -19.77 6.93
N PRO F 56 -34.88 -20.32 6.04
CA PRO F 56 -34.21 -21.58 6.40
C PRO F 56 -33.38 -21.47 7.67
N GLY F 57 -33.54 -22.43 8.57
CA GLY F 57 -32.79 -22.46 9.81
C GLY F 57 -33.46 -21.69 10.93
N LEU F 58 -34.67 -21.22 10.70
CA LEU F 58 -35.42 -20.46 11.71
C LEU F 58 -36.84 -20.96 11.90
N VAL F 59 -37.13 -21.42 13.11
CA VAL F 59 -38.51 -21.67 13.53
C VAL F 59 -39.15 -20.33 13.84
N GLN F 60 -40.24 -20.01 13.14
CA GLN F 60 -40.86 -18.70 13.27
C GLN F 60 -42.25 -18.77 13.88
N LEU F 61 -42.53 -17.78 14.74
CA LEU F 61 -43.79 -17.71 15.48
C LEU F 61 -44.28 -16.27 15.48
N VAL F 62 -45.59 -16.09 15.34
CA VAL F 62 -46.19 -14.75 15.36
C VAL F 62 -47.35 -14.70 16.34
N ASN F 63 -47.56 -13.52 16.92
CA ASN F 63 -48.56 -13.34 17.98
C ASN F 63 -49.95 -13.00 17.44
N TYR F 64 -50.24 -13.44 16.23
CA TYR F 64 -51.57 -13.26 15.65
C TYR F 64 -51.97 -14.45 14.77
N TYR F 65 -53.24 -14.82 14.84
CA TYR F 65 -53.80 -15.84 13.97
C TYR F 65 -54.38 -15.21 12.71
N ARG F 66 -53.84 -15.59 11.56
CA ARG F 66 -54.37 -15.16 10.29
C ARG F 66 -55.80 -15.70 10.13
N GLY F 67 -56.74 -14.80 9.86
CA GLY F 67 -58.12 -15.20 9.65
C GLY F 67 -59.01 -15.01 10.88
N ALA F 68 -58.39 -14.69 12.01
CA ALA F 68 -59.12 -14.57 13.27
C ALA F 68 -59.94 -13.27 13.34
N ASP F 69 -59.77 -12.41 12.36
CA ASP F 69 -60.51 -11.14 12.31
C ASP F 69 -61.98 -11.39 12.03
N LYS F 70 -62.30 -12.54 11.44
CA LYS F 70 -63.68 -12.91 11.18
C LYS F 70 -64.47 -13.04 12.48
N LEU F 71 -63.75 -13.32 13.56
CA LEU F 71 -64.33 -13.43 14.89
C LEU F 71 -64.32 -12.07 15.60
N CYS F 72 -63.34 -11.24 15.27
CA CYS F 72 -63.08 -10.02 16.02
C CYS F 72 -63.55 -8.74 15.32
N ARG F 73 -64.41 -8.89 14.30
CA ARG F 73 -65.07 -7.74 13.69
C ARG F 73 -66.58 -7.93 13.82
N LYS F 74 -67.27 -6.87 14.22
CA LYS F 74 -68.69 -6.95 14.56
C LYS F 74 -69.55 -7.46 13.40
N ALA F 75 -69.33 -6.91 12.21
CA ALA F 75 -70.07 -7.36 11.04
C ALA F 75 -69.75 -8.81 10.71
N SER F 76 -68.51 -9.21 10.94
CA SER F 76 -68.05 -10.56 10.63
C SER F 76 -68.55 -11.58 11.65
N LEU F 77 -68.55 -11.19 12.92
CA LEU F 77 -69.00 -12.08 13.99
C LEU F 77 -70.45 -12.50 13.78
N VAL F 78 -71.28 -11.55 13.36
CA VAL F 78 -72.68 -11.84 13.08
C VAL F 78 -72.78 -12.83 11.93
N LYS F 79 -72.10 -12.53 10.83
CA LYS F 79 -72.11 -13.40 9.66
C LYS F 79 -71.59 -14.79 10.01
N LEU F 80 -70.51 -14.83 10.77
CA LEU F 80 -69.90 -16.10 11.17
C LEU F 80 -70.89 -16.98 11.93
N ILE F 81 -71.52 -16.40 12.95
CA ILE F 81 -72.45 -17.15 13.80
C ILE F 81 -73.67 -17.63 13.01
N LYS F 82 -74.16 -16.79 12.10
CA LYS F 82 -75.37 -17.10 11.36
C LYS F 82 -75.16 -18.20 10.32
N THR F 83 -73.97 -18.23 9.71
CA THR F 83 -73.70 -19.15 8.62
C THR F 83 -73.06 -20.47 9.08
N SER F 84 -72.40 -20.44 10.23
CA SER F 84 -71.74 -21.63 10.75
C SER F 84 -72.75 -22.58 11.41
N PRO F 85 -72.80 -23.85 10.94
CA PRO F 85 -73.70 -24.82 11.56
C PRO F 85 -73.39 -25.10 13.03
N GLU F 86 -72.11 -25.06 13.39
CA GLU F 86 -71.70 -25.32 14.78
C GLU F 86 -72.29 -24.28 15.72
N LEU F 87 -72.65 -23.13 15.17
CA LEU F 87 -73.27 -22.06 15.91
C LEU F 87 -74.65 -21.77 15.33
N SER F 88 -75.10 -22.65 14.44
CA SER F 88 -76.42 -22.55 13.79
C SER F 88 -76.72 -21.18 13.21
N GLU F 89 -77.61 -20.49 13.94
CA GLU F 89 -78.39 -19.30 13.53
C GLU F 89 -79.40 -19.21 14.69
N SER F 90 -79.68 -20.31 15.44
CA SER F 90 -80.47 -20.29 16.66
C SER F 90 -79.58 -20.42 17.89
N CYS F 91 -78.35 -19.92 17.79
CA CYS F 91 -77.43 -19.90 18.92
C CYS F 91 -78.03 -19.09 20.07
N THR F 92 -78.08 -19.72 21.24
CA THR F 92 -78.88 -19.19 22.34
C THR F 92 -78.16 -18.16 23.22
N TRP F 93 -76.85 -17.97 23.01
CA TRP F 93 -76.06 -17.08 23.86
C TRP F 93 -75.57 -15.84 23.13
N PHE F 94 -76.04 -15.61 21.90
CA PHE F 94 -75.71 -14.41 21.16
C PHE F 94 -76.97 -13.59 20.88
N PRO F 95 -76.98 -12.29 21.23
CA PRO F 95 -78.17 -11.48 20.95
C PRO F 95 -78.51 -11.41 19.47
N GLU F 96 -79.80 -11.45 19.16
CA GLU F 96 -80.30 -11.31 17.79
C GLU F 96 -79.68 -10.08 17.13
N SER F 97 -79.04 -10.29 15.98
CA SER F 97 -78.32 -9.22 15.31
C SER F 97 -78.51 -9.30 13.80
N TYR F 98 -78.26 -8.18 13.11
CA TYR F 98 -78.40 -8.12 11.67
C TYR F 98 -77.34 -7.20 11.06
N VAL F 99 -76.87 -7.56 9.86
CA VAL F 99 -75.89 -6.77 9.15
C VAL F 99 -76.59 -5.73 8.26
N ILE F 100 -76.33 -4.45 8.54
CA ILE F 100 -76.98 -3.35 7.83
C ILE F 100 -75.95 -2.43 7.16
N TYR F 101 -76.09 -2.23 5.85
CA TYR F 101 -75.23 -1.34 5.10
C TYR F 101 -75.88 0.02 4.85
N PRO F 102 -75.10 1.11 4.97
CA PRO F 102 -75.56 2.40 4.46
C PRO F 102 -76.04 2.35 3.01
N THR F 103 -76.94 3.25 2.64
CA THR F 103 -77.44 3.34 1.26
C THR F 103 -76.51 4.15 0.38
N ASP F 126 -76.67 -7.61 2.56
CA ASP F 126 -77.39 -6.88 3.60
C ASP F 126 -78.65 -7.64 3.98
N GLU F 127 -79.18 -7.33 5.16
CA GLU F 127 -80.39 -7.96 5.66
C GLU F 127 -81.25 -6.95 6.43
N ARG F 128 -81.57 -5.84 5.78
CA ARG F 128 -82.38 -4.80 6.38
C ARG F 128 -83.85 -5.21 6.44
N GLU F 129 -84.33 -5.83 5.36
CA GLU F 129 -85.70 -6.30 5.30
C GLU F 129 -85.92 -7.36 6.37
N VAL F 130 -84.93 -8.22 6.56
CA VAL F 130 -85.00 -9.30 7.54
C VAL F 130 -85.09 -8.72 8.93
N PHE F 131 -84.37 -7.63 9.16
CA PHE F 131 -84.37 -6.94 10.45
C PHE F 131 -85.75 -6.36 10.77
N LEU F 132 -86.43 -5.87 9.74
CA LEU F 132 -87.74 -5.28 9.91
C LEU F 132 -88.79 -6.37 10.11
N ALA F 133 -88.53 -7.55 9.57
CA ALA F 133 -89.39 -8.70 9.80
C ALA F 133 -89.19 -9.24 11.20
N ALA F 134 -88.24 -8.65 11.93
CA ALA F 134 -88.05 -8.93 13.34
C ALA F 134 -88.54 -7.75 14.16
N TYR F 135 -88.17 -6.55 13.70
CA TYR F 135 -88.52 -5.33 14.40
C TYR F 135 -90.03 -5.16 14.56
N ASN F 136 -90.75 -5.18 13.45
CA ASN F 136 -92.20 -5.00 13.48
C ASN F 136 -92.88 -6.19 14.13
N ARG F 137 -92.27 -7.36 14.04
CA ARG F 137 -92.80 -8.54 14.72
C ARG F 137 -92.94 -8.28 16.22
N ARG F 138 -91.94 -7.62 16.79
CA ARG F 138 -91.98 -7.25 18.21
C ARG F 138 -93.11 -6.26 18.47
N ARG F 139 -93.20 -5.24 17.63
CA ARG F 139 -94.20 -4.18 17.75
C ARG F 139 -95.60 -4.74 17.88
N GLU F 140 -96.03 -5.49 16.87
CA GLU F 140 -97.38 -6.07 16.84
C GLU F 140 -97.56 -7.12 17.94
N GLY F 141 -96.46 -7.72 18.38
CA GLY F 141 -96.48 -8.74 19.41
C GLY F 141 -96.31 -8.18 20.82
N ARG F 142 -96.07 -6.88 20.90
CA ARG F 142 -95.85 -6.20 22.18
C ARG F 142 -94.74 -6.84 23.00
N GLU F 143 -93.53 -6.81 22.46
CA GLU F 143 -92.33 -7.22 23.18
C GLU F 143 -91.44 -6.00 23.37
N GLY F 144 -90.36 -6.15 24.12
CA GLY F 144 -89.40 -5.08 24.27
C GLY F 144 -88.79 -4.80 22.90
N ASN F 145 -88.45 -3.55 22.63
CA ASN F 145 -87.98 -3.18 21.30
C ASN F 145 -86.78 -2.23 21.31
N VAL F 146 -86.00 -2.24 22.39
CA VAL F 146 -84.80 -1.44 22.45
C VAL F 146 -83.66 -2.21 21.81
N TRP F 147 -82.95 -1.56 20.88
CA TRP F 147 -81.85 -2.18 20.16
C TRP F 147 -80.65 -1.26 20.18
N ILE F 148 -79.53 -1.73 19.65
CA ILE F 148 -78.28 -0.97 19.70
C ILE F 148 -77.55 -1.01 18.36
N ALA F 149 -77.05 0.15 17.93
CA ALA F 149 -76.33 0.27 16.66
C ALA F 149 -74.83 0.37 16.88
N LYS F 150 -74.07 -0.41 16.13
CA LYS F 150 -72.61 -0.44 16.26
C LYS F 150 -71.93 -0.46 14.89
N ILE F 160 -72.67 4.64 17.75
CA ILE F 160 -73.46 3.96 18.78
C ILE F 160 -74.76 4.70 19.06
N LEU F 161 -75.87 3.99 19.06
CA LEU F 161 -77.17 4.60 19.31
C LEU F 161 -78.18 3.57 19.83
N ILE F 162 -78.54 3.73 21.10
CA ILE F 162 -79.55 2.87 21.72
C ILE F 162 -80.92 3.53 21.54
N SER F 163 -81.81 2.85 20.81
CA SER F 163 -83.14 3.39 20.52
C SER F 163 -84.19 2.30 20.46
N SER F 164 -85.45 2.73 20.60
CA SER F 164 -86.59 1.82 20.52
C SER F 164 -87.37 2.04 19.21
N GLU F 165 -86.90 2.98 18.39
CA GLU F 165 -87.51 3.24 17.10
C GLU F 165 -86.50 2.92 15.99
N ALA F 166 -86.91 2.12 15.02
CA ALA F 166 -86.00 1.62 13.97
C ALA F 166 -85.43 2.76 13.12
N SER F 167 -86.30 3.61 12.58
CA SER F 167 -85.86 4.68 11.70
C SER F 167 -84.95 5.66 12.42
N GLU F 168 -85.05 5.72 13.74
CA GLU F 168 -84.11 6.50 14.53
C GLU F 168 -82.71 5.94 14.39
N LEU F 169 -82.63 4.62 14.18
CA LEU F 169 -81.36 3.92 14.02
C LEU F 169 -80.90 3.94 12.56
N LEU F 170 -81.79 3.55 11.66
CA LEU F 170 -81.47 3.47 10.23
C LEU F 170 -81.01 4.82 9.68
N ASP F 171 -81.49 5.90 10.28
CA ASP F 171 -81.07 7.24 9.88
C ASP F 171 -79.67 7.54 10.38
N PHE F 172 -79.30 6.95 11.51
CA PHE F 172 -78.00 7.19 12.11
C PHE F 172 -76.87 6.50 11.37
N ILE F 173 -77.07 5.23 11.01
CA ILE F 173 -76.05 4.45 10.32
C ILE F 173 -75.71 5.06 8.95
N ASP F 174 -76.73 5.55 8.25
CA ASP F 174 -76.53 6.14 6.94
C ASP F 174 -75.85 7.51 7.04
N GLU F 175 -75.85 8.07 8.24
CA GLU F 175 -75.33 9.41 8.46
C GLU F 175 -73.83 9.42 8.78
N GLN F 176 -73.31 8.30 9.28
CA GLN F 176 -71.91 8.24 9.69
C GLN F 176 -70.98 7.86 8.53
N GLY F 177 -71.31 6.79 7.82
CA GLY F 177 -70.54 6.41 6.65
C GLY F 177 -70.55 4.93 6.30
N GLN F 178 -69.85 4.11 7.09
CA GLN F 178 -69.62 2.71 6.75
C GLN F 178 -70.51 1.76 7.56
N VAL F 179 -70.35 0.47 7.33
CA VAL F 179 -71.28 -0.54 7.81
C VAL F 179 -71.30 -0.66 9.33
N HIS F 180 -72.50 -0.85 9.87
CA HIS F 180 -72.71 -1.06 11.30
C HIS F 180 -73.47 -2.36 11.52
N VAL F 181 -73.61 -2.74 12.79
CA VAL F 181 -74.43 -3.89 13.16
C VAL F 181 -75.55 -3.45 14.09
N ILE F 182 -76.77 -3.93 13.81
CA ILE F 182 -77.91 -3.68 14.67
C ILE F 182 -78.13 -4.92 15.54
N GLN F 183 -78.30 -4.71 16.84
CA GLN F 183 -78.39 -5.80 17.79
C GLN F 183 -79.44 -5.53 18.86
N LYS F 184 -80.10 -6.59 19.31
CA LYS F 184 -81.11 -6.49 20.35
C LYS F 184 -80.47 -6.07 21.67
N TYR F 185 -81.05 -5.06 22.31
CA TYR F 185 -80.54 -4.55 23.58
C TYR F 185 -81.11 -5.38 24.73
N LEU F 186 -80.23 -5.88 25.57
CA LEU F 186 -80.63 -6.64 26.76
C LEU F 186 -81.21 -5.69 27.80
N GLU F 187 -82.53 -5.60 27.82
CA GLU F 187 -83.24 -4.61 28.63
C GLU F 187 -83.31 -5.02 30.10
N LYS F 188 -82.94 -6.27 30.40
CA LYS F 188 -83.02 -6.79 31.75
C LYS F 188 -81.66 -7.30 32.22
N PRO F 189 -80.68 -6.40 32.36
CA PRO F 189 -79.34 -6.78 32.79
C PRO F 189 -79.26 -7.07 34.29
N LEU F 190 -78.31 -7.89 34.71
CA LEU F 190 -78.02 -8.06 36.13
C LEU F 190 -77.50 -6.73 36.67
N LEU F 191 -77.96 -6.34 37.85
CA LEU F 191 -77.60 -5.05 38.42
C LEU F 191 -76.96 -5.18 39.78
N LEU F 192 -75.75 -4.67 39.90
CA LEU F 192 -74.98 -4.74 41.14
C LEU F 192 -75.56 -3.82 42.21
N GLU F 193 -75.65 -4.33 43.43
CA GLU F 193 -76.02 -3.55 44.59
C GLU F 193 -74.88 -3.67 45.61
N PRO F 194 -74.39 -2.54 46.16
CA PRO F 194 -74.87 -1.15 46.11
C PRO F 194 -74.77 -0.48 44.74
N GLY F 195 -75.76 0.34 44.42
CA GLY F 195 -75.69 1.22 43.26
C GLY F 195 -76.75 1.00 42.19
N HIS F 196 -77.23 -0.23 42.05
CA HIS F 196 -78.16 -0.58 40.97
C HIS F 196 -77.48 -0.30 39.63
N ARG F 197 -76.29 -0.86 39.46
CA ARG F 197 -75.41 -0.50 38.34
C ARG F 197 -75.35 -1.57 37.27
N LYS F 198 -74.90 -1.17 36.09
CA LYS F 198 -74.70 -2.08 34.97
C LYS F 198 -73.22 -2.44 34.86
N PHE F 199 -72.93 -3.57 34.21
CA PHE F 199 -71.55 -4.01 34.04
C PHE F 199 -71.40 -4.94 32.84
N ASP F 200 -70.15 -5.15 32.43
CA ASP F 200 -69.81 -6.17 31.45
C ASP F 200 -68.57 -6.91 31.92
N ILE F 201 -68.42 -8.16 31.50
CA ILE F 201 -67.26 -8.96 31.89
C ILE F 201 -66.28 -9.10 30.74
N ARG F 202 -65.01 -8.85 31.05
CA ARG F 202 -63.93 -9.05 30.09
C ARG F 202 -63.11 -10.27 30.50
N SER F 203 -63.06 -11.27 29.62
CA SER F 203 -62.25 -12.45 29.83
C SER F 203 -61.10 -12.48 28.82
N TRP F 204 -59.91 -12.83 29.30
CA TRP F 204 -58.73 -12.91 28.46
C TRP F 204 -58.42 -14.37 28.12
N VAL F 205 -58.33 -14.65 26.83
CA VAL F 205 -58.11 -16.00 26.34
C VAL F 205 -56.86 -16.05 25.46
N LEU F 206 -56.00 -17.02 25.74
CA LEU F 206 -54.79 -17.23 24.96
C LEU F 206 -54.87 -18.56 24.22
N VAL F 207 -54.69 -18.50 22.89
CA VAL F 207 -54.64 -19.69 22.06
C VAL F 207 -53.22 -19.88 21.55
N ASP F 208 -52.58 -20.97 21.95
CA ASP F 208 -51.18 -21.19 21.58
C ASP F 208 -51.09 -21.84 20.20
N HIS F 209 -49.89 -22.31 19.85
CA HIS F 209 -49.63 -22.85 18.52
C HIS F 209 -50.28 -24.22 18.29
N LEU F 210 -50.55 -24.93 19.38
CA LEU F 210 -51.20 -26.24 19.30
C LEU F 210 -52.73 -26.11 19.38
N TYR F 211 -53.19 -24.86 19.34
CA TYR F 211 -54.61 -24.53 19.48
C TYR F 211 -55.19 -25.04 20.79
N ASN F 212 -54.36 -25.11 21.83
CA ASN F 212 -54.86 -25.21 23.19
C ASN F 212 -55.53 -23.89 23.54
N ILE F 213 -56.69 -23.96 24.18
CA ILE F 213 -57.42 -22.75 24.55
C ILE F 213 -57.30 -22.51 26.05
N TYR F 214 -56.57 -21.47 26.40
CA TYR F 214 -56.29 -21.13 27.80
C TYR F 214 -57.07 -19.92 28.26
N LEU F 215 -57.92 -20.11 29.26
CA LEU F 215 -58.68 -19.01 29.86
C LEU F 215 -57.95 -18.47 31.09
N TYR F 216 -57.60 -17.20 31.04
CA TYR F 216 -56.95 -16.54 32.18
C TYR F 216 -57.92 -16.55 33.37
N ARG F 217 -57.45 -17.07 34.49
CA ARG F 217 -58.30 -17.26 35.67
C ARG F 217 -58.80 -15.92 36.23
N GLU F 218 -58.04 -14.86 36.01
CA GLU F 218 -58.44 -13.53 36.44
C GLU F 218 -59.16 -12.78 35.33
N GLY F 219 -60.44 -12.49 35.53
CA GLY F 219 -61.18 -11.62 34.65
C GLY F 219 -61.48 -10.32 35.37
N VAL F 220 -62.22 -9.43 34.72
CA VAL F 220 -62.56 -8.15 35.33
C VAL F 220 -63.97 -7.72 34.94
N LEU F 221 -64.70 -7.18 35.91
CA LEU F 221 -65.98 -6.55 35.64
C LEU F 221 -65.79 -5.06 35.45
N ARG F 222 -66.00 -4.61 34.22
CA ARG F 222 -65.95 -3.18 33.91
C ARG F 222 -67.33 -2.60 34.17
N THR F 223 -67.50 -2.03 35.37
CA THR F 223 -68.81 -1.66 35.87
C THR F 223 -69.19 -0.22 35.57
N SER F 224 -70.48 0.06 35.64
CA SER F 224 -70.99 1.42 35.63
C SER F 224 -71.05 1.93 37.06
N SER F 225 -71.08 3.25 37.23
CA SER F 225 -71.05 3.86 38.56
C SER F 225 -72.32 4.68 38.80
N GLU F 226 -72.92 5.19 37.73
CA GLU F 226 -74.21 5.86 37.83
C GLU F 226 -75.31 4.82 37.58
N PRO F 227 -76.30 4.73 38.48
CA PRO F 227 -77.33 3.69 38.42
C PRO F 227 -77.97 3.53 37.03
N TYR F 228 -78.35 2.31 36.67
CA TYR F 228 -78.95 2.03 35.37
C TYR F 228 -80.38 2.58 35.23
N ASN F 229 -80.59 3.43 34.21
CA ASN F 229 -81.88 4.07 33.98
C ASN F 229 -82.64 3.38 32.86
N SER F 230 -83.70 2.67 33.22
CA SER F 230 -84.43 1.83 32.27
C SER F 230 -85.22 2.64 31.23
N ALA F 231 -85.63 3.85 31.59
CA ALA F 231 -86.53 4.63 30.76
C ALA F 231 -85.81 5.44 29.68
N ASN F 232 -84.95 6.35 30.11
CA ASN F 232 -84.22 7.22 29.17
C ASN F 232 -82.90 6.61 28.74
N PHE F 233 -82.80 6.29 27.45
CA PHE F 233 -81.67 5.52 26.93
C PHE F 233 -80.51 6.38 26.42
N GLN F 234 -80.78 7.65 26.13
CA GLN F 234 -79.82 8.46 25.39
C GLN F 234 -78.59 8.85 26.21
N ASP F 235 -78.77 9.20 27.48
CA ASP F 235 -77.62 9.43 28.34
C ASP F 235 -76.97 8.06 28.50
N LYS F 236 -75.81 7.90 27.86
CA LYS F 236 -75.24 6.57 27.64
C LYS F 236 -74.20 6.21 28.69
N THR F 237 -74.13 7.01 29.75
CA THR F 237 -73.11 6.83 30.77
C THR F 237 -73.40 5.62 31.66
N CYS F 238 -74.67 5.26 31.77
CA CYS F 238 -75.08 4.12 32.60
C CYS F 238 -75.40 2.89 31.73
N HIS F 239 -75.46 3.09 30.42
CA HIS F 239 -75.76 2.01 29.49
C HIS F 239 -74.48 1.41 28.90
N LEU F 240 -73.49 2.27 28.66
CA LEU F 240 -72.20 1.82 28.12
C LEU F 240 -71.14 1.79 29.22
N THR F 241 -70.51 0.63 29.37
CA THR F 241 -69.62 0.37 30.50
C THR F 241 -68.14 0.38 30.12
N ASN F 242 -67.81 1.13 29.07
CA ASN F 242 -66.42 1.23 28.64
C ASN F 242 -65.59 2.02 29.65
N HIS F 243 -64.40 1.50 29.97
CA HIS F 243 -63.50 2.17 30.91
C HIS F 243 -63.19 3.59 30.47
N CYS F 244 -63.27 3.81 29.16
CA CYS F 244 -63.06 5.14 28.58
C CYS F 244 -64.13 6.13 29.01
N ILE F 245 -65.37 5.84 28.64
CA ILE F 245 -66.49 6.77 28.80
C ILE F 245 -66.63 7.35 30.20
N GLN F 246 -66.58 6.49 31.21
CA GLN F 246 -66.88 6.92 32.58
C GLN F 246 -65.71 7.63 33.27
N LYS F 247 -64.71 8.01 32.48
CA LYS F 247 -63.63 8.86 32.96
C LYS F 247 -63.46 10.07 32.05
N ASN F 252 -68.89 9.83 39.05
CA ASN F 252 -68.99 8.84 40.12
C ASN F 252 -67.94 7.74 39.97
N TYR F 253 -66.92 8.01 39.17
CA TYR F 253 -65.83 7.06 38.95
C TYR F 253 -64.99 6.88 40.22
N GLY F 254 -64.68 5.62 40.53
CA GLY F 254 -63.86 5.31 41.69
C GLY F 254 -64.64 5.27 42.98
N ARG F 255 -65.97 5.27 42.88
CA ARG F 255 -66.84 5.35 44.04
C ARG F 255 -66.80 4.06 44.85
N TYR F 256 -67.25 2.97 44.23
CA TYR F 256 -67.36 1.67 44.90
C TYR F 256 -66.11 0.82 44.70
N GLU F 257 -65.49 0.97 43.54
CA GLU F 257 -64.34 0.17 43.15
C GLU F 257 -63.21 1.06 42.69
N GLU F 258 -61.98 0.69 43.04
CA GLU F 258 -60.84 1.43 42.52
C GLU F 258 -60.71 1.23 41.02
N GLY F 259 -61.25 2.18 40.27
CA GLY F 259 -61.11 2.19 38.82
C GLY F 259 -62.33 1.67 38.09
N ASN F 260 -63.45 1.53 38.81
CA ASN F 260 -64.65 0.93 38.24
C ASN F 260 -64.32 -0.43 37.65
N GLU F 261 -63.47 -1.16 38.36
CA GLU F 261 -63.06 -2.50 37.97
C GLU F 261 -63.18 -3.45 39.15
N MET F 262 -64.21 -4.30 39.12
CA MET F 262 -64.42 -5.30 40.15
C MET F 262 -63.87 -6.64 39.67
N PHE F 263 -62.87 -7.15 40.37
CA PHE F 263 -62.27 -8.42 40.01
C PHE F 263 -63.13 -9.56 40.55
N PHE F 264 -62.70 -10.80 40.30
CA PHE F 264 -63.55 -11.95 40.54
C PHE F 264 -63.77 -12.30 42.01
N GLU F 265 -62.76 -12.08 42.85
CA GLU F 265 -62.89 -12.42 44.27
C GLU F 265 -64.01 -11.63 44.91
N GLU F 266 -64.16 -10.37 44.52
CA GLU F 266 -65.22 -9.52 45.04
C GLU F 266 -66.57 -9.84 44.41
N PHE F 267 -66.57 -10.06 43.11
CA PHE F 267 -67.80 -10.35 42.38
C PHE F 267 -68.37 -11.69 42.82
N ASN F 268 -67.50 -12.66 43.04
CA ASN F 268 -67.91 -13.97 43.53
C ASN F 268 -68.52 -13.85 44.93
N GLN F 269 -67.84 -13.11 45.80
CA GLN F 269 -68.31 -12.90 47.16
C GLN F 269 -69.67 -12.21 47.15
N TYR F 270 -69.86 -11.29 46.21
CA TYR F 270 -71.13 -10.59 46.05
C TYR F 270 -72.23 -11.56 45.64
N LEU F 271 -71.93 -12.43 44.68
CA LEU F 271 -72.90 -13.41 44.20
C LEU F 271 -73.31 -14.37 45.32
N MET F 272 -72.34 -14.73 46.17
CA MET F 272 -72.60 -15.63 47.29
C MET F 272 -73.52 -14.98 48.31
N ASP F 273 -73.22 -13.74 48.67
CA ASP F 273 -73.97 -13.04 49.71
C ASP F 273 -75.34 -12.55 49.22
N ALA F 274 -75.41 -12.14 47.96
CA ALA F 274 -76.62 -11.49 47.43
C ALA F 274 -77.53 -12.42 46.65
N LEU F 275 -77.01 -13.56 46.19
CA LEU F 275 -77.77 -14.47 45.33
C LEU F 275 -77.61 -15.94 45.70
N ASN F 276 -76.77 -16.22 46.67
CA ASN F 276 -76.56 -17.59 47.14
C ASN F 276 -76.08 -18.52 46.02
N THR F 277 -75.08 -18.07 45.29
CA THR F 277 -74.45 -18.88 44.26
C THR F 277 -73.02 -18.41 44.08
N THR F 278 -72.32 -19.01 43.12
CA THR F 278 -70.92 -18.69 42.86
C THR F 278 -70.75 -18.10 41.47
N LEU F 279 -69.55 -17.60 41.19
CA LEU F 279 -69.22 -17.10 39.87
C LEU F 279 -69.05 -18.25 38.89
N GLU F 280 -68.38 -19.30 39.36
CA GLU F 280 -68.15 -20.50 38.55
C GLU F 280 -69.45 -21.06 37.97
N ASN F 281 -70.39 -21.39 38.86
CA ASN F 281 -71.63 -22.04 38.46
C ASN F 281 -72.54 -21.12 37.65
N SER F 282 -72.80 -19.93 38.19
CA SER F 282 -73.84 -19.05 37.63
C SER F 282 -73.45 -18.38 36.32
N ILE F 283 -72.15 -18.20 36.07
CA ILE F 283 -71.68 -17.42 34.93
C ILE F 283 -70.52 -18.07 34.17
N LEU F 284 -69.52 -18.56 34.90
CA LEU F 284 -68.27 -18.96 34.28
C LEU F 284 -68.40 -20.19 33.38
N LEU F 285 -69.31 -21.10 33.73
CA LEU F 285 -69.54 -22.28 32.89
C LEU F 285 -70.03 -21.86 31.50
N GLN F 286 -70.89 -20.85 31.47
CA GLN F 286 -71.39 -20.32 30.21
C GLN F 286 -70.28 -19.61 29.44
N ILE F 287 -69.42 -18.93 30.18
CA ILE F 287 -68.31 -18.19 29.56
C ILE F 287 -67.34 -19.16 28.89
N LYS F 288 -66.98 -20.22 29.62
CA LYS F 288 -66.07 -21.23 29.08
C LYS F 288 -66.70 -21.93 27.88
N HIS F 289 -68.01 -22.16 27.94
CA HIS F 289 -68.72 -22.80 26.84
C HIS F 289 -68.72 -21.93 25.59
N ILE F 290 -68.98 -20.64 25.76
CA ILE F 290 -69.06 -19.71 24.63
C ILE F 290 -67.70 -19.53 23.98
N ILE F 291 -66.66 -19.41 24.80
CA ILE F 291 -65.31 -19.20 24.30
C ILE F 291 -64.89 -20.35 23.42
N ARG F 292 -65.07 -21.57 23.93
CA ARG F 292 -64.63 -22.75 23.22
C ARG F 292 -65.42 -22.97 21.94
N SER F 293 -66.72 -22.69 21.99
CA SER F 293 -67.58 -22.86 20.82
C SER F 293 -67.16 -21.92 19.69
N CYS F 294 -66.86 -20.68 20.05
CA CYS F 294 -66.43 -19.68 19.07
C CYS F 294 -65.13 -20.07 18.40
N LEU F 295 -64.14 -20.44 19.20
CA LEU F 295 -62.81 -20.72 18.69
C LEU F 295 -62.74 -22.07 17.96
N MET F 296 -63.59 -23.01 18.34
CA MET F 296 -63.61 -24.30 17.67
C MET F 296 -64.34 -24.23 16.35
N CYS F 297 -65.24 -23.25 16.22
CA CYS F 297 -65.92 -23.03 14.96
C CYS F 297 -64.92 -22.66 13.85
N ILE F 298 -63.93 -21.86 14.21
CA ILE F 298 -62.98 -21.33 13.22
C ILE F 298 -61.62 -22.01 13.24
N GLU F 299 -61.45 -23.03 14.06
CA GLU F 299 -60.17 -23.75 14.16
C GLU F 299 -59.66 -24.23 12.80
N PRO F 300 -60.53 -24.88 12.00
CA PRO F 300 -60.00 -25.39 10.72
C PRO F 300 -59.61 -24.30 9.74
N ALA F 301 -60.08 -23.07 9.95
CA ALA F 301 -59.80 -21.97 9.04
C ALA F 301 -58.53 -21.19 9.39
N ILE F 302 -58.04 -21.34 10.63
CA ILE F 302 -56.93 -20.51 11.10
C ILE F 302 -55.80 -21.31 11.77
N SER F 303 -56.06 -22.58 12.09
CA SER F 303 -55.05 -23.42 12.72
C SER F 303 -53.74 -23.45 11.93
N THR F 304 -52.62 -23.39 12.64
CA THR F 304 -51.30 -23.44 12.01
C THR F 304 -50.61 -24.76 12.33
N LYS F 305 -51.40 -25.81 12.54
CA LYS F 305 -50.86 -27.10 12.94
C LYS F 305 -49.82 -27.65 11.97
N HIS F 306 -50.16 -27.69 10.68
CA HIS F 306 -49.28 -28.23 9.65
C HIS F 306 -48.75 -27.12 8.74
N LEU F 307 -48.63 -25.92 9.28
CA LEU F 307 -48.15 -24.78 8.51
C LEU F 307 -46.65 -24.57 8.68
N HIS F 308 -46.06 -23.82 7.75
CA HIS F 308 -44.62 -23.55 7.75
C HIS F 308 -44.25 -22.47 8.76
N TYR F 309 -45.25 -21.72 9.25
CA TYR F 309 -45.06 -20.83 10.39
C TYR F 309 -46.16 -21.10 11.41
N GLN F 310 -45.97 -20.59 12.62
CA GLN F 310 -46.88 -20.87 13.73
C GLN F 310 -47.48 -19.58 14.29
N SER F 311 -48.72 -19.68 14.79
CA SER F 311 -49.43 -18.54 15.37
C SER F 311 -49.92 -18.82 16.79
N PHE F 312 -49.92 -17.78 17.60
CA PHE F 312 -50.69 -17.76 18.84
C PHE F 312 -51.38 -16.41 18.87
N GLN F 313 -52.35 -16.23 19.76
CA GLN F 313 -53.00 -14.94 19.88
C GLN F 313 -53.80 -14.79 21.17
N LEU F 314 -53.77 -13.58 21.71
CA LEU F 314 -54.52 -13.23 22.90
C LEU F 314 -55.82 -12.55 22.50
N PHE F 315 -56.93 -13.05 23.02
CA PHE F 315 -58.25 -12.48 22.74
C PHE F 315 -58.86 -11.87 24.00
N GLY F 316 -59.78 -10.94 23.78
CA GLY F 316 -60.55 -10.36 24.86
C GLY F 316 -62.04 -10.53 24.59
N PHE F 317 -62.65 -11.50 25.27
CA PHE F 317 -64.07 -11.76 25.13
C PHE F 317 -64.86 -10.86 26.07
N ASP F 318 -65.88 -10.19 25.53
CA ASP F 318 -66.75 -9.32 26.30
C ASP F 318 -68.13 -9.95 26.45
N PHE F 319 -68.50 -10.26 27.69
CA PHE F 319 -69.76 -10.92 27.98
C PHE F 319 -70.73 -9.99 28.70
N MET F 320 -72.01 -10.35 28.65
CA MET F 320 -73.06 -9.60 29.32
C MET F 320 -73.99 -10.56 30.06
N VAL F 321 -74.33 -10.21 31.29
CA VAL F 321 -75.17 -11.05 32.14
C VAL F 321 -76.53 -10.39 32.37
N ASP F 322 -77.61 -11.13 32.12
CA ASP F 322 -78.95 -10.61 32.39
C ASP F 322 -79.36 -10.94 33.81
N GLU F 323 -80.55 -10.50 34.21
CA GLU F 323 -81.02 -10.66 35.58
C GLU F 323 -81.25 -12.12 35.96
N GLU F 324 -81.41 -12.98 34.96
CA GLU F 324 -81.61 -14.41 35.19
C GLU F 324 -80.29 -15.17 35.15
N LEU F 325 -79.19 -14.42 35.28
CA LEU F 325 -77.85 -15.00 35.30
C LEU F 325 -77.58 -15.81 34.02
N LYS F 326 -78.00 -15.26 32.89
CA LYS F 326 -77.76 -15.85 31.58
C LYS F 326 -76.71 -15.01 30.85
N VAL F 327 -75.60 -15.65 30.48
CA VAL F 327 -74.48 -14.95 29.86
C VAL F 327 -74.69 -14.77 28.36
N TRP F 328 -74.44 -13.55 27.89
CA TRP F 328 -74.53 -13.23 26.46
C TRP F 328 -73.18 -12.74 25.95
N LEU F 329 -72.80 -13.19 24.76
CA LEU F 329 -71.59 -12.69 24.11
C LEU F 329 -71.88 -11.38 23.41
N ILE F 330 -71.02 -10.38 23.65
CA ILE F 330 -71.18 -9.06 23.04
C ILE F 330 -70.23 -8.91 21.87
N GLU F 331 -68.94 -9.17 22.09
CA GLU F 331 -67.96 -9.11 21.02
C GLU F 331 -66.66 -9.80 21.39
N VAL F 332 -65.74 -9.85 20.43
CA VAL F 332 -64.40 -10.39 20.63
C VAL F 332 -63.37 -9.39 20.15
N ASN F 333 -62.35 -9.12 20.97
CA ASN F 333 -61.29 -8.19 20.63
C ASN F 333 -60.00 -8.90 20.24
N GLY F 334 -59.49 -8.61 19.05
CA GLY F 334 -58.31 -9.27 18.52
C GLY F 334 -57.01 -8.68 19.05
N ALA F 335 -57.06 -7.44 19.51
CA ALA F 335 -55.90 -6.77 20.08
C ALA F 335 -56.27 -6.12 21.42
N PRO F 336 -56.55 -6.96 22.42
CA PRO F 336 -57.03 -6.47 23.72
C PRO F 336 -55.92 -5.88 24.58
N ALA F 337 -56.28 -4.92 25.43
CA ALA F 337 -55.40 -4.44 26.48
C ALA F 337 -55.76 -5.16 27.78
N CYS F 338 -54.88 -5.11 28.76
CA CYS F 338 -55.10 -5.79 30.04
C CYS F 338 -55.43 -4.77 31.14
N ALA F 339 -55.67 -5.27 32.36
CA ALA F 339 -55.92 -4.42 33.54
C ALA F 339 -54.65 -4.24 34.37
N GLN F 340 -54.40 -3.04 34.91
CA GLN F 340 -53.07 -2.72 35.43
C GLN F 340 -52.56 -3.76 36.43
N LYS F 341 -53.45 -4.29 37.25
CA LYS F 341 -53.07 -5.27 38.27
C LYS F 341 -52.58 -6.58 37.65
N LEU F 342 -53.13 -6.92 36.49
CA LEU F 342 -52.97 -8.25 35.91
C LEU F 342 -51.92 -8.32 34.81
N TYR F 343 -51.37 -7.17 34.42
CA TYR F 343 -50.38 -7.13 33.33
C TYR F 343 -49.20 -8.04 33.60
N ALA F 344 -48.60 -7.89 34.78
CA ALA F 344 -47.43 -8.69 35.18
C ALA F 344 -47.71 -10.18 35.10
N GLU F 345 -48.85 -10.60 35.62
CA GLU F 345 -49.18 -12.02 35.69
C GLU F 345 -49.53 -12.59 34.32
N LEU F 346 -50.40 -11.89 33.58
CA LEU F 346 -50.83 -12.37 32.27
C LEU F 346 -49.68 -12.38 31.27
N CYS F 347 -48.93 -11.28 31.21
CA CYS F 347 -47.84 -11.15 30.25
C CYS F 347 -46.77 -12.19 30.51
N GLN F 348 -46.54 -12.52 31.77
CA GLN F 348 -45.62 -13.60 32.12
C GLN F 348 -46.24 -14.93 31.69
N GLY F 349 -47.55 -15.01 31.79
CA GLY F 349 -48.28 -16.20 31.38
C GLY F 349 -48.12 -16.44 29.88
N ILE F 350 -48.17 -15.36 29.11
CA ILE F 350 -48.02 -15.44 27.66
C ILE F 350 -46.65 -16.01 27.30
N VAL F 351 -45.62 -15.58 28.02
CA VAL F 351 -44.26 -16.05 27.74
C VAL F 351 -44.12 -17.55 28.02
N ASP F 352 -44.75 -18.01 29.08
CA ASP F 352 -44.57 -19.40 29.53
C ASP F 352 -45.16 -20.42 28.57
N VAL F 353 -46.42 -20.24 28.18
CA VAL F 353 -47.15 -21.27 27.43
C VAL F 353 -47.26 -21.00 25.93
N ALA F 354 -47.05 -19.75 25.51
CA ALA F 354 -47.19 -19.41 24.09
C ALA F 354 -45.84 -19.25 23.40
N ILE F 355 -44.83 -18.76 24.14
CA ILE F 355 -43.52 -18.48 23.57
C ILE F 355 -42.48 -19.51 24.01
N SER F 356 -42.27 -19.63 25.31
CA SER F 356 -41.27 -20.55 25.85
C SER F 356 -41.62 -22.01 25.52
N SER F 357 -42.88 -22.26 25.19
CA SER F 357 -43.32 -23.58 24.80
C SER F 357 -42.76 -23.96 23.43
N VAL F 358 -42.57 -22.94 22.59
CA VAL F 358 -41.96 -23.14 21.28
C VAL F 358 -40.45 -23.00 21.38
N PHE F 359 -40.02 -22.01 22.14
CA PHE F 359 -38.60 -21.70 22.31
C PHE F 359 -38.17 -21.85 23.77
N PRO F 360 -37.85 -23.08 24.19
CA PRO F 360 -37.53 -23.34 25.60
C PRO F 360 -36.23 -22.69 26.05
N LEU F 361 -36.14 -22.34 27.34
CA LEU F 361 -34.97 -21.69 27.90
C LEU F 361 -34.10 -22.70 28.64
N ALA F 362 -32.82 -22.34 28.84
CA ALA F 362 -31.88 -23.21 29.53
C ALA F 362 -32.19 -23.27 31.03
N THR F 372 -50.80 -24.58 39.82
CA THR F 372 -49.53 -23.90 39.60
C THR F 372 -49.65 -22.92 38.43
N SER F 373 -50.54 -23.24 37.50
CA SER F 373 -50.74 -22.42 36.30
C SER F 373 -51.86 -21.40 36.50
N ILE F 374 -51.75 -20.28 35.80
CA ILE F 374 -52.72 -19.20 35.92
C ILE F 374 -53.81 -19.29 34.86
N PHE F 375 -53.75 -20.35 34.04
CA PHE F 375 -54.73 -20.56 32.97
C PHE F 375 -55.61 -21.76 33.25
N ILE F 376 -56.84 -21.70 32.74
CA ILE F 376 -57.72 -22.86 32.74
C ILE F 376 -57.82 -23.39 31.31
N LYS F 377 -57.37 -24.63 31.12
CA LYS F 377 -57.40 -25.26 29.82
C LYS F 377 -58.81 -25.73 29.48
N LEU F 378 -59.41 -25.10 28.47
CA LEU F 378 -60.73 -25.48 28.01
C LEU F 378 -60.58 -26.68 27.08
N HIS F 379 -60.75 -27.87 27.65
CA HIS F 379 -60.40 -29.10 26.96
C HIS F 379 -61.36 -29.43 25.81
N HIS F 380 -60.90 -30.26 24.90
CA HIS F 380 -61.67 -30.62 23.71
C HIS F 380 -61.23 -31.96 23.12
PG GTP G . -27.00 -18.41 -16.47
O1G GTP G . -26.61 -18.16 -17.91
O2G GTP G . -26.18 -19.55 -15.92
O3G GTP G . -26.74 -17.17 -15.66
O3B GTP G . -28.57 -18.79 -16.46
PB GTP G . -29.05 -20.30 -16.18
O1B GTP G . -28.13 -21.29 -16.84
O2B GTP G . -30.48 -20.51 -16.62
O3A GTP G . -28.92 -20.41 -14.58
PA GTP G . -29.83 -21.41 -13.72
O1A GTP G . -28.91 -22.31 -12.96
O2A GTP G . -30.78 -22.21 -14.59
O5' GTP G . -30.63 -20.46 -12.70
C5' GTP G . -30.32 -20.43 -11.32
C4' GTP G . -31.55 -20.86 -10.51
O4' GTP G . -32.05 -22.06 -11.07
C3' GTP G . -31.24 -21.12 -9.05
O3' GTP G . -32.30 -20.67 -8.23
C2' GTP G . -31.14 -22.62 -8.98
O2' GTP G . -31.51 -23.12 -7.70
C1' GTP G . -32.09 -23.08 -10.08
N9 GTP G . -31.66 -24.36 -10.68
C8 GTP G . -30.55 -24.59 -11.44
N7 GTP G . -30.54 -25.90 -11.80
C5 GTP G . -31.65 -26.49 -11.30
C6 GTP G . -32.14 -27.79 -11.37
O6 GTP G . -31.52 -28.65 -11.99
N1 GTP G . -33.32 -28.10 -10.74
C2 GTP G . -34.02 -27.14 -10.05
N2 GTP G . -35.16 -27.42 -9.43
N3 GTP G . -33.53 -25.85 -9.99
C4 GTP G . -32.37 -25.53 -10.60
H4' GTP G . -32.31 -20.07 -10.58
H3' GTP G . -30.29 -20.67 -8.78
HO3' GTP G . -32.72 -21.43 -7.80
H2' GTP G . -30.12 -22.94 -9.22
HO2' GTP G . -32.32 -23.66 -7.79
H1' GTP G . -33.09 -23.17 -9.68
H8 GTP G . -29.79 -23.86 -11.70
HN1 GTP G . -33.69 -29.08 -10.76
HN21 GTP G . -35.67 -26.70 -8.92
HN22 GTP G . -35.53 -28.37 -9.47
MG MG H . -26.06 -21.57 -16.49
CA CA I . -46.61 -44.70 -35.08
C1 GOL J . -46.85 -38.55 1.67
O1 GOL J . -45.77 -38.68 2.57
C2 GOL J . -47.17 -37.07 1.48
O2 GOL J . -47.10 -36.74 0.10
C3 GOL J . -48.55 -36.73 2.02
O3 GOL J . -49.55 -37.57 1.48
H11 GOL J . -47.72 -39.07 2.07
H12 GOL J . -46.60 -39.00 0.71
HO1 GOL J . -45.60 -39.63 2.75
H2 GOL J . -46.44 -36.49 2.03
HO2 GOL J . -47.78 -37.23 -0.39
H31 GOL J . -48.79 -35.68 1.79
H32 GOL J . -48.55 -36.83 3.11
HO3 GOL J . -49.27 -37.87 0.59
PB GDP K . 8.80 -4.53 -6.52
O1B GDP K . 9.73 -5.70 -6.68
O2B GDP K . 7.45 -4.83 -7.12
O3B GDP K . 9.37 -3.32 -7.23
O3A GDP K . 8.59 -4.15 -4.97
PA GDP K . 8.31 -5.23 -3.82
O1A GDP K . 9.58 -5.72 -3.17
O2A GDP K . 7.49 -6.39 -4.33
O5' GDP K . 7.43 -4.34 -2.81
C5' GDP K . 7.77 -4.17 -1.44
C4' GDP K . 6.47 -4.27 -0.65
O4' GDP K . 5.95 -5.58 -0.88
C3' GDP K . 6.66 -4.13 0.84
O3' GDP K . 5.47 -3.60 1.43
C2' GDP K . 6.94 -5.54 1.28
O2' GDP K . 6.56 -5.78 2.64
C1' GDP K . 6.14 -6.38 0.29
N9 GDP K . 6.85 -7.64 -0.08
C8 GDP K . 8.01 -7.76 -0.74
N7 GDP K . 8.32 -9.08 -0.89
C5 GDP K . 7.33 -9.80 -0.33
C6 GDP K . 7.02 -11.22 -0.14
O6 GDP K . 7.77 -12.13 -0.54
N1 GDP K . 5.90 -11.55 0.50
C2 GDP K . 5.04 -10.62 0.97
N2 GDP K . 3.92 -11.04 1.60
N3 GDP K . 5.26 -9.29 0.83
C4 GDP K . 6.36 -8.84 0.20
H4' GDP K . 5.76 -3.51 -1.01
H3' GDP K . 7.54 -3.49 1.04
HO3' GDP K . 5.59 -3.52 2.40
H2' GDP K . 8.01 -5.76 1.15
HO2' GDP K . 7.04 -5.19 3.22
H1' GDP K . 5.17 -6.62 0.74
H8 GDP K . 8.62 -6.94 -1.08
HN1 GDP K . 5.67 -12.55 0.63
HN21 GDP K . 3.74 -12.03 1.72
HN22 GDP K . 3.25 -10.37 1.96
MG MG L . 11.61 -5.63 -2.71
O1 MES M . -11.75 -3.35 -14.93
C2 MES M . -12.93 -2.84 -14.32
C3 MES M . -14.18 -2.88 -15.20
N4 MES M . -14.24 -4.09 -16.01
C5 MES M . -13.02 -4.81 -16.36
C6 MES M . -11.92 -3.78 -16.28
C7 MES M . -15.57 -4.50 -16.48
C8 MES M . -15.51 -5.84 -17.20
S MES M . -17.03 -6.23 -17.76
O1S MES M . -17.48 -5.19 -18.72
O2S MES M . -16.99 -7.54 -18.44
O3S MES M . -17.99 -6.32 -16.63
H21 MES M . -12.74 -1.80 -14.04
H22 MES M . -13.14 -3.38 -13.39
H31 MES M . -14.19 -2.01 -15.85
H32 MES M . -15.07 -2.83 -14.56
H51 MES M . -13.09 -5.24 -17.37
H52 MES M . -12.84 -5.62 -15.65
H61 MES M . -10.98 -4.20 -16.65
H62 MES M . -12.16 -2.92 -16.91
H71 MES M . -15.95 -3.74 -17.18
H72 MES M . -16.26 -4.55 -15.64
H81 MES M . -15.18 -6.61 -16.50
H82 MES M . -14.81 -5.81 -18.03
PG GTP N . 46.41 19.96 -2.80
O1G GTP N . 47.57 19.13 -2.32
O2G GTP N . 46.54 20.25 -4.28
O3G GTP N . 46.38 21.27 -2.06
O3B GTP N . 45.04 19.14 -2.57
PB GTP N . 45.03 17.70 -1.85
O1B GTP N . 46.12 16.84 -2.45
O2B GTP N . 43.69 17.04 -2.04
O3A GTP N . 45.32 17.98 -0.30
PA GTP N . 44.79 16.99 0.85
O1A GTP N . 45.95 16.47 1.63
O2A GTP N . 43.99 15.85 0.28
O5' GTP N . 43.87 17.92 1.80
C5' GTP N . 44.26 18.24 3.12
C4' GTP N . 43.24 17.69 4.11
O4' GTP N . 43.09 16.30 3.87
C3' GTP N . 43.68 17.84 5.55
O3' GTP N . 42.58 18.19 6.37
C2' GTP N . 44.20 16.48 5.92
O2' GTP N . 44.03 16.22 7.30
C1' GTP N . 43.38 15.54 5.04
N9 GTP N . 44.11 14.32 4.65
C8 GTP N . 45.20 14.24 3.82
N7 GTP N . 45.56 12.94 3.72
C5 GTP N . 44.71 12.19 4.45
C6 GTP N . 44.62 10.83 4.69
O6 GTP N . 45.43 10.06 4.17
N1 GTP N . 43.63 10.35 5.51
C2 GTP N . 42.72 11.20 6.09
N2 GTP N . 41.76 10.74 6.88
N3 GTP N . 42.81 12.56 5.85
C4 GTP N . 43.79 13.05 5.04
H4' GTP N . 42.30 18.20 3.96
H3' GTP N . 44.49 18.58 5.63
HO3' GTP N . 42.40 17.46 7.00
H2' GTP N . 45.25 16.40 5.64
HO2' GTP N . 43.41 15.47 7.42
H1' GTP N . 42.46 15.29 5.55
H8 GTP N . 45.70 15.08 3.34
HN1 GTP N . 43.56 9.32 5.69
HN21 GTP N . 41.10 11.38 7.30
HN22 GTP N . 41.69 9.75 7.06
MG MG O . 48.19 16.98 -2.69
CA CA P . 34.59 -14.09 -13.03
PG GTP Q . 78.58 46.50 -1.81
O1G GTP Q . 78.44 48.00 -1.73
O2G GTP Q . 79.53 46.03 -0.74
O3G GTP Q . 79.11 46.11 -3.17
O3B GTP Q . 77.13 45.83 -1.58
PB GTP Q . 77.03 44.50 -0.68
O1B GTP Q . 75.62 43.98 -0.67
O2B GTP Q . 77.99 43.43 -1.17
O3A GTP Q . 77.43 45.03 0.79
PA GTP Q . 77.12 44.17 2.11
O1A GTP Q . 76.61 42.80 1.74
O2A GTP Q . 78.35 44.07 2.98
O5' GTP Q . 75.96 45.01 2.86
C5' GTP Q . 76.24 45.76 4.03
C4' GTP Q . 75.58 45.09 5.24
O4' GTP Q . 75.75 43.69 5.16
C3' GTP Q . 76.21 45.53 6.55
O3' GTP Q . 75.22 46.08 7.40
C2' GTP Q . 76.80 44.29 7.16
O2' GTP Q . 76.59 44.26 8.55
C1' GTP Q . 76.08 43.16 6.43
N9 GTP Q . 76.92 41.95 6.27
C8 GTP Q . 78.01 41.80 5.45
N7 GTP Q . 78.48 40.53 5.60
C5 GTP Q . 77.70 39.89 6.50
C6 GTP Q . 77.73 38.59 7.01
O6 GTP Q . 78.61 37.80 6.64
N1 GTP Q . 76.79 38.20 7.93
C2 GTP Q . 75.82 39.08 8.35
N2 GTP Q . 74.91 38.70 9.25
N3 GTP Q . 75.79 40.37 7.84
C4 GTP Q . 76.72 40.76 6.93
H3' GTP Q . 77.00 46.27 6.35
HO3' GTP Q . 75.14 45.53 8.20
H2' GTP Q . 77.86 44.25 6.93
HO2' GTP Q . 76.01 43.49 8.78
H1' GTP Q . 75.17 42.91 6.97
H8 GTP Q . 78.42 42.56 4.79
HN1 GTP Q . 76.81 37.23 8.32
HN21 GTP Q . 74.20 39.35 9.56
HN22 GTP Q . 74.93 37.76 9.62
C10 BKF R . 80.45 56.45 4.91
C13 BKF R . 79.52 58.03 2.06
C15 BKF R . 77.48 56.30 0.42
C21 BKF R . 81.08 55.64 -1.57
C22 BKF R . 82.56 56.40 -1.71
C24 BKF R . 83.37 56.75 0.56
C26 BKF R . 83.52 59.07 1.57
C28 BKF R . 82.60 60.23 1.41
C01 BKF R . 82.49 60.60 6.62
C02 BKF R . 83.68 61.16 6.06
C03 BKF R . 84.17 60.62 4.85
C04 BKF R . 83.53 59.55 4.23
C05 BKF R . 82.38 59.05 4.82
C06 BKF R . 81.76 59.49 6.02
N07 BKF R . 80.51 58.78 6.51
C08 BKF R . 79.94 57.48 5.99
O09 BKF R . 78.94 57.06 6.55
C11 BKF R . 79.67 55.89 3.61
C12 BKF R . 78.89 56.86 2.73
C14 BKF R . 77.82 56.08 1.91
C16 BKF R . 78.66 55.83 -0.70
O17 BKF R . 78.26 56.25 -2.03
C18 BKF R . 79.06 56.00 -3.06
O19 BKF R . 78.58 56.20 -4.20
N20 BKF R . 80.37 55.53 -2.91
C23 BKF R . 83.61 56.19 -0.63
C25 BKF R . 82.96 58.13 0.78
C27 BKF R . 84.04 58.96 2.95
O29 BKF R . 83.22 56.07 -2.92
C30 BKF R . 83.66 54.74 -3.09
C31 BKF R . 80.09 56.27 -0.54
O32 BKF R . 81.26 54.36 -1.08
C33 BKF R . 76.83 57.66 0.17
O34 BKF R . 77.45 57.01 2.95
O35 BKF R . 80.56 55.12 2.81
C36 BKF R . 80.87 53.80 3.05
O37 BKF R . 80.17 53.02 2.41
C38 BKF R . 82.26 53.37 3.51
C39 BKF R . 83.17 52.88 2.39
C40 BKF R . 83.00 54.38 4.38
C41 BKF R . 79.71 59.39 7.65
O42 BKF R . 84.33 62.24 6.68
C43 BKF R . 85.62 62.73 6.28
CL4 BKF R . 81.95 61.34 8.12
H101 BKF R . 81.44 56.86 4.54
H102 BKF R . 80.86 55.57 5.48
H133 BKF R . 80.61 57.91 1.82
H132 BKF R . 79.53 58.95 2.66
H131 BKF R . 79.15 58.33 1.06
H151 BKF R . 76.58 55.69 0.17
H221 BKF R . 82.29 57.49 -1.67
H241 BKF R . 84.13 56.39 1.31
H283 BKF R . 82.23 60.66 2.35
H282 BKF R . 83.16 61.00 0.87
H281 BKF R . 81.68 60.05 0.84
H031 BKF R . 85.08 61.06 4.42
H051 BKF R . 81.92 58.20 4.27
H111 BKF R . 78.95 55.13 4.01
H141 BKF R . 77.72 55.03 2.26
H161 BKF R . 78.72 54.72 -0.77
H201 BKF R . 80.83 55.13 -3.69
H3 BKF R . 84.59 55.88 -1.00
H251 BKF R . 81.93 58.05 0.37
H272 BKF R . 85.13 59.18 2.72
H271 BKF R . 84.14 57.82 2.98
H302 BKF R . 84.71 54.58 -3.37
H303 BKF R . 83.05 54.24 -3.87
H301 BKF R . 83.49 54.11 -2.19
H312 BKF R . 80.05 57.37 -0.67
H311 BKF R . 80.51 56.18 0.48
H321 BKF R . 81.85 54.33 -0.34
H333 BKF R . 75.81 58.12 -0.07
H331 BKF R . 76.57 57.99 1.20
H332 BKF R . 77.04 57.80 -0.89
H381 BKF R . 82.07 52.47 4.16
H391 BKF R . 82.77 53.06 1.37
H392 BKF R . 83.37 51.79 2.40
H393 BKF R . 84.17 53.32 2.40
H403 BKF R . 83.25 55.31 3.83
H401 BKF R . 83.94 54.00 4.80
H402 BKF R . 82.41 54.74 5.24
H411 BKF R . 80.27 59.57 8.58
H413 BKF R . 78.87 58.76 8.03
H412 BKF R . 79.24 60.37 7.43
H431 BKF R . 85.72 63.82 6.25
H433 BKF R . 85.95 62.36 5.29
H432 BKF R . 86.47 62.40 6.93
MG MG S . 80.58 44.27 -1.21
PG ACP T . -64.55 -2.95 24.07
O1G ACP T . -65.39 -4.11 24.58
O2G ACP T . -63.70 -3.26 22.84
O3G ACP T . -63.64 -2.44 25.21
PB ACP T . -66.07 -1.30 21.90
O1B ACP T . -65.65 -2.33 20.91
O2B ACP T . -65.98 0.16 21.45
C3B ACP T . -65.80 -1.55 23.59
PA ACP T . -68.72 -2.61 22.25
O1A ACP T . -67.92 -3.74 22.86
O2A ACP T . -70.11 -2.84 21.78
O3A ACP T . -67.83 -1.53 21.55
O5' ACP T . -69.16 -1.85 23.93
C5' ACP T . -70.26 -1.12 24.06
C4' ACP T . -70.97 -1.27 25.53
O4' ACP T . -72.38 -1.18 25.42
C3' ACP T . -70.73 -2.68 26.14
O3' ACP T . -69.63 -2.81 26.99
C2' ACP T . -71.97 -2.97 26.95
O2' ACP T . -71.80 -2.44 28.25
C1' ACP T . -73.04 -2.16 26.17
N9 ACP T . -73.77 -3.02 25.22
C8 ACP T . -73.31 -3.42 23.94
N7 ACP T . -74.22 -4.21 23.31
C5 ACP T . -75.30 -4.34 24.21
C6 ACP T . -76.54 -5.04 24.12
N6 ACP T . -76.91 -5.78 23.01
N1 ACP T . -77.42 -4.97 25.18
C2 ACP T . -77.04 -4.22 26.28
N3 ACP T . -75.90 -3.53 26.47
C4 ACP T . -75.02 -3.60 25.39
H3B1 ACP T . -66.70 -1.78 24.19
H3B2 ACP T . -65.44 -0.69 24.14
H5'1 ACP T . -71.13 -1.41 23.43
H5'2 ACP T . -70.11 -0.03 23.93
H4' ACP T . -70.63 -0.45 26.19
H3' ACP T . -70.69 -3.50 25.41
HO3' ACP T . -69.07 -2.04 26.88
H2' ACP T . -72.10 -4.07 26.93
HO2' ACP T . -71.80 -3.16 28.87
H1' ACP T . -73.83 -1.75 26.85
H8 ACP T . -72.35 -3.10 23.56
HN61 ACP T . -76.23 -6.21 22.45
HN62 ACP T . -77.86 -5.92 22.73
H2 ACP T . -77.77 -4.21 27.09
MG MG U . -63.93 -3.48 20.04
#